data_8R4U
#
_entry.id   8R4U
#
_cell.length_a   63.074
_cell.length_b   112.841
_cell.length_c   127.118
_cell.angle_alpha   66.32
_cell.angle_beta   81.42
_cell.angle_gamma   90.1
#
_symmetry.space_group_name_H-M   'P 1'
#
loop_
_entity.id
_entity.type
_entity.pdbx_description
1 polymer 'Serine/threonine-protein kinase SIK3'
2 polymer scFvH1
3 non-polymer 8-[(5-azanyl-1,3-dioxan-2-yl)methyl]-6-[2-chloranyl-4-(3-fluoranylpyridin-2-yl)phenyl]-2-(methylamino)pyrido[2,3-d]pyrimidin-7-one
4 non-polymer 'SULFATE ION'
5 water water
#
loop_
_entity_poly.entity_id
_entity_poly.type
_entity_poly.pdbx_seq_one_letter_code
_entity_poly.pdbx_strand_id
1 'polypeptide(L)'
;SMPARIGYYEIDRTIGKGNFAVVKRATHLVTKAKVAIKIIDKTQLDEENLKKIFREVQIMKMLSHPHIIRLYQVMETERM
IYLVTEYASGGEIFDHLVAHGRMAEKEARRKFKQIVTAVYFCHSRNIVHRDLKAENLLLDANLNIKIADFGFSNLFTPGQ
LLK(TPO)WCGSPPYAAPELFEGKEYDGPKVDIWSLGVVLYVLVCGALPFDGSTLQNLRARVLSGKFRIPFFMSTECEHL
IRHMLVLDPNKRLSMEQICKHKWMKLGDADPNFDRLIAESQQLKEERQVDPLNEDVLLAMEDMGLDKEQTLQSLRSDAYD
HYSAIYSLLCDR
;
A,C,E,G
2 'polypeptide(L)'
;EVQLVQSGAGVKKPGSSVKVSCKSSGGTSGSSAVSWIRQAPGQGVEWMGGITSIFGPANYAQKFQDRLKITADKATNTVY
MELSGLTFEDTAVYYCARVGDYNFWNGHYRSGYYFDLWGRGTLVTVSSGGGGSGGGGSGGGGSAQSVLTQPPSASGTPGQ
RVTISCSGSSSNIGSNTVNWYQQLPGTAPKLLIYSNTQRPSGVPDRFSGSKSATSASLAISGLQSEDEADYYCAAWDDSL
NGHVVFGGGTKVTVLGAAAENLYFQ
;
B,D,F,H
#
# COMPACT_ATOMS: atom_id res chain seq x y z
N ALA A 4 38.72 19.16 31.74
CA ALA A 4 40.16 18.95 31.89
C ALA A 4 40.48 18.10 33.11
N ARG A 5 39.78 18.33 34.24
CA ARG A 5 40.01 17.57 35.45
C ARG A 5 38.70 17.34 36.17
N ILE A 6 38.23 16.09 36.15
CA ILE A 6 37.01 15.70 36.84
C ILE A 6 37.37 15.02 38.16
N GLY A 7 37.25 15.76 39.25
CA GLY A 7 37.58 15.26 40.57
C GLY A 7 39.07 15.15 40.75
N TYR A 8 39.54 13.96 41.15
CA TYR A 8 40.97 13.72 41.28
C TYR A 8 41.54 13.02 40.04
N TYR A 9 40.95 13.23 38.86
CA TYR A 9 41.39 12.59 37.64
C TYR A 9 41.69 13.62 36.57
N GLU A 10 42.80 13.45 35.82
CA GLU A 10 43.11 14.37 34.75
C GLU A 10 42.77 13.73 33.42
N ILE A 11 41.86 14.37 32.69
CA ILE A 11 41.33 13.85 31.43
C ILE A 11 42.33 13.98 30.29
N ASP A 12 42.51 12.88 29.56
CA ASP A 12 43.41 12.80 28.41
C ASP A 12 42.59 12.40 27.13
N ARG A 13 43.08 11.49 26.27
CA ARG A 13 42.37 11.09 25.04
C ARG A 13 40.97 10.50 25.31
N THR A 14 40.09 10.58 24.31
CA THR A 14 38.74 10.02 24.35
C THR A 14 38.76 8.62 23.75
N ILE A 15 38.56 7.58 24.57
CA ILE A 15 38.59 6.21 24.07
C ILE A 15 37.26 5.71 23.50
N GLY A 16 36.31 6.60 23.26
CA GLY A 16 35.00 6.25 22.70
C GLY A 16 33.89 7.26 22.95
N LYS A 17 33.05 7.51 21.94
CA LYS A 17 31.91 8.42 22.09
C LYS A 17 30.70 7.70 21.51
N GLY A 18 29.82 7.22 22.39
CA GLY A 18 28.67 6.45 21.95
C GLY A 18 27.32 7.02 22.34
N ASN A 19 26.36 6.09 22.53
CA ASN A 19 24.95 6.22 22.93
C ASN A 19 24.59 7.60 23.59
N PHE A 20 24.50 7.68 24.92
CA PHE A 20 24.25 8.93 25.63
C PHE A 20 25.40 9.18 26.64
N ALA A 21 26.62 8.64 26.34
CA ALA A 21 27.80 8.75 27.17
C ALA A 21 29.10 8.86 26.35
N VAL A 22 30.18 9.36 26.97
CA VAL A 22 31.50 9.49 26.34
C VAL A 22 32.55 8.86 27.27
N VAL A 23 33.29 7.87 26.79
CA VAL A 23 34.31 7.19 27.58
C VAL A 23 35.66 7.85 27.32
N LYS A 24 36.29 8.44 28.35
CA LYS A 24 37.56 9.13 28.19
C LYS A 24 38.61 8.46 29.02
N ARG A 25 39.79 8.30 28.46
CA ARG A 25 40.91 7.76 29.20
C ARG A 25 41.50 8.90 30.03
N ALA A 26 41.66 8.66 31.31
CA ALA A 26 42.17 9.66 32.24
C ALA A 26 43.16 9.00 33.23
N THR A 27 43.94 9.81 33.98
CA THR A 27 44.93 9.34 34.94
C THR A 27 44.52 9.81 36.34
N HIS A 28 44.63 8.93 37.37
CA HIS A 28 44.36 9.35 38.75
C HIS A 28 45.51 10.27 39.14
N LEU A 29 45.19 11.47 39.62
CA LEU A 29 46.22 12.44 40.00
C LEU A 29 47.09 11.98 41.14
N VAL A 30 46.53 11.34 42.17
CA VAL A 30 47.33 10.89 43.32
C VAL A 30 48.03 9.52 43.05
N THR A 31 47.30 8.49 42.61
CA THR A 31 47.90 7.16 42.40
C THR A 31 48.65 7.01 41.06
N LYS A 32 48.44 7.94 40.12
CA LYS A 32 49.04 7.93 38.79
C LYS A 32 48.59 6.73 37.94
N ALA A 33 47.44 6.13 38.26
CA ALA A 33 46.91 4.98 37.55
C ALA A 33 46.12 5.35 36.32
N LYS A 34 46.20 4.50 35.29
CA LYS A 34 45.50 4.68 34.02
C LYS A 34 44.08 4.14 34.17
N VAL A 35 43.08 5.00 33.98
CA VAL A 35 41.66 4.61 34.13
C VAL A 35 40.80 5.04 32.91
N ALA A 36 39.52 4.61 32.87
CA ALA A 36 38.58 4.99 31.82
C ALA A 36 37.36 5.56 32.53
N ILE A 37 37.06 6.83 32.30
CA ILE A 37 35.92 7.46 32.93
C ILE A 37 34.76 7.62 31.95
N LYS A 38 33.68 6.82 32.13
CA LYS A 38 32.47 6.97 31.32
C LYS A 38 31.71 8.17 31.87
N ILE A 39 31.61 9.26 31.10
CA ILE A 39 30.92 10.48 31.48
C ILE A 39 29.50 10.46 30.91
N ILE A 40 28.48 10.56 31.76
CA ILE A 40 27.10 10.52 31.32
C ILE A 40 26.33 11.74 31.84
N ASP A 41 25.57 12.42 30.96
CA ASP A 41 24.75 13.55 31.38
C ASP A 41 23.36 13.00 31.69
N LYS A 42 23.01 12.89 32.98
CA LYS A 42 21.70 12.39 33.41
C LYS A 42 20.52 13.32 32.99
N THR A 43 20.82 14.49 32.41
CA THR A 43 19.78 15.40 31.96
C THR A 43 19.54 15.34 30.44
N GLN A 44 20.09 14.33 29.76
CA GLN A 44 19.88 14.10 28.33
C GLN A 44 19.27 12.71 28.07
N LEU A 45 19.31 11.79 29.07
CA LEU A 45 18.77 10.44 28.95
C LEU A 45 17.29 10.35 29.27
N ASP A 46 16.62 9.45 28.56
CA ASP A 46 15.24 9.13 28.87
C ASP A 46 15.31 8.23 30.08
N GLU A 47 14.28 8.33 30.90
CA GLU A 47 14.08 7.61 32.15
C GLU A 47 14.52 6.12 32.10
N GLU A 48 14.17 5.38 31.03
CA GLU A 48 14.52 3.97 30.84
C GLU A 48 16.03 3.78 30.78
N ASN A 49 16.70 4.65 30.02
CA ASN A 49 18.14 4.59 29.83
C ASN A 49 18.94 4.95 31.09
N LEU A 50 18.43 5.85 31.92
CA LEU A 50 19.10 6.24 33.15
C LEU A 50 19.05 5.08 34.13
N LYS A 51 17.88 4.44 34.27
CA LYS A 51 17.70 3.32 35.17
C LYS A 51 18.50 2.12 34.73
N LYS A 52 18.67 1.90 33.41
CA LYS A 52 19.49 0.78 32.94
C LYS A 52 20.98 1.02 33.23
N ILE A 53 21.41 2.30 33.31
CA ILE A 53 22.78 2.68 33.63
C ILE A 53 23.03 2.45 35.13
N PHE A 54 22.05 2.75 35.98
CA PHE A 54 22.15 2.53 37.44
C PHE A 54 22.19 1.03 37.76
N ARG A 55 21.44 0.22 37.01
CA ARG A 55 21.40 -1.23 37.17
C ARG A 55 22.73 -1.85 36.73
N GLU A 56 23.40 -1.28 35.71
CA GLU A 56 24.69 -1.76 35.21
C GLU A 56 25.76 -1.57 36.29
N VAL A 57 25.75 -0.42 36.97
CA VAL A 57 26.66 -0.14 38.07
C VAL A 57 26.52 -1.20 39.19
N GLN A 58 25.29 -1.55 39.57
CA GLN A 58 25.04 -2.55 40.60
C GLN A 58 25.53 -3.92 40.19
N ILE A 59 25.37 -4.26 38.92
CA ILE A 59 25.84 -5.53 38.39
C ILE A 59 27.38 -5.53 38.38
N MET A 60 28.03 -4.38 38.08
CA MET A 60 29.47 -4.25 38.11
C MET A 60 30.04 -4.39 39.52
N LYS A 61 29.31 -3.90 40.53
CA LYS A 61 29.73 -4.01 41.93
C LYS A 61 29.72 -5.46 42.43
N MET A 62 29.01 -6.36 41.73
CA MET A 62 28.92 -7.79 42.05
C MET A 62 30.01 -8.59 41.34
N LEU A 63 30.49 -8.10 40.20
CA LEU A 63 31.47 -8.80 39.39
C LEU A 63 32.88 -8.29 39.53
N SER A 64 33.61 -8.82 40.50
CA SER A 64 35.02 -8.49 40.68
C SER A 64 35.80 -9.74 40.30
N HIS A 65 36.45 -9.70 39.14
CA HIS A 65 37.18 -10.87 38.63
C HIS A 65 38.42 -10.42 37.87
N PRO A 66 39.52 -11.22 37.88
CA PRO A 66 40.71 -10.80 37.12
C PRO A 66 40.48 -10.61 35.61
N HIS A 67 39.43 -11.25 35.06
CA HIS A 67 39.17 -11.15 33.62
C HIS A 67 37.87 -10.44 33.29
N ILE A 68 37.53 -9.44 34.11
CA ILE A 68 36.38 -8.55 33.97
C ILE A 68 36.87 -7.13 34.31
N ILE A 69 36.43 -6.11 33.55
CA ILE A 69 36.82 -4.73 33.82
C ILE A 69 36.30 -4.30 35.21
N ARG A 70 37.23 -3.96 36.10
CA ARG A 70 36.91 -3.59 37.46
C ARG A 70 36.46 -2.15 37.61
N LEU A 71 35.28 -1.95 38.21
CA LEU A 71 34.73 -0.65 38.54
C LEU A 71 35.51 -0.13 39.76
N TYR A 72 35.96 1.12 39.74
CA TYR A 72 36.74 1.69 40.84
C TYR A 72 36.00 2.77 41.60
N GLN A 73 35.46 3.76 40.90
CA GLN A 73 34.79 4.86 41.55
C GLN A 73 33.55 5.31 40.79
N VAL A 74 32.54 5.77 41.55
CA VAL A 74 31.30 6.27 41.01
C VAL A 74 31.14 7.65 41.58
N MET A 75 31.24 8.68 40.73
CA MET A 75 31.14 10.06 41.16
C MET A 75 29.86 10.65 40.59
N GLU A 76 28.85 10.93 41.41
CA GLU A 76 27.58 11.46 40.91
C GLU A 76 27.26 12.86 41.41
N THR A 77 26.90 13.76 40.50
CA THR A 77 26.46 15.11 40.84
C THR A 77 24.91 15.19 40.63
N GLU A 78 24.29 16.40 40.71
CA GLU A 78 22.86 16.52 40.48
C GLU A 78 22.49 16.29 38.99
N ARG A 79 23.42 16.59 38.05
CA ARG A 79 23.18 16.42 36.62
C ARG A 79 24.12 15.44 35.89
N MET A 80 25.28 15.11 36.49
CA MET A 80 26.25 14.24 35.83
C MET A 80 26.57 12.97 36.60
N ILE A 81 27.05 11.93 35.89
CA ILE A 81 27.49 10.69 36.50
C ILE A 81 28.82 10.26 35.82
N TYR A 82 29.86 10.06 36.63
CA TYR A 82 31.19 9.66 36.13
C TYR A 82 31.48 8.27 36.63
N LEU A 83 31.87 7.37 35.72
CA LEU A 83 32.12 5.98 36.04
C LEU A 83 33.57 5.58 35.82
N VAL A 84 34.40 5.66 36.86
CA VAL A 84 35.80 5.30 36.75
C VAL A 84 36.03 3.78 36.76
N THR A 85 36.61 3.19 35.68
CA THR A 85 36.88 1.74 35.57
C THR A 85 38.35 1.42 35.16
N GLU A 86 38.80 0.15 35.26
CA GLU A 86 40.16 -0.19 34.85
C GLU A 86 40.37 -0.03 33.34
N TYR A 87 41.51 0.56 32.96
CA TYR A 87 41.85 0.79 31.56
C TYR A 87 42.59 -0.40 30.95
N ALA A 88 42.13 -0.82 29.75
CA ALA A 88 42.65 -1.93 28.96
C ALA A 88 43.58 -1.38 27.88
N SER A 89 44.91 -1.54 28.03
CA SER A 89 45.90 -0.97 27.11
C SER A 89 45.92 -1.57 25.70
N GLY A 90 45.77 -2.88 25.61
CA GLY A 90 45.81 -3.62 24.36
C GLY A 90 44.58 -3.55 23.47
N GLY A 91 43.63 -2.68 23.82
CA GLY A 91 42.42 -2.47 23.04
C GLY A 91 41.53 -3.67 22.90
N GLU A 92 40.63 -3.66 21.91
CA GLU A 92 39.70 -4.77 21.70
C GLU A 92 40.40 -5.98 21.10
N ILE A 93 39.81 -7.17 21.27
CA ILE A 93 40.35 -8.36 20.64
C ILE A 93 40.06 -8.32 19.11
N PHE A 94 39.01 -7.56 18.68
CA PHE A 94 38.67 -7.38 17.29
C PHE A 94 39.82 -6.67 16.58
N ASP A 95 40.30 -5.56 17.15
CA ASP A 95 41.42 -4.81 16.58
C ASP A 95 42.73 -5.60 16.55
N HIS A 96 42.87 -6.61 17.41
CA HIS A 96 44.05 -7.48 17.43
C HIS A 96 43.96 -8.44 16.24
N LEU A 97 42.79 -9.06 16.02
CA LEU A 97 42.55 -10.01 14.91
C LEU A 97 42.65 -9.33 13.55
N VAL A 98 42.23 -8.07 13.46
CA VAL A 98 42.36 -7.32 12.22
C VAL A 98 43.84 -7.10 11.92
N ALA A 99 44.62 -6.73 12.93
CA ALA A 99 46.04 -6.45 12.76
C ALA A 99 46.96 -7.66 12.63
N HIS A 100 46.61 -8.80 13.26
CA HIS A 100 47.50 -9.97 13.24
C HIS A 100 46.90 -11.28 12.73
N GLY A 101 45.64 -11.25 12.35
CA GLY A 101 44.95 -12.43 11.86
C GLY A 101 44.58 -13.39 12.98
N ARG A 102 44.15 -14.59 12.59
CA ARG A 102 43.78 -15.64 13.50
C ARG A 102 44.95 -16.03 14.40
N MET A 103 44.62 -16.52 15.60
CA MET A 103 45.62 -17.00 16.53
C MET A 103 45.84 -18.48 16.33
N ALA A 104 47.01 -18.96 16.77
CA ALA A 104 47.29 -20.38 16.80
C ALA A 104 46.39 -20.99 17.89
N GLU A 105 46.05 -22.29 17.79
CA GLU A 105 45.17 -22.90 18.80
C GLU A 105 45.79 -22.86 20.22
N LYS A 106 47.11 -22.61 20.32
CA LYS A 106 47.81 -22.45 21.59
C LYS A 106 47.51 -21.07 22.17
N GLU A 107 47.53 -19.99 21.35
CA GLU A 107 47.22 -18.64 21.84
C GLU A 107 45.73 -18.54 22.09
N ALA A 108 44.92 -19.03 21.13
CA ALA A 108 43.45 -19.00 21.17
C ALA A 108 42.93 -19.71 22.39
N ARG A 109 43.48 -20.89 22.74
CA ARG A 109 43.13 -21.69 23.92
C ARG A 109 43.43 -20.95 25.20
N ARG A 110 44.58 -20.25 25.27
CA ARG A 110 44.94 -19.48 26.46
C ARG A 110 43.95 -18.33 26.71
N LYS A 111 43.62 -17.54 25.66
CA LYS A 111 42.68 -16.43 25.77
C LYS A 111 41.26 -16.92 26.00
N PHE A 112 40.89 -18.06 25.42
CA PHE A 112 39.53 -18.60 25.57
C PHE A 112 39.29 -19.05 27.00
N LYS A 113 40.30 -19.66 27.63
CA LYS A 113 40.20 -20.09 29.01
C LYS A 113 39.91 -18.88 29.94
N GLN A 114 40.48 -17.72 29.65
CA GLN A 114 40.28 -16.50 30.41
C GLN A 114 38.87 -15.94 30.21
N ILE A 115 38.27 -16.15 29.03
CA ILE A 115 36.92 -15.68 28.74
C ILE A 115 35.98 -16.60 29.49
N VAL A 116 36.09 -17.93 29.31
CA VAL A 116 35.21 -18.86 30.02
C VAL A 116 35.34 -18.73 31.55
N THR A 117 36.52 -18.32 32.04
CA THR A 117 36.73 -18.11 33.48
C THR A 117 35.84 -16.96 33.98
N ALA A 118 35.68 -15.90 33.19
CA ALA A 118 34.86 -14.75 33.55
C ALA A 118 33.38 -15.01 33.31
N VAL A 119 33.04 -15.74 32.27
CA VAL A 119 31.66 -16.07 31.93
C VAL A 119 31.07 -17.04 32.96
N TYR A 120 31.88 -18.03 33.37
CA TYR A 120 31.48 -19.00 34.38
C TYR A 120 31.25 -18.28 35.73
N PHE A 121 32.07 -17.25 36.04
CA PHE A 121 31.95 -16.45 37.25
C PHE A 121 30.70 -15.58 37.23
N CYS A 122 30.29 -15.11 36.03
CA CYS A 122 29.09 -14.31 35.84
C CYS A 122 27.88 -15.15 36.18
N HIS A 123 27.74 -16.31 35.53
CA HIS A 123 26.66 -17.27 35.66
C HIS A 123 26.60 -17.88 37.08
N SER A 124 27.72 -17.86 37.84
CA SER A 124 27.77 -18.33 39.25
C SER A 124 26.99 -17.34 40.12
N ARG A 125 27.14 -16.02 39.84
CA ARG A 125 26.36 -15.01 40.54
C ARG A 125 24.98 -14.80 39.86
N ASN A 126 24.60 -15.62 38.86
CA ASN A 126 23.34 -15.57 38.12
C ASN A 126 23.23 -14.30 37.27
N ILE A 127 24.31 -13.95 36.60
CA ILE A 127 24.37 -12.76 35.76
C ILE A 127 24.75 -13.18 34.33
N VAL A 128 23.93 -12.85 33.35
CA VAL A 128 24.23 -13.17 31.95
C VAL A 128 24.74 -11.91 31.27
N HIS A 129 25.80 -11.98 30.46
CA HIS A 129 26.35 -10.80 29.78
C HIS A 129 25.43 -10.38 28.63
N ARG A 130 24.95 -11.36 27.85
CA ARG A 130 24.06 -11.18 26.71
C ARG A 130 24.63 -10.28 25.58
N ASP A 131 25.94 -10.00 25.60
CA ASP A 131 26.54 -9.20 24.54
C ASP A 131 28.01 -9.57 24.34
N LEU A 132 28.32 -10.87 24.43
CA LEU A 132 29.67 -11.34 24.23
C LEU A 132 30.08 -11.24 22.76
N LYS A 133 30.70 -10.10 22.41
CA LYS A 133 31.26 -9.73 21.12
C LYS A 133 32.77 -9.77 21.24
N ALA A 134 33.51 -9.87 20.08
CA ALA A 134 34.97 -9.75 20.08
C ALA A 134 35.39 -8.28 20.30
N GLU A 135 34.49 -7.31 20.06
CA GLU A 135 34.78 -5.91 20.34
C GLU A 135 34.62 -5.61 21.83
N ASN A 136 33.85 -6.42 22.58
CA ASN A 136 33.69 -6.30 24.03
C ASN A 136 34.80 -7.01 24.82
N LEU A 137 35.64 -7.83 24.16
CA LEU A 137 36.72 -8.53 24.85
C LEU A 137 37.98 -7.69 24.82
N LEU A 138 38.24 -6.92 25.88
CA LEU A 138 39.38 -6.02 25.93
C LEU A 138 40.67 -6.71 26.38
N LEU A 139 41.85 -6.08 26.11
CA LEU A 139 43.14 -6.66 26.45
C LEU A 139 43.97 -5.75 27.33
N ASP A 140 44.61 -6.32 28.35
CA ASP A 140 45.51 -5.54 29.20
C ASP A 140 46.93 -5.48 28.55
N ALA A 141 47.91 -4.84 29.21
CA ALA A 141 49.29 -4.69 28.71
C ALA A 141 49.96 -6.00 28.24
N ASN A 142 49.61 -7.11 28.88
CA ASN A 142 50.18 -8.41 28.53
C ASN A 142 49.16 -9.30 27.82
N LEU A 143 48.23 -8.69 27.06
CA LEU A 143 47.20 -9.36 26.27
C LEU A 143 46.35 -10.34 27.08
N ASN A 144 45.91 -9.91 28.27
CA ASN A 144 45.02 -10.71 29.11
C ASN A 144 43.62 -10.18 28.88
N ILE A 145 42.68 -11.09 28.62
CA ILE A 145 41.26 -10.83 28.37
C ILE A 145 40.64 -10.05 29.54
N LYS A 146 39.74 -9.11 29.23
CA LYS A 146 39.02 -8.30 30.21
C LYS A 146 37.64 -8.07 29.63
N ILE A 147 36.65 -8.81 30.09
CA ILE A 147 35.28 -8.62 29.61
C ILE A 147 34.75 -7.26 30.07
N ALA A 148 34.27 -6.46 29.11
CA ALA A 148 33.69 -5.13 29.33
C ALA A 148 32.22 -5.13 28.79
N ASP A 149 31.49 -3.99 28.95
CA ASP A 149 30.13 -3.73 28.45
C ASP A 149 29.05 -4.63 29.06
N PHE A 150 28.75 -4.43 30.34
CA PHE A 150 27.65 -5.16 30.97
C PHE A 150 26.33 -4.38 30.73
N GLY A 151 26.19 -3.78 29.54
CA GLY A 151 25.08 -2.96 29.11
C GLY A 151 23.82 -3.76 28.91
N PHE A 152 23.91 -4.88 28.21
CA PHE A 152 22.76 -5.76 28.00
C PHE A 152 22.63 -6.83 29.10
N SER A 153 23.56 -6.86 30.06
CA SER A 153 23.57 -7.85 31.10
C SER A 153 22.44 -7.68 32.08
N ASN A 154 22.04 -8.77 32.70
CA ASN A 154 20.93 -8.80 33.64
C ASN A 154 20.97 -10.08 34.49
N LEU A 155 20.17 -10.14 35.55
CA LEU A 155 20.06 -11.31 36.40
C LEU A 155 19.22 -12.42 35.69
N PHE A 156 19.29 -13.65 36.17
CA PHE A 156 18.51 -14.75 35.63
C PHE A 156 18.29 -15.84 36.70
N THR A 157 17.26 -16.65 36.53
CA THR A 157 16.99 -17.76 37.43
C THR A 157 17.29 -19.03 36.68
N PRO A 158 18.20 -19.89 37.18
CA PRO A 158 18.48 -21.14 36.47
C PRO A 158 17.22 -21.99 36.27
N GLY A 159 16.94 -22.34 35.02
CA GLY A 159 15.76 -23.12 34.68
C GLY A 159 14.65 -22.29 34.05
N GLN A 160 14.64 -20.98 34.31
CA GLN A 160 13.59 -20.12 33.74
C GLN A 160 14.02 -19.44 32.43
N LEU A 161 13.08 -18.83 31.69
CA LEU A 161 13.42 -18.17 30.43
C LEU A 161 13.38 -16.66 30.46
N LEU A 162 14.36 -16.02 29.84
CA LEU A 162 14.41 -14.57 29.72
C LEU A 162 13.71 -14.13 28.41
N LYS A 163 13.37 -12.83 28.29
CA LYS A 163 12.67 -12.35 27.12
C LYS A 163 13.18 -11.04 26.53
N TRP A 165 15.09 -9.21 24.10
CA TRP A 165 15.85 -9.48 22.87
C TRP A 165 16.86 -8.38 22.63
N CYS A 166 18.11 -8.71 22.97
CA CYS A 166 19.27 -7.83 22.90
C CYS A 166 20.50 -8.68 22.57
N GLY A 167 21.48 -8.03 21.96
CA GLY A 167 22.73 -8.68 21.59
C GLY A 167 23.08 -8.30 20.17
N SER A 168 24.39 -8.22 19.87
CA SER A 168 24.82 -7.85 18.53
C SER A 168 24.57 -9.01 17.53
N PRO A 169 24.02 -8.69 16.35
CA PRO A 169 23.67 -9.74 15.40
C PRO A 169 24.75 -10.77 15.04
N PRO A 170 26.02 -10.44 14.65
CA PRO A 170 26.98 -11.51 14.30
C PRO A 170 27.28 -12.52 15.41
N TYR A 171 26.91 -12.19 16.65
CA TYR A 171 27.15 -13.07 17.81
C TYR A 171 25.89 -13.59 18.48
N ALA A 172 24.71 -13.10 18.04
CA ALA A 172 23.44 -13.50 18.62
C ALA A 172 23.08 -14.94 18.26
N ALA A 173 22.46 -15.63 19.21
CA ALA A 173 22.00 -17.00 19.02
C ALA A 173 20.73 -16.95 18.12
N PRO A 174 20.34 -18.07 17.49
CA PRO A 174 19.14 -18.04 16.64
C PRO A 174 17.81 -17.81 17.37
N GLU A 175 17.75 -18.05 18.70
CA GLU A 175 16.56 -17.84 19.51
C GLU A 175 16.22 -16.33 19.54
N LEU A 176 17.25 -15.48 19.65
CA LEU A 176 17.06 -14.01 19.70
C LEU A 176 16.68 -13.44 18.33
N PHE A 177 17.12 -14.10 17.25
CA PHE A 177 16.73 -13.68 15.92
C PHE A 177 15.25 -14.00 15.73
N GLU A 178 14.84 -15.21 16.09
CA GLU A 178 13.45 -15.64 15.98
C GLU A 178 12.48 -14.94 16.93
N GLY A 179 13.01 -14.31 17.99
CA GLY A 179 12.19 -13.63 18.97
C GLY A 179 11.50 -14.63 19.87
N LYS A 180 12.29 -15.58 20.43
CA LYS A 180 11.80 -16.63 21.31
C LYS A 180 12.28 -16.40 22.72
N GLU A 181 11.51 -16.87 23.72
CA GLU A 181 11.92 -16.77 25.12
C GLU A 181 13.01 -17.80 25.28
N TYR A 182 14.23 -17.30 25.49
CA TYR A 182 15.47 -18.07 25.53
C TYR A 182 15.99 -18.36 26.96
N ASP A 183 16.95 -19.29 27.06
CA ASP A 183 17.63 -19.58 28.32
C ASP A 183 18.83 -18.62 28.35
N GLY A 184 19.07 -17.98 29.49
CA GLY A 184 20.18 -17.05 29.67
C GLY A 184 21.54 -17.59 29.27
N PRO A 185 22.05 -18.58 30.03
CA PRO A 185 23.38 -19.11 29.74
C PRO A 185 23.60 -19.75 28.36
N LYS A 186 22.58 -20.40 27.76
CA LYS A 186 22.76 -21.00 26.42
C LYS A 186 23.02 -19.93 25.36
N VAL A 187 22.48 -18.72 25.55
CA VAL A 187 22.66 -17.57 24.65
C VAL A 187 24.10 -17.00 24.73
N ASP A 188 24.79 -17.21 25.87
CA ASP A 188 26.18 -16.84 26.06
C ASP A 188 27.08 -17.97 25.51
N ILE A 189 26.66 -19.23 25.66
CA ILE A 189 27.38 -20.38 25.14
C ILE A 189 27.41 -20.32 23.60
N TRP A 190 26.34 -19.81 22.95
CA TRP A 190 26.34 -19.65 21.50
C TRP A 190 27.33 -18.55 21.15
N SER A 191 27.35 -17.45 21.92
CA SER A 191 28.26 -16.34 21.72
C SER A 191 29.70 -16.80 21.91
N LEU A 192 29.97 -17.72 22.86
CA LEU A 192 31.32 -18.28 23.02
C LEU A 192 31.72 -19.17 21.87
N GLY A 193 30.74 -19.76 21.18
CA GLY A 193 30.96 -20.57 19.98
C GLY A 193 31.41 -19.71 18.82
N VAL A 194 30.79 -18.55 18.67
CA VAL A 194 31.17 -17.58 17.65
C VAL A 194 32.54 -17.00 17.98
N VAL A 195 32.78 -16.60 19.24
CA VAL A 195 34.05 -16.03 19.69
C VAL A 195 35.17 -17.02 19.46
N LEU A 196 34.99 -18.31 19.84
CA LEU A 196 36.06 -19.31 19.61
C LEU A 196 36.45 -19.43 18.14
N TYR A 197 35.46 -19.43 17.22
CA TYR A 197 35.68 -19.50 15.78
C TYR A 197 36.42 -18.26 15.23
N VAL A 198 36.04 -17.09 15.74
CA VAL A 198 36.65 -15.81 15.36
C VAL A 198 38.14 -15.79 15.80
N LEU A 199 38.47 -16.39 16.96
CA LEU A 199 39.84 -16.43 17.47
C LEU A 199 40.74 -17.34 16.67
N VAL A 200 40.20 -18.47 16.20
CA VAL A 200 41.02 -19.45 15.48
C VAL A 200 40.99 -19.27 13.96
N CYS A 201 39.99 -18.57 13.42
CA CYS A 201 39.91 -18.37 11.96
C CYS A 201 40.16 -16.93 11.51
N GLY A 202 39.91 -15.97 12.40
CA GLY A 202 40.06 -14.55 12.10
C GLY A 202 38.99 -14.06 11.15
N ALA A 203 37.80 -14.66 11.28
CA ALA A 203 36.61 -14.44 10.47
C ALA A 203 35.38 -14.97 11.23
N LEU A 204 34.19 -14.50 10.87
CA LEU A 204 32.96 -14.94 11.54
C LEU A 204 32.47 -16.28 11.03
N PRO A 205 31.86 -17.10 11.91
CA PRO A 205 31.24 -18.35 11.41
C PRO A 205 30.10 -18.04 10.43
N PHE A 206 29.33 -16.98 10.73
CA PHE A 206 28.17 -16.52 9.97
C PHE A 206 28.41 -15.05 9.64
N ASP A 207 28.30 -14.68 8.35
CA ASP A 207 28.50 -13.32 7.85
C ASP A 207 27.69 -13.11 6.56
N GLY A 208 27.53 -11.86 6.16
CA GLY A 208 26.79 -11.51 4.95
C GLY A 208 26.88 -10.04 4.62
N SER A 209 26.32 -9.63 3.47
CA SER A 209 26.37 -8.23 3.06
C SER A 209 25.46 -7.37 3.91
N THR A 210 24.30 -7.91 4.32
CA THR A 210 23.36 -7.18 5.15
C THR A 210 22.95 -8.00 6.39
N LEU A 211 22.31 -7.35 7.37
CA LEU A 211 21.79 -7.95 8.60
C LEU A 211 20.83 -9.11 8.26
N GLN A 212 20.04 -8.97 7.19
CA GLN A 212 19.10 -9.99 6.75
C GLN A 212 19.84 -11.20 6.19
N ASN A 213 20.94 -10.97 5.47
CA ASN A 213 21.78 -12.02 4.92
C ASN A 213 22.45 -12.77 6.09
N LEU A 214 22.98 -12.02 7.06
CA LEU A 214 23.59 -12.54 8.29
C LEU A 214 22.54 -13.35 9.10
N ARG A 215 21.29 -12.86 9.20
CA ARG A 215 20.19 -13.48 9.93
C ARG A 215 19.86 -14.87 9.37
N ALA A 216 19.74 -14.99 8.04
CA ALA A 216 19.49 -16.27 7.36
C ALA A 216 20.63 -17.27 7.65
N ARG A 217 21.87 -16.74 7.72
CA ARG A 217 23.10 -17.45 7.99
C ARG A 217 23.09 -18.08 9.35
N VAL A 218 22.81 -17.28 10.41
CA VAL A 218 22.77 -17.73 11.81
C VAL A 218 21.67 -18.75 12.01
N LEU A 219 20.50 -18.52 11.39
CA LEU A 219 19.37 -19.44 11.46
C LEU A 219 19.61 -20.79 10.74
N SER A 220 20.57 -20.83 9.82
CA SER A 220 20.90 -22.05 9.08
C SER A 220 21.78 -22.98 9.90
N GLY A 221 22.61 -22.41 10.77
CA GLY A 221 23.53 -23.17 11.62
C GLY A 221 24.70 -23.79 10.86
N LYS A 222 24.83 -23.48 9.55
CA LYS A 222 25.92 -24.02 8.77
C LYS A 222 27.08 -23.04 8.66
N PHE A 223 28.26 -23.54 9.03
CA PHE A 223 29.51 -22.82 8.99
C PHE A 223 30.63 -23.74 8.49
N ARG A 224 31.68 -23.15 7.92
CA ARG A 224 32.78 -23.92 7.39
C ARG A 224 33.79 -24.28 8.45
N ILE A 225 34.27 -25.53 8.45
CA ILE A 225 35.33 -25.95 9.36
C ILE A 225 36.59 -25.96 8.49
N PRO A 226 37.56 -25.08 8.80
CA PRO A 226 38.76 -25.01 7.96
C PRO A 226 39.79 -26.13 8.22
N PHE A 227 40.78 -26.22 7.33
CA PHE A 227 41.84 -27.23 7.40
C PHE A 227 42.76 -27.02 8.59
N PHE A 228 43.06 -25.77 8.94
CA PHE A 228 43.92 -25.47 10.10
C PHE A 228 43.24 -25.72 11.46
N MET A 229 41.91 -25.98 11.46
CA MET A 229 41.19 -26.23 12.70
C MET A 229 41.29 -27.70 13.08
N SER A 230 41.81 -27.98 14.27
CA SER A 230 41.97 -29.34 14.78
C SER A 230 40.62 -30.04 14.98
N THR A 231 40.63 -31.37 15.10
CA THR A 231 39.42 -32.16 15.31
C THR A 231 38.80 -31.83 16.66
N GLU A 232 39.63 -31.66 17.70
CA GLU A 232 39.16 -31.33 19.05
C GLU A 232 38.51 -29.95 19.04
N CYS A 233 39.08 -28.99 18.31
CA CYS A 233 38.52 -27.64 18.22
C CYS A 233 37.22 -27.63 17.44
N GLU A 234 37.17 -28.41 16.35
CA GLU A 234 35.98 -28.58 15.50
C GLU A 234 34.86 -29.16 16.35
N HIS A 235 35.15 -30.18 17.18
CA HIS A 235 34.16 -30.79 18.04
C HIS A 235 33.64 -29.78 19.04
N LEU A 236 34.54 -29.01 19.67
CA LEU A 236 34.13 -28.01 20.64
C LEU A 236 33.21 -26.97 20.03
N ILE A 237 33.63 -26.26 18.96
CA ILE A 237 32.81 -25.25 18.31
C ILE A 237 31.47 -25.81 17.85
N ARG A 238 31.51 -26.99 17.22
CA ARG A 238 30.31 -27.64 16.69
C ARG A 238 29.30 -27.93 17.77
N HIS A 239 29.75 -28.25 18.99
CA HIS A 239 28.83 -28.56 20.09
C HIS A 239 28.41 -27.36 20.94
N MET A 240 28.78 -26.15 20.53
CA MET A 240 28.38 -24.90 21.17
C MET A 240 27.49 -24.10 20.20
N LEU A 241 27.77 -24.20 18.89
CA LEU A 241 27.01 -23.53 17.83
C LEU A 241 25.96 -24.51 17.29
N VAL A 242 25.09 -24.99 18.20
CA VAL A 242 23.99 -25.92 17.91
C VAL A 242 22.69 -25.13 17.86
N LEU A 243 21.84 -25.35 16.85
CA LEU A 243 20.57 -24.63 16.74
C LEU A 243 19.61 -24.87 17.93
N ASP A 244 19.47 -26.14 18.37
CA ASP A 244 18.63 -26.49 19.53
C ASP A 244 19.42 -26.16 20.77
N PRO A 245 18.96 -25.21 21.60
CA PRO A 245 19.75 -24.83 22.79
C PRO A 245 19.93 -25.96 23.77
N ASN A 246 18.93 -26.83 23.91
CA ASN A 246 18.99 -27.95 24.84
C ASN A 246 20.07 -28.99 24.47
N LYS A 247 20.68 -28.87 23.28
CA LYS A 247 21.72 -29.79 22.84
C LYS A 247 23.12 -29.13 22.79
N ARG A 248 23.31 -27.99 23.49
CA ARG A 248 24.61 -27.31 23.59
C ARG A 248 25.31 -27.72 24.88
N LEU A 249 26.66 -27.71 24.87
CA LEU A 249 27.45 -28.03 26.06
C LEU A 249 27.22 -27.02 27.15
N SER A 250 27.25 -27.45 28.40
CA SER A 250 27.11 -26.54 29.53
C SER A 250 28.45 -25.82 29.74
N MET A 251 28.49 -24.74 30.57
CA MET A 251 29.75 -24.05 30.86
C MET A 251 30.78 -25.01 31.49
N GLU A 252 30.32 -26.04 32.22
CA GLU A 252 31.22 -27.02 32.83
C GLU A 252 31.71 -28.05 31.83
N GLN A 253 30.87 -28.40 30.84
CA GLN A 253 31.28 -29.34 29.79
C GLN A 253 32.35 -28.74 28.88
N ILE A 254 32.28 -27.43 28.66
CA ILE A 254 33.25 -26.67 27.87
C ILE A 254 34.63 -26.70 28.54
N CYS A 255 34.66 -26.62 29.88
CA CYS A 255 35.91 -26.67 30.66
C CYS A 255 36.53 -28.06 30.58
N LYS A 256 35.72 -29.11 30.71
CA LYS A 256 36.19 -30.49 30.65
C LYS A 256 36.40 -31.01 29.21
N HIS A 257 36.20 -30.17 28.18
CA HIS A 257 36.34 -30.59 26.79
C HIS A 257 37.76 -31.05 26.47
N LYS A 258 37.90 -32.07 25.60
CA LYS A 258 39.20 -32.61 25.23
C LYS A 258 40.15 -31.54 24.67
N TRP A 259 39.58 -30.51 23.99
CA TRP A 259 40.39 -29.42 23.44
C TRP A 259 40.97 -28.54 24.55
N MET A 260 40.24 -28.38 25.63
CA MET A 260 40.67 -27.57 26.75
C MET A 260 41.87 -28.18 27.46
N LYS A 261 41.94 -29.52 27.52
CA LYS A 261 43.04 -30.25 28.17
C LYS A 261 44.17 -30.60 27.19
N LEU A 262 44.16 -30.02 25.98
CA LEU A 262 45.12 -30.34 24.94
C LEU A 262 46.47 -29.65 25.05
N GLY A 263 46.53 -28.52 25.77
CA GLY A 263 47.82 -27.83 25.94
C GLY A 263 48.69 -28.46 27.02
N ASP A 264 49.52 -27.65 27.68
CA ASP A 264 50.28 -28.14 28.83
C ASP A 264 49.36 -27.98 30.07
N ALA A 265 49.68 -28.67 31.17
CA ALA A 265 48.87 -28.60 32.39
C ALA A 265 48.65 -27.15 32.88
N ASP A 266 47.38 -26.73 33.00
CA ASP A 266 47.04 -25.37 33.45
C ASP A 266 46.34 -25.39 34.79
N PRO A 267 47.11 -25.32 35.90
CA PRO A 267 46.48 -25.31 37.23
C PRO A 267 45.79 -24.01 37.61
N ASN A 268 46.19 -22.89 37.00
CA ASN A 268 45.61 -21.57 37.27
C ASN A 268 44.15 -21.54 36.80
N PHE A 269 43.86 -22.16 35.64
CA PHE A 269 42.52 -22.20 35.08
C PHE A 269 41.59 -23.02 35.98
N ASP A 270 42.03 -24.22 36.37
CA ASP A 270 41.22 -25.09 37.22
C ASP A 270 40.95 -24.48 38.58
N ARG A 271 41.91 -23.73 39.12
CA ARG A 271 41.73 -23.05 40.42
C ARG A 271 40.72 -21.91 40.25
N LEU A 272 40.80 -21.15 39.16
CA LEU A 272 39.88 -20.03 38.91
C LEU A 272 38.44 -20.47 38.71
N ILE A 273 38.20 -21.60 38.01
CA ILE A 273 36.82 -22.08 37.83
C ILE A 273 36.32 -22.80 39.11
N ALA A 274 37.24 -23.31 39.95
CA ALA A 274 36.85 -23.95 41.22
C ALA A 274 36.38 -22.88 42.21
N GLU A 275 36.91 -21.65 42.13
CA GLU A 275 36.51 -20.53 42.99
C GLU A 275 35.10 -19.99 42.68
N SER A 276 34.54 -20.36 41.52
CA SER A 276 33.18 -19.98 41.12
C SER A 276 32.13 -21.02 41.58
N GLN A 277 32.56 -22.20 42.02
CA GLN A 277 31.67 -23.23 42.58
C GLN A 277 31.65 -23.21 44.14
N GLN A 278 32.55 -22.39 44.75
CA GLN A 278 32.78 -22.18 46.16
C GLN A 278 32.38 -20.75 46.54
N LEU A 279 32.65 -19.76 45.63
CA LEU A 279 32.35 -18.34 45.80
C LEU A 279 33.00 -17.80 47.12
N LYS A 280 32.21 -17.60 48.22
CA LYS A 280 32.68 -17.15 49.54
C LYS A 280 33.71 -16.02 49.48
N PRO A 287 42.02 -9.59 53.85
CA PRO A 287 43.39 -9.57 53.31
C PRO A 287 43.85 -8.15 52.94
N LEU A 288 43.94 -7.28 53.95
CA LEU A 288 44.29 -5.88 53.73
C LEU A 288 45.79 -5.68 53.56
N ASN A 289 46.18 -5.17 52.38
CA ASN A 289 47.58 -4.89 52.02
C ASN A 289 48.12 -3.77 52.88
N GLU A 290 48.79 -4.11 54.00
CA GLU A 290 49.35 -3.16 54.96
C GLU A 290 50.35 -2.17 54.34
N ASP A 291 50.99 -2.55 53.22
CA ASP A 291 51.91 -1.65 52.52
C ASP A 291 51.13 -0.51 51.85
N VAL A 292 49.93 -0.80 51.34
CA VAL A 292 49.06 0.19 50.73
C VAL A 292 48.45 1.10 51.81
N LEU A 293 47.92 0.51 52.91
CA LEU A 293 47.31 1.28 54.00
C LEU A 293 48.29 2.26 54.66
N LEU A 294 49.59 1.91 54.63
CA LEU A 294 50.66 2.73 55.19
C LEU A 294 50.92 3.94 54.29
N ALA A 295 50.93 3.73 52.97
CA ALA A 295 51.10 4.78 51.97
C ALA A 295 49.92 5.74 52.01
N MET A 296 48.70 5.23 52.22
CA MET A 296 47.51 6.07 52.32
C MET A 296 47.55 6.92 53.59
N GLU A 297 48.05 6.36 54.69
CA GLU A 297 48.19 7.11 55.94
C GLU A 297 49.33 8.16 55.84
N ASP A 298 50.36 7.87 55.02
CA ASP A 298 51.46 8.80 54.74
C ASP A 298 50.89 10.07 54.06
N MET A 299 49.88 9.90 53.20
CA MET A 299 49.23 11.01 52.52
C MET A 299 48.25 11.71 53.47
N GLY A 300 47.48 10.94 54.20
CA GLY A 300 46.54 11.48 55.17
C GLY A 300 45.17 10.82 55.19
N LEU A 301 44.98 9.78 54.38
CA LEU A 301 43.70 9.09 54.29
C LEU A 301 43.54 8.15 55.48
N ASP A 302 42.69 8.56 56.44
CA ASP A 302 42.36 7.87 57.69
C ASP A 302 42.11 6.37 57.46
N LYS A 303 42.67 5.51 58.34
CA LYS A 303 42.51 4.05 58.22
C LYS A 303 41.07 3.60 58.47
N GLU A 304 40.37 4.25 59.41
CA GLU A 304 38.98 3.94 59.72
C GLU A 304 38.04 4.25 58.54
N GLN A 305 38.25 5.37 57.84
CA GLN A 305 37.44 5.70 56.66
C GLN A 305 37.81 4.85 55.43
N THR A 306 39.05 4.33 55.37
CA THR A 306 39.47 3.46 54.27
C THR A 306 38.80 2.09 54.42
N LEU A 307 38.70 1.59 55.68
CA LEU A 307 38.06 0.31 55.99
C LEU A 307 36.54 0.39 55.86
N GLN A 308 35.93 1.48 56.32
CA GLN A 308 34.48 1.70 56.22
C GLN A 308 34.03 1.75 54.75
N SER A 309 34.74 2.51 53.91
CA SER A 309 34.43 2.64 52.50
C SER A 309 34.64 1.34 51.71
N LEU A 310 35.55 0.47 52.18
CA LEU A 310 35.85 -0.81 51.56
C LEU A 310 34.73 -1.84 51.83
N ARG A 311 34.29 -1.95 53.10
CA ARG A 311 33.25 -2.91 53.48
C ARG A 311 31.83 -2.48 53.07
N SER A 312 31.54 -1.16 53.02
CA SER A 312 30.21 -0.69 52.64
C SER A 312 29.99 -0.55 51.12
N ASP A 313 30.98 -1.00 50.29
CA ASP A 313 30.96 -0.91 48.81
C ASP A 313 30.68 0.54 48.40
N ALA A 314 31.47 1.48 48.95
CA ALA A 314 31.23 2.89 48.71
C ALA A 314 31.65 3.38 47.35
N TYR A 315 32.79 2.87 46.83
CA TYR A 315 33.35 3.27 45.53
C TYR A 315 33.59 4.78 45.51
N ASP A 316 34.22 5.27 46.57
CA ASP A 316 34.48 6.68 46.76
C ASP A 316 35.99 6.97 46.64
N HIS A 317 36.46 8.13 47.08
CA HIS A 317 37.85 8.52 47.02
C HIS A 317 38.73 7.54 47.80
N TYR A 318 38.29 7.12 48.99
CA TYR A 318 39.04 6.21 49.84
C TYR A 318 39.09 4.79 49.26
N SER A 319 37.94 4.29 48.82
CA SER A 319 37.81 2.96 48.22
C SER A 319 38.62 2.85 46.92
N ALA A 320 38.54 3.88 46.05
CA ALA A 320 39.27 3.90 44.78
C ALA A 320 40.79 4.01 44.95
N ILE A 321 41.30 4.92 45.82
CA ILE A 321 42.75 5.08 46.02
C ILE A 321 43.39 3.79 46.52
N TYR A 322 42.68 3.01 47.36
CA TYR A 322 43.19 1.72 47.84
C TYR A 322 43.28 0.71 46.68
N SER A 323 42.17 0.51 45.97
CA SER A 323 42.12 -0.46 44.88
C SER A 323 43.11 -0.12 43.78
N LEU A 324 43.17 1.14 43.32
CA LEU A 324 44.11 1.55 42.27
C LEU A 324 45.56 1.32 42.72
N LEU A 325 45.85 1.59 44.00
CA LEU A 325 47.16 1.39 44.59
C LEU A 325 47.51 -0.10 44.71
N CYS A 326 46.51 -0.97 44.84
CA CYS A 326 46.71 -2.42 44.92
C CYS A 326 47.02 -3.00 43.55
N ASP A 327 46.40 -2.47 42.50
CA ASP A 327 46.57 -2.98 41.13
C ASP A 327 47.60 -2.15 40.35
N GLU B 1 44.49 11.85 -6.48
CA GLU B 1 45.85 11.60 -5.99
C GLU B 1 45.96 10.37 -5.07
N VAL B 2 44.83 9.73 -4.70
CA VAL B 2 44.87 8.57 -3.81
C VAL B 2 45.34 7.39 -4.62
N GLN B 3 46.43 6.73 -4.21
CA GLN B 3 46.92 5.56 -4.94
C GLN B 3 47.30 4.41 -4.01
N LEU B 4 47.26 3.18 -4.55
CA LEU B 4 47.55 1.98 -3.77
C LEU B 4 48.93 1.40 -4.13
N VAL B 5 49.91 1.60 -3.25
CA VAL B 5 51.28 1.14 -3.49
C VAL B 5 51.50 -0.31 -3.01
N GLN B 6 51.96 -1.18 -3.89
CA GLN B 6 52.19 -2.58 -3.54
C GLN B 6 53.66 -2.97 -3.39
N SER B 7 53.91 -4.05 -2.64
CA SER B 7 55.25 -4.58 -2.43
C SER B 7 55.78 -5.24 -3.71
N GLY B 8 57.09 -5.40 -3.79
CA GLY B 8 57.78 -5.93 -4.96
C GLY B 8 57.52 -7.39 -5.30
N ALA B 9 57.89 -7.76 -6.55
CA ALA B 9 57.77 -9.10 -7.11
C ALA B 9 58.59 -10.09 -6.29
N GLY B 10 58.00 -11.24 -6.00
CA GLY B 10 58.67 -12.28 -5.23
C GLY B 10 58.78 -13.64 -5.93
N VAL B 11 59.89 -14.35 -5.69
CA VAL B 11 60.07 -15.70 -6.18
C VAL B 11 60.05 -16.59 -4.94
N LYS B 12 59.10 -17.52 -4.88
CA LYS B 12 58.94 -18.37 -3.72
C LYS B 12 59.12 -19.84 -4.06
N LYS B 13 59.55 -20.64 -3.07
CA LYS B 13 59.71 -22.08 -3.25
C LYS B 13 58.43 -22.79 -2.76
N PRO B 14 58.16 -24.05 -3.19
CA PRO B 14 56.95 -24.74 -2.73
C PRO B 14 56.90 -24.93 -1.21
N GLY B 15 55.72 -24.79 -0.62
CA GLY B 15 55.55 -24.94 0.82
C GLY B 15 55.84 -23.69 1.63
N SER B 16 56.45 -22.67 1.00
CA SER B 16 56.76 -21.43 1.69
C SER B 16 55.54 -20.47 1.68
N SER B 17 55.65 -19.29 2.32
CA SER B 17 54.56 -18.32 2.32
C SER B 17 55.02 -16.99 1.73
N VAL B 18 54.08 -16.20 1.22
CA VAL B 18 54.40 -14.91 0.63
C VAL B 18 53.57 -13.81 1.30
N LYS B 19 54.17 -12.65 1.59
CA LYS B 19 53.45 -11.55 2.22
C LYS B 19 53.46 -10.32 1.34
N VAL B 20 52.30 -9.88 0.88
CA VAL B 20 52.20 -8.71 0.02
C VAL B 20 51.54 -7.55 0.77
N SER B 21 52.17 -6.36 0.74
CA SER B 21 51.63 -5.16 1.39
C SER B 21 50.98 -4.19 0.38
N CYS B 22 50.07 -3.35 0.88
CA CYS B 22 49.28 -2.42 0.09
C CYS B 22 49.13 -1.15 0.93
N LYS B 23 49.94 -0.13 0.64
CA LYS B 23 49.93 1.12 1.38
C LYS B 23 49.13 2.20 0.65
N SER B 24 48.14 2.79 1.35
CA SER B 24 47.30 3.84 0.78
C SER B 24 47.93 5.23 0.93
N SER B 25 48.16 5.94 -0.18
CA SER B 25 48.78 7.27 -0.18
C SER B 25 47.89 8.37 -0.73
N GLY B 26 47.49 9.32 0.10
CA GLY B 26 46.66 10.45 -0.32
C GLY B 26 45.28 10.53 0.34
N GLY B 27 45.00 9.63 1.28
CA GLY B 27 43.71 9.56 1.94
C GLY B 27 42.99 8.27 1.61
N SER B 29 41.97 10.01 5.17
CA SER B 29 43.04 9.04 4.94
C SER B 29 42.62 7.61 5.29
N GLY B 30 41.88 7.49 6.40
CA GLY B 30 41.44 6.21 6.94
C GLY B 30 40.14 5.61 6.44
N SER B 31 39.89 4.37 6.91
CA SER B 31 38.73 3.53 6.60
C SER B 31 38.60 3.23 5.10
N SER B 32 39.20 2.12 4.64
CA SER B 32 39.19 1.80 3.22
C SER B 32 38.31 0.62 2.75
N ALA B 33 38.46 -0.58 3.31
CA ALA B 33 37.79 -1.83 2.86
C ALA B 33 38.49 -2.45 1.64
N VAL B 34 39.82 -2.57 1.72
CA VAL B 34 40.65 -3.14 0.69
C VAL B 34 40.49 -4.66 0.62
N SER B 35 40.42 -5.21 -0.59
CA SER B 35 40.31 -6.64 -0.88
C SER B 35 41.50 -7.10 -1.73
N TRP B 36 41.78 -8.39 -1.70
CA TRP B 36 42.86 -9.02 -2.44
C TRP B 36 42.26 -9.91 -3.50
N ILE B 37 42.61 -9.65 -4.77
CA ILE B 37 42.14 -10.39 -5.93
C ILE B 37 43.37 -10.81 -6.70
N ARG B 38 43.51 -12.10 -7.13
CA ARG B 38 44.67 -12.53 -7.94
C ARG B 38 44.33 -12.86 -9.40
N GLN B 39 45.34 -12.89 -10.28
CA GLN B 39 45.11 -13.22 -11.69
C GLN B 39 46.21 -14.09 -12.28
N ALA B 40 45.92 -15.38 -12.47
CA ALA B 40 46.85 -16.35 -13.04
C ALA B 40 47.27 -15.91 -14.44
N PRO B 41 48.50 -16.24 -14.89
CA PRO B 41 48.94 -15.80 -16.22
C PRO B 41 48.07 -16.40 -17.31
N GLY B 42 47.38 -15.55 -18.06
CA GLY B 42 46.48 -16.01 -19.10
C GLY B 42 45.08 -16.36 -18.62
N GLN B 43 44.85 -16.34 -17.31
CA GLN B 43 43.55 -16.66 -16.74
C GLN B 43 42.82 -15.41 -16.24
N GLY B 44 41.55 -15.57 -15.86
CA GLY B 44 40.74 -14.47 -15.39
C GLY B 44 41.09 -14.03 -13.99
N VAL B 45 40.34 -13.05 -13.47
CA VAL B 45 40.60 -12.52 -12.14
C VAL B 45 39.68 -13.22 -11.11
N GLU B 46 40.21 -13.49 -9.91
CA GLU B 46 39.44 -14.18 -8.86
C GLU B 46 39.63 -13.54 -7.47
N TRP B 47 38.50 -13.25 -6.79
CA TRP B 47 38.47 -12.60 -5.48
C TRP B 47 38.87 -13.59 -4.36
N MET B 48 39.92 -13.24 -3.61
CA MET B 48 40.46 -14.14 -2.58
C MET B 48 39.89 -13.85 -1.20
N GLY B 49 39.78 -12.58 -0.85
CA GLY B 49 39.29 -12.15 0.44
C GLY B 49 39.48 -10.66 0.67
N GLY B 50 38.89 -10.14 1.72
CA GLY B 50 38.98 -8.72 2.06
C GLY B 50 37.82 -8.27 2.93
N ILE B 51 37.77 -6.98 3.23
CA ILE B 51 36.71 -6.42 4.05
C ILE B 51 35.40 -6.36 3.24
N THR B 52 34.34 -7.08 3.72
CA THR B 52 33.04 -7.19 3.05
C THR B 52 31.81 -6.75 3.87
N SER B 53 31.99 -6.44 5.16
CA SER B 53 30.90 -6.00 6.04
C SER B 53 31.47 -5.43 7.34
N ILE B 54 30.63 -4.72 8.10
CA ILE B 54 31.07 -4.12 9.36
C ILE B 54 31.23 -5.19 10.48
N PHE B 55 30.51 -6.33 10.37
CA PHE B 55 30.41 -7.41 11.34
C PHE B 55 31.72 -8.11 11.78
N GLY B 56 32.49 -8.67 10.83
CA GLY B 56 33.70 -9.42 11.12
C GLY B 56 35.00 -8.74 10.74
N PRO B 57 36.13 -9.25 11.26
CA PRO B 57 37.42 -8.61 10.98
C PRO B 57 37.85 -8.71 9.53
N ALA B 58 37.57 -9.85 8.88
CA ALA B 58 37.93 -10.12 7.50
C ALA B 58 37.03 -11.21 6.90
N ASN B 59 36.92 -11.24 5.57
CA ASN B 59 36.14 -12.28 4.92
C ASN B 59 36.96 -12.92 3.85
N TYR B 60 36.95 -14.24 3.79
CA TYR B 60 37.72 -14.98 2.79
C TYR B 60 36.80 -15.81 1.88
N ALA B 61 37.21 -16.02 0.62
CA ALA B 61 36.47 -16.92 -0.26
C ALA B 61 36.81 -18.34 0.23
N GLN B 62 35.86 -19.27 0.14
CA GLN B 62 36.06 -20.66 0.60
C GLN B 62 37.39 -21.31 0.15
N LYS B 63 37.82 -21.02 -1.09
CA LYS B 63 39.04 -21.56 -1.70
C LYS B 63 40.33 -21.05 -1.05
N PHE B 64 40.26 -19.88 -0.43
CA PHE B 64 41.46 -19.27 0.13
C PHE B 64 41.52 -19.22 1.66
N GLN B 65 40.42 -19.50 2.33
CA GLN B 65 40.36 -19.45 3.80
C GLN B 65 41.47 -20.22 4.51
N ASP B 66 41.86 -21.39 3.97
CA ASP B 66 42.87 -22.22 4.62
C ASP B 66 44.30 -21.72 4.52
N ARG B 67 44.61 -20.91 3.49
CA ARG B 67 45.99 -20.46 3.30
C ARG B 67 46.19 -18.95 3.35
N LEU B 68 45.10 -18.16 3.31
CA LEU B 68 45.14 -16.70 3.34
C LEU B 68 44.94 -16.11 4.74
N LYS B 69 45.69 -15.04 5.03
CA LYS B 69 45.60 -14.27 6.26
C LYS B 69 45.68 -12.80 5.82
N ILE B 70 44.56 -12.09 5.93
CA ILE B 70 44.51 -10.68 5.57
C ILE B 70 44.56 -9.82 6.85
N THR B 71 45.56 -8.95 6.94
CA THR B 71 45.76 -8.09 8.10
C THR B 71 45.79 -6.61 7.69
N ALA B 72 45.85 -5.69 8.65
CA ALA B 72 45.88 -4.26 8.38
C ALA B 72 46.52 -3.49 9.52
N ASP B 73 47.50 -2.65 9.22
CA ASP B 73 48.13 -1.76 10.20
C ASP B 73 47.48 -0.40 9.99
N LYS B 74 46.43 -0.10 10.79
CA LYS B 74 45.69 1.15 10.67
C LYS B 74 46.54 2.38 11.00
N ALA B 75 47.63 2.19 11.80
CA ALA B 75 48.56 3.25 12.18
C ALA B 75 49.37 3.78 11.00
N THR B 76 49.58 2.95 9.94
CA THR B 76 50.35 3.33 8.77
C THR B 76 49.57 3.27 7.44
N ASN B 77 48.24 3.07 7.50
CA ASN B 77 47.36 2.93 6.34
C ASN B 77 47.76 1.75 5.45
N THR B 78 48.35 0.70 6.05
CA THR B 78 48.80 -0.44 5.27
C THR B 78 47.88 -1.64 5.49
N VAL B 79 47.63 -2.36 4.42
CA VAL B 79 46.79 -3.55 4.41
C VAL B 79 47.72 -4.64 3.92
N TYR B 80 47.81 -5.77 4.63
CA TYR B 80 48.68 -6.87 4.22
C TYR B 80 47.89 -8.12 3.81
N MET B 81 48.56 -9.04 3.11
CA MET B 81 48.01 -10.29 2.61
C MET B 81 49.09 -11.38 2.78
N GLU B 82 48.74 -12.54 3.36
CA GLU B 82 49.71 -13.62 3.48
C GLU B 82 49.14 -14.93 2.96
N LEU B 83 49.80 -15.55 1.95
CA LEU B 83 49.34 -16.82 1.42
C LEU B 83 50.40 -17.89 1.72
N SER B 84 50.05 -18.91 2.51
CA SER B 84 51.01 -19.95 2.86
C SER B 84 50.81 -21.25 2.02
N GLY B 85 51.68 -22.26 2.21
CA GLY B 85 51.60 -23.55 1.54
C GLY B 85 51.50 -23.43 0.04
N LEU B 86 52.37 -22.60 -0.52
CA LEU B 86 52.42 -22.27 -1.94
C LEU B 86 52.77 -23.41 -2.85
N THR B 87 52.20 -23.38 -4.04
CA THR B 87 52.42 -24.32 -5.12
C THR B 87 52.51 -23.52 -6.44
N PHE B 88 52.94 -24.16 -7.53
CA PHE B 88 53.05 -23.50 -8.83
C PHE B 88 51.69 -22.92 -9.29
N GLU B 89 50.55 -23.44 -8.78
CA GLU B 89 49.22 -22.92 -9.14
C GLU B 89 48.87 -21.60 -8.43
N ASP B 90 49.70 -21.16 -7.49
CA ASP B 90 49.55 -19.88 -6.83
C ASP B 90 50.48 -18.81 -7.48
N THR B 91 51.10 -19.10 -8.66
CA THR B 91 51.93 -18.16 -9.43
C THR B 91 50.92 -17.27 -10.10
N ALA B 92 50.83 -15.99 -9.71
CA ALA B 92 49.80 -15.09 -10.25
C ALA B 92 50.16 -13.58 -10.02
N VAL B 93 49.37 -12.62 -10.59
CA VAL B 93 49.55 -11.19 -10.36
C VAL B 93 48.53 -10.84 -9.29
N TYR B 94 49.00 -10.58 -8.08
CA TYR B 94 48.15 -10.28 -6.93
C TYR B 94 47.87 -8.79 -6.84
N TYR B 95 46.60 -8.40 -6.87
CA TYR B 95 46.17 -7.00 -6.80
C TYR B 95 45.43 -6.71 -5.51
N CYS B 96 45.56 -5.48 -5.01
CA CYS B 96 44.76 -5.01 -3.88
C CYS B 96 43.81 -3.93 -4.43
N ALA B 97 42.51 -4.03 -4.12
CA ALA B 97 41.53 -3.10 -4.66
C ALA B 97 40.57 -2.61 -3.59
N ARG B 98 40.23 -1.34 -3.62
CA ARG B 98 39.36 -0.73 -2.61
C ARG B 98 37.87 -0.68 -3.01
N VAL B 99 36.94 -1.06 -2.10
CA VAL B 99 35.49 -0.99 -2.36
C VAL B 99 35.08 0.49 -2.33
N GLY B 100 34.36 0.91 -3.36
CA GLY B 100 34.00 2.30 -3.54
C GLY B 100 32.93 2.95 -2.69
N ASP B 101 32.02 2.15 -2.09
CA ASP B 101 30.93 2.73 -1.29
C ASP B 101 31.08 2.56 0.20
N TYR B 102 32.30 2.35 0.69
CA TYR B 102 32.57 2.13 2.12
C TYR B 102 31.95 3.20 3.01
N ASN B 103 32.02 4.45 2.55
CA ASN B 103 31.48 5.65 3.18
C ASN B 103 29.97 5.52 3.54
N PHE B 104 29.26 4.54 2.94
CA PHE B 104 27.84 4.30 3.14
C PHE B 104 27.52 3.04 3.97
N TRP B 105 28.55 2.31 4.42
CA TRP B 105 28.34 1.03 5.12
C TRP B 105 27.79 1.09 6.54
N ASN B 106 26.50 0.89 6.69
CA ASN B 106 25.88 0.63 7.98
C ASN B 106 25.51 -0.91 7.90
N GLY B 107 24.52 -1.41 8.62
CA GLY B 107 24.16 -2.82 8.55
C GLY B 107 23.11 -3.17 7.52
N HIS B 108 22.34 -2.18 7.08
CA HIS B 108 21.23 -2.42 6.16
C HIS B 108 21.53 -2.09 4.71
N TYR B 109 22.45 -1.17 4.44
CA TYR B 109 22.80 -0.80 3.08
C TYR B 109 23.51 -1.97 2.43
N ARG B 110 23.08 -2.41 1.23
CA ARG B 110 23.77 -3.50 0.53
C ARG B 110 24.80 -2.88 -0.38
N SER B 111 26.07 -3.26 -0.21
CA SER B 111 27.13 -2.67 -1.02
C SER B 111 27.08 -3.14 -2.46
N GLY B 112 27.53 -2.25 -3.34
CA GLY B 112 27.66 -2.58 -4.75
C GLY B 112 28.86 -3.48 -4.97
N TYR B 113 29.85 -3.41 -4.04
CA TYR B 113 31.12 -4.13 -4.00
C TYR B 113 31.96 -3.84 -5.22
N TYR B 114 31.97 -2.56 -5.66
CA TYR B 114 32.75 -2.18 -6.83
C TYR B 114 34.14 -1.72 -6.45
N PHE B 115 35.15 -2.08 -7.24
CA PHE B 115 36.51 -1.74 -6.91
C PHE B 115 36.94 -0.45 -7.54
N ASP B 116 36.76 0.61 -6.76
CA ASP B 116 37.06 2.03 -6.98
C ASP B 116 38.52 2.22 -7.43
N LEU B 117 39.48 1.84 -6.57
CA LEU B 117 40.91 1.96 -6.79
C LEU B 117 41.52 0.59 -6.95
N TRP B 118 42.62 0.50 -7.72
CA TRP B 118 43.35 -0.75 -7.87
C TRP B 118 44.85 -0.49 -7.71
N GLY B 119 45.56 -1.50 -7.25
CA GLY B 119 47.00 -1.43 -7.12
C GLY B 119 47.67 -1.87 -8.40
N ARG B 120 48.96 -1.51 -8.58
CA ARG B 120 49.69 -1.88 -9.81
C ARG B 120 49.83 -3.39 -10.01
N GLY B 121 49.80 -4.15 -8.92
CA GLY B 121 49.92 -5.60 -8.94
C GLY B 121 51.29 -6.08 -8.54
N THR B 122 51.35 -7.22 -7.85
CA THR B 122 52.62 -7.81 -7.41
C THR B 122 52.83 -9.17 -8.09
N LEU B 123 53.97 -9.35 -8.77
CA LEU B 123 54.25 -10.62 -9.44
C LEU B 123 54.75 -11.65 -8.47
N VAL B 124 53.96 -12.69 -8.20
CA VAL B 124 54.34 -13.76 -7.27
C VAL B 124 54.55 -15.00 -8.11
N THR B 125 55.76 -15.57 -8.06
CA THR B 125 56.06 -16.76 -8.85
C THR B 125 56.55 -17.89 -7.96
N VAL B 126 55.86 -19.04 -8.00
CA VAL B 126 56.24 -20.18 -7.21
C VAL B 126 56.93 -21.22 -8.09
N SER B 127 58.20 -21.52 -7.75
CA SER B 127 59.00 -22.46 -8.51
C SER B 127 58.40 -23.86 -8.50
N SER B 128 58.47 -24.52 -9.65
CA SER B 128 57.88 -25.83 -9.86
C SER B 128 58.88 -26.98 -9.60
N VAL B 147 32.65 -18.16 -12.65
CA VAL B 147 31.39 -18.34 -11.90
C VAL B 147 30.21 -17.57 -12.56
N LEU B 148 30.52 -16.45 -13.23
CA LEU B 148 29.54 -15.68 -13.99
C LEU B 148 29.85 -16.00 -15.45
N THR B 149 28.89 -16.62 -16.15
CA THR B 149 29.08 -17.03 -17.55
C THR B 149 29.20 -15.81 -18.46
N GLN B 150 30.29 -15.74 -19.21
CA GLN B 150 30.57 -14.64 -20.13
C GLN B 150 31.16 -15.24 -21.39
N PRO B 151 30.89 -14.68 -22.59
CA PRO B 151 31.53 -15.21 -23.81
C PRO B 151 33.03 -14.99 -23.76
N PRO B 152 33.84 -15.95 -24.23
CA PRO B 152 35.30 -15.78 -24.15
C PRO B 152 35.86 -14.69 -25.08
N SER B 153 35.14 -14.36 -26.16
CA SER B 153 35.61 -13.33 -27.09
C SER B 153 34.47 -12.56 -27.70
N ALA B 154 34.79 -11.34 -28.16
CA ALA B 154 33.84 -10.48 -28.85
C ALA B 154 34.63 -9.59 -29.83
N SER B 155 34.11 -9.40 -31.05
CA SER B 155 34.78 -8.54 -32.02
C SER B 155 33.81 -7.65 -32.80
N GLY B 156 34.35 -6.60 -33.39
CA GLY B 156 33.59 -5.65 -34.18
C GLY B 156 34.49 -4.71 -34.95
N THR B 157 33.98 -4.11 -36.03
CA THR B 157 34.77 -3.15 -36.80
C THR B 157 34.61 -1.73 -36.22
N PRO B 158 35.62 -0.84 -36.37
CA PRO B 158 35.48 0.52 -35.80
C PRO B 158 34.20 1.24 -36.22
N GLY B 159 33.38 1.57 -35.23
CA GLY B 159 32.11 2.25 -35.45
C GLY B 159 30.91 1.44 -34.98
N GLN B 160 31.05 0.12 -34.97
CA GLN B 160 29.98 -0.79 -34.57
C GLN B 160 29.69 -0.82 -33.05
N ARG B 161 28.66 -1.55 -32.65
CA ARG B 161 28.29 -1.69 -31.26
C ARG B 161 28.40 -3.18 -30.89
N VAL B 162 29.23 -3.52 -29.91
CA VAL B 162 29.35 -4.90 -29.44
C VAL B 162 28.64 -5.04 -28.10
N THR B 163 28.03 -6.20 -27.84
CA THR B 163 27.34 -6.43 -26.57
C THR B 163 27.89 -7.68 -25.90
N ILE B 164 28.34 -7.53 -24.64
CA ILE B 164 28.89 -8.63 -23.85
C ILE B 164 27.82 -9.12 -22.87
N SER B 165 27.53 -10.41 -22.92
CA SER B 165 26.54 -11.06 -22.06
C SER B 165 27.21 -11.51 -20.75
N CYS B 166 26.45 -11.55 -19.67
CA CYS B 166 26.98 -11.97 -18.37
C CYS B 166 25.85 -12.61 -17.61
N SER B 167 25.85 -13.94 -17.45
CA SER B 167 24.79 -14.61 -16.73
C SER B 167 25.21 -15.16 -15.39
N GLY B 168 24.34 -14.96 -14.41
CA GLY B 168 24.54 -15.41 -13.05
C GLY B 168 23.33 -16.16 -12.55
N SER B 169 23.13 -16.17 -11.24
CA SER B 169 22.03 -16.84 -10.57
C SER B 169 21.32 -15.87 -9.63
N SER B 170 20.18 -16.30 -9.06
CA SER B 170 19.44 -15.46 -8.11
C SER B 170 20.25 -15.12 -6.85
N SER B 171 21.31 -15.89 -6.54
CA SER B 171 22.15 -15.59 -5.38
C SER B 171 23.16 -14.48 -5.61
N ASN B 172 23.53 -14.22 -6.88
CA ASN B 172 24.48 -13.14 -7.17
C ASN B 172 23.80 -12.01 -7.97
N ILE B 173 23.76 -12.06 -9.31
CA ILE B 173 23.13 -11.01 -10.12
C ILE B 173 21.67 -10.81 -9.74
N GLY B 174 20.93 -11.90 -9.56
CA GLY B 174 19.52 -11.82 -9.20
C GLY B 174 19.21 -10.98 -7.98
N SER B 175 20.15 -10.94 -7.03
CA SER B 175 19.97 -10.20 -5.80
C SER B 175 21.03 -9.16 -5.53
N ASN B 176 21.85 -8.76 -6.52
CA ASN B 176 22.92 -7.79 -6.29
C ASN B 176 23.21 -6.95 -7.52
N THR B 177 23.95 -5.83 -7.34
CA THR B 177 24.30 -4.99 -8.46
C THR B 177 25.43 -5.62 -9.24
N VAL B 178 25.56 -5.21 -10.50
CA VAL B 178 26.58 -5.70 -11.40
C VAL B 178 27.59 -4.59 -11.68
N ASN B 179 28.86 -4.96 -11.71
CA ASN B 179 29.95 -4.05 -12.04
C ASN B 179 30.69 -4.59 -13.26
N TRP B 180 31.33 -3.70 -14.01
CA TRP B 180 32.08 -4.07 -15.19
C TRP B 180 33.46 -3.46 -15.12
N TYR B 181 34.48 -4.20 -15.53
CA TYR B 181 35.85 -3.74 -15.50
C TYR B 181 36.47 -3.85 -16.86
N GLN B 182 37.32 -2.89 -17.21
CA GLN B 182 38.06 -2.91 -18.46
C GLN B 182 39.51 -3.15 -18.06
N GLN B 183 40.13 -4.21 -18.58
CA GLN B 183 41.55 -4.46 -18.31
C GLN B 183 42.37 -4.36 -19.57
N LEU B 184 43.03 -3.22 -19.76
CA LEU B 184 43.86 -2.99 -20.93
C LEU B 184 45.07 -3.90 -20.87
N PRO B 185 45.50 -4.45 -22.02
CA PRO B 185 46.61 -5.42 -21.99
C PRO B 185 47.85 -5.01 -21.18
N GLY B 186 48.11 -5.72 -20.09
CA GLY B 186 49.26 -5.45 -19.25
C GLY B 186 49.02 -4.54 -18.06
N THR B 187 47.78 -4.05 -17.90
CA THR B 187 47.42 -3.15 -16.81
C THR B 187 46.49 -3.86 -15.80
N ALA B 188 46.25 -3.24 -14.63
CA ALA B 188 45.30 -3.77 -13.67
C ALA B 188 43.89 -3.45 -14.21
N PRO B 189 42.86 -4.22 -13.82
CA PRO B 189 41.50 -3.86 -14.25
C PRO B 189 41.12 -2.43 -13.77
N LYS B 190 40.18 -1.81 -14.47
CA LYS B 190 39.73 -0.47 -14.12
C LYS B 190 38.22 -0.51 -14.05
N LEU B 191 37.61 0.09 -13.02
CA LEU B 191 36.15 0.13 -12.92
C LEU B 191 35.55 0.94 -14.11
N LEU B 192 34.70 0.26 -14.90
CA LEU B 192 34.09 0.78 -16.11
C LEU B 192 32.60 1.13 -15.88
N ILE B 193 31.89 0.24 -15.17
CA ILE B 193 30.46 0.39 -14.87
C ILE B 193 30.23 -0.09 -13.42
N TYR B 194 29.51 0.67 -12.62
CA TYR B 194 29.18 0.27 -11.26
C TYR B 194 27.68 0.48 -11.01
N SER B 195 27.11 -0.22 -10.02
CA SER B 195 25.69 -0.12 -9.70
C SER B 195 24.81 -0.38 -10.94
N ASN B 196 25.15 -1.40 -11.74
CA ASN B 196 24.45 -1.81 -12.95
C ASN B 196 24.68 -0.91 -14.18
N THR B 197 24.37 0.39 -14.07
CA THR B 197 24.37 1.33 -15.20
C THR B 197 25.30 2.54 -15.07
N GLN B 198 25.81 2.81 -13.87
CA GLN B 198 26.60 4.01 -13.63
C GLN B 198 28.00 3.98 -14.21
N ARG B 199 28.36 5.05 -14.95
CA ARG B 199 29.67 5.22 -15.57
C ARG B 199 30.53 6.11 -14.69
N PRO B 200 31.64 5.60 -14.11
CA PRO B 200 32.51 6.49 -13.31
C PRO B 200 33.11 7.64 -14.13
N SER B 201 33.59 8.70 -13.46
CA SER B 201 34.15 9.88 -14.13
C SER B 201 35.30 9.49 -15.06
N GLY B 202 35.16 9.84 -16.33
CA GLY B 202 36.16 9.52 -17.33
C GLY B 202 35.68 8.53 -18.36
N VAL B 203 34.80 7.58 -17.93
CA VAL B 203 34.24 6.57 -18.84
C VAL B 203 33.27 7.23 -19.80
N PRO B 204 33.52 7.15 -21.11
CA PRO B 204 32.62 7.82 -22.07
C PRO B 204 31.24 7.21 -22.16
N ASP B 205 30.25 8.01 -22.55
CA ASP B 205 28.87 7.58 -22.70
C ASP B 205 28.65 6.48 -23.75
N ARG B 206 29.71 6.07 -24.48
CA ARG B 206 29.66 4.99 -25.48
C ARG B 206 29.41 3.63 -24.82
N PHE B 207 29.87 3.46 -23.56
CA PHE B 207 29.71 2.25 -22.77
C PHE B 207 28.47 2.34 -21.93
N SER B 208 27.53 1.40 -22.10
CA SER B 208 26.32 1.38 -21.28
C SER B 208 26.11 0.00 -20.65
N GLY B 209 25.71 -0.01 -19.39
CA GLY B 209 25.43 -1.25 -18.69
C GLY B 209 23.95 -1.44 -18.44
N SER B 210 23.52 -2.69 -18.32
CA SER B 210 22.13 -3.04 -18.05
C SER B 210 22.02 -4.34 -17.26
N LYS B 211 20.86 -4.59 -16.65
CA LYS B 211 20.62 -5.80 -15.86
C LYS B 211 19.16 -6.20 -15.95
N SER B 212 18.91 -7.50 -16.17
CA SER B 212 17.56 -8.04 -16.26
C SER B 212 17.55 -9.36 -15.49
N ALA B 213 16.89 -9.35 -14.32
CA ALA B 213 16.76 -10.47 -13.40
C ALA B 213 18.16 -11.13 -13.06
N THR B 214 18.63 -12.24 -13.73
CA THR B 214 19.92 -12.86 -13.43
C THR B 214 20.93 -12.68 -14.55
N SER B 215 20.71 -11.71 -15.43
CA SER B 215 21.58 -11.43 -16.57
C SER B 215 22.00 -9.97 -16.55
N ALA B 216 23.17 -9.69 -17.10
CA ALA B 216 23.70 -8.33 -17.20
C ALA B 216 24.35 -8.14 -18.56
N SER B 217 24.31 -6.92 -19.10
CA SER B 217 24.90 -6.66 -20.41
C SER B 217 25.74 -5.41 -20.46
N LEU B 218 26.78 -5.43 -21.30
CA LEU B 218 27.64 -4.27 -21.50
C LEU B 218 27.66 -3.98 -23.00
N ALA B 219 27.23 -2.78 -23.39
CA ALA B 219 27.24 -2.40 -24.80
C ALA B 219 28.30 -1.34 -25.05
N ILE B 220 29.19 -1.58 -26.02
CA ILE B 220 30.24 -0.64 -26.39
C ILE B 220 29.89 -0.05 -27.77
N SER B 221 29.15 1.07 -27.79
CA SER B 221 28.76 1.70 -29.05
C SER B 221 29.89 2.52 -29.66
N GLY B 222 29.91 2.64 -30.98
CA GLY B 222 30.94 3.40 -31.69
C GLY B 222 32.34 2.89 -31.41
N LEU B 223 32.53 1.56 -31.47
CA LEU B 223 33.76 0.83 -31.20
C LEU B 223 35.02 1.51 -31.73
N GLN B 224 35.99 1.74 -30.86
CA GLN B 224 37.24 2.40 -31.24
C GLN B 224 38.44 1.46 -31.01
N SER B 225 39.60 1.79 -31.61
CA SER B 225 40.83 1.00 -31.48
C SER B 225 41.25 0.92 -30.00
N GLU B 226 41.03 2.00 -29.22
CA GLU B 226 41.36 2.07 -27.78
C GLU B 226 40.51 1.13 -26.89
N ASP B 227 39.45 0.55 -27.46
CA ASP B 227 38.60 -0.37 -26.74
C ASP B 227 39.12 -1.81 -26.77
N GLU B 228 40.29 -2.08 -27.39
CA GLU B 228 40.88 -3.43 -27.44
C GLU B 228 41.37 -3.83 -26.05
N ALA B 229 40.51 -4.49 -25.26
CA ALA B 229 40.85 -4.89 -23.90
C ALA B 229 40.01 -6.12 -23.46
N ASP B 230 40.31 -6.72 -22.29
CA ASP B 230 39.52 -7.82 -21.72
C ASP B 230 38.47 -7.17 -20.80
N TYR B 231 37.22 -7.57 -20.90
CA TYR B 231 36.16 -7.00 -20.05
C TYR B 231 35.60 -8.04 -19.09
N TYR B 232 35.47 -7.71 -17.80
CA TYR B 232 34.97 -8.63 -16.79
C TYR B 232 33.70 -8.09 -16.12
N CYS B 233 32.74 -8.97 -15.79
CA CYS B 233 31.57 -8.56 -15.02
C CYS B 233 31.74 -9.14 -13.63
N ALA B 234 31.28 -8.41 -12.61
CA ALA B 234 31.40 -8.87 -11.22
C ALA B 234 30.19 -8.49 -10.41
N ALA B 235 29.72 -9.42 -9.60
CA ALA B 235 28.59 -9.22 -8.70
C ALA B 235 28.81 -10.03 -7.44
N TRP B 236 28.40 -9.48 -6.29
CA TRP B 236 28.51 -10.18 -5.02
C TRP B 236 27.54 -11.37 -5.00
N ASP B 237 27.97 -12.51 -4.45
CA ASP B 237 27.15 -13.71 -4.34
C ASP B 237 26.83 -13.95 -2.89
N ASP B 238 25.55 -14.13 -2.57
CA ASP B 238 25.12 -14.30 -1.19
C ASP B 238 25.30 -15.72 -0.61
N SER B 239 25.89 -16.65 -1.37
CA SER B 239 26.10 -18.02 -0.91
C SER B 239 27.03 -18.03 0.28
N LEU B 240 26.59 -18.66 1.38
CA LEU B 240 27.38 -18.79 2.60
C LEU B 240 27.84 -17.39 3.11
N ASN B 241 29.11 -17.21 3.55
CA ASN B 241 29.55 -15.89 4.04
C ASN B 241 29.62 -14.80 2.98
N GLY B 242 29.31 -15.15 1.73
CA GLY B 242 29.33 -14.21 0.63
C GLY B 242 30.70 -14.05 -0.01
N HIS B 243 30.72 -13.80 -1.32
CA HIS B 243 31.93 -13.63 -2.09
C HIS B 243 31.66 -12.89 -3.37
N VAL B 244 32.64 -12.13 -3.86
CA VAL B 244 32.48 -11.42 -5.13
C VAL B 244 32.95 -12.35 -6.22
N VAL B 245 32.06 -12.65 -7.16
CA VAL B 245 32.38 -13.56 -8.25
C VAL B 245 32.58 -12.79 -9.52
N PHE B 246 33.66 -13.14 -10.21
CA PHE B 246 34.01 -12.50 -11.47
C PHE B 246 33.66 -13.44 -12.62
N GLY B 247 33.42 -12.84 -13.77
CA GLY B 247 33.21 -13.60 -14.98
C GLY B 247 34.53 -14.04 -15.55
N GLY B 248 34.47 -14.96 -16.50
CA GLY B 248 35.67 -15.47 -17.16
C GLY B 248 36.39 -14.46 -18.03
N GLY B 249 35.74 -13.34 -18.31
CA GLY B 249 36.29 -12.29 -19.14
C GLY B 249 35.98 -12.44 -20.61
N THR B 250 35.91 -11.32 -21.34
CA THR B 250 35.65 -11.31 -22.78
C THR B 250 36.71 -10.45 -23.45
N LYS B 251 37.58 -11.02 -24.31
CA LYS B 251 38.60 -10.23 -25.00
C LYS B 251 37.96 -9.56 -26.23
N VAL B 252 37.92 -8.23 -26.22
CA VAL B 252 37.32 -7.48 -27.32
C VAL B 252 38.38 -7.05 -28.30
N THR B 253 38.30 -7.54 -29.53
CA THR B 253 39.23 -7.16 -30.56
C THR B 253 38.51 -6.29 -31.60
N VAL B 254 39.21 -5.29 -32.14
CA VAL B 254 38.63 -4.40 -33.14
C VAL B 254 39.22 -4.72 -34.52
N LEU B 255 38.38 -4.81 -35.57
CA LEU B 255 38.86 -5.12 -36.91
C LEU B 255 38.93 -3.87 -37.78
N ARG C 5 24.87 47.08 17.80
CA ARG C 5 25.01 45.64 17.79
C ARG C 5 25.12 45.09 16.34
N ILE C 6 24.00 44.88 15.60
CA ILE C 6 24.07 44.34 14.25
C ILE C 6 24.11 45.43 13.18
N GLY C 7 25.31 45.71 12.68
CA GLY C 7 25.51 46.73 11.66
C GLY C 7 25.31 48.11 12.24
N TYR C 8 24.44 48.92 11.62
CA TYR C 8 24.13 50.24 12.12
C TYR C 8 22.84 50.24 12.96
N TYR C 9 22.50 49.10 13.59
CA TYR C 9 21.27 48.91 14.35
C TYR C 9 21.55 48.43 15.76
N GLU C 10 20.98 49.10 16.76
CA GLU C 10 21.15 48.69 18.14
C GLU C 10 19.96 47.83 18.53
N ILE C 11 20.22 46.59 18.96
CA ILE C 11 19.19 45.62 19.28
C ILE C 11 18.57 45.88 20.66
N ASP C 12 17.24 45.81 20.73
CA ASP C 12 16.45 46.02 21.95
C ASP C 12 15.61 44.73 22.25
N ARG C 13 14.34 44.86 22.69
CA ARG C 13 13.41 43.77 23.00
C ARG C 13 13.26 42.78 21.81
N THR C 14 12.99 41.49 22.09
CA THR C 14 12.71 40.50 21.05
C THR C 14 11.19 40.49 20.82
N ILE C 15 10.72 40.94 19.64
CA ILE C 15 9.29 40.99 19.36
C ILE C 15 8.71 39.67 18.80
N GLY C 16 9.47 38.58 18.91
CA GLY C 16 9.01 37.29 18.41
C GLY C 16 10.10 36.25 18.21
N LYS C 17 9.83 35.04 18.69
CA LYS C 17 10.71 33.88 18.53
C LYS C 17 10.02 33.01 17.47
N GLY C 18 10.76 32.56 16.47
CA GLY C 18 10.19 31.78 15.38
C GLY C 18 10.72 30.37 15.27
N ASN C 19 10.29 29.66 14.21
CA ASN C 19 10.64 28.26 13.93
C ASN C 19 12.13 28.13 13.58
N PHE C 20 12.61 29.07 12.76
CA PHE C 20 13.98 29.11 12.24
C PHE C 20 14.64 30.50 12.37
N ALA C 21 13.82 31.54 12.57
CA ALA C 21 14.23 32.94 12.69
C ALA C 21 13.77 33.59 14.02
N VAL C 22 14.35 34.75 14.38
CA VAL C 22 14.00 35.52 15.58
C VAL C 22 13.82 36.98 15.20
N VAL C 23 12.65 37.55 15.47
CA VAL C 23 12.39 38.95 15.16
C VAL C 23 12.70 39.82 16.39
N LYS C 24 13.59 40.78 16.22
CA LYS C 24 13.99 41.65 17.32
C LYS C 24 13.73 43.11 16.98
N ARG C 25 13.23 43.88 17.95
CA ARG C 25 12.98 45.32 17.78
C ARG C 25 14.30 46.04 17.95
N ALA C 26 14.71 46.82 16.95
CA ALA C 26 15.97 47.55 17.01
C ALA C 26 15.78 49.03 16.61
N THR C 27 16.81 49.87 16.78
CA THR C 27 16.76 51.28 16.43
C THR C 27 17.94 51.58 15.51
N HIS C 28 17.70 52.34 14.44
CA HIS C 28 18.78 52.73 13.53
C HIS C 28 19.65 53.73 14.28
N LEU C 29 20.94 53.48 14.36
CA LEU C 29 21.85 54.36 15.07
C LEU C 29 21.91 55.77 14.48
N VAL C 30 21.95 55.92 13.15
CA VAL C 30 22.06 57.25 12.56
C VAL C 30 20.67 57.95 12.42
N THR C 31 19.66 57.28 11.83
CA THR C 31 18.34 57.92 11.65
C THR C 31 17.44 57.90 12.89
N LYS C 32 17.79 57.09 13.90
CA LYS C 32 17.01 56.93 15.14
C LYS C 32 15.62 56.33 14.91
N ALA C 33 15.43 55.62 13.79
CA ALA C 33 14.15 55.04 13.47
C ALA C 33 13.90 53.70 14.13
N LYS C 34 12.64 53.44 14.48
CA LYS C 34 12.18 52.21 15.09
C LYS C 34 12.01 51.15 14.01
N VAL C 35 12.78 50.05 14.06
CA VAL C 35 12.69 49.00 13.04
C VAL C 35 12.53 47.59 13.67
N ALA C 36 12.09 46.61 12.86
CA ALA C 36 12.00 45.20 13.24
C ALA C 36 13.08 44.45 12.42
N ILE C 37 13.87 43.57 13.05
CA ILE C 37 14.93 42.85 12.34
C ILE C 37 14.81 41.36 12.48
N LYS C 38 14.46 40.70 11.38
CA LYS C 38 14.35 39.26 11.37
C LYS C 38 15.74 38.67 11.18
N ILE C 39 16.25 38.00 12.23
CA ILE C 39 17.57 37.38 12.20
C ILE C 39 17.41 35.90 11.85
N ILE C 40 18.08 35.45 10.78
CA ILE C 40 17.98 34.06 10.36
C ILE C 40 19.36 33.45 10.20
N ASP C 41 19.62 32.26 10.78
CA ASP C 41 20.91 31.59 10.56
C ASP C 41 20.75 30.59 9.43
N LYS C 42 21.24 30.95 8.24
CA LYS C 42 21.18 30.15 7.03
C LYS C 42 21.65 28.72 7.23
N THR C 43 22.65 28.55 8.09
CA THR C 43 23.25 27.26 8.42
C THR C 43 22.25 26.29 9.08
N GLN C 44 21.55 26.71 10.17
CA GLN C 44 20.56 25.83 10.80
C GLN C 44 19.22 25.95 10.05
N LEU C 45 19.28 25.99 8.71
CA LEU C 45 18.08 26.11 7.88
C LEU C 45 18.26 25.29 6.61
N ASP C 46 17.20 24.55 6.20
CA ASP C 46 17.31 23.68 5.03
C ASP C 46 17.08 24.42 3.72
N GLU C 47 17.55 23.81 2.62
CA GLU C 47 17.46 24.36 1.27
C GLU C 47 16.07 24.86 0.90
N GLU C 48 14.99 24.09 1.18
CA GLU C 48 13.63 24.52 0.84
C GLU C 48 13.22 25.77 1.60
N ASN C 49 13.46 25.79 2.90
CA ASN C 49 13.08 26.92 3.75
C ASN C 49 13.93 28.18 3.51
N LEU C 50 15.22 27.99 3.13
CA LEU C 50 16.11 29.11 2.83
C LEU C 50 15.65 29.79 1.55
N LYS C 51 15.34 28.99 0.52
CA LYS C 51 14.89 29.49 -0.77
C LYS C 51 13.54 30.18 -0.66
N LYS C 52 12.65 29.70 0.22
CA LYS C 52 11.36 30.35 0.42
C LYS C 52 11.52 31.72 1.13
N ILE C 53 12.58 31.87 1.95
CA ILE C 53 12.91 33.12 2.64
C ILE C 53 13.48 34.13 1.62
N PHE C 54 14.29 33.67 0.64
CA PHE C 54 14.84 34.52 -0.42
C PHE C 54 13.73 35.01 -1.36
N ARG C 55 12.73 34.16 -1.62
CA ARG C 55 11.60 34.50 -2.47
C ARG C 55 10.70 35.53 -1.78
N GLU C 56 10.61 35.48 -0.43
CA GLU C 56 9.82 36.41 0.37
C GLU C 56 10.43 37.82 0.30
N VAL C 57 11.75 37.91 0.32
CA VAL C 57 12.45 39.18 0.20
C VAL C 57 12.14 39.84 -1.15
N GLN C 58 12.16 39.06 -2.25
CA GLN C 58 11.87 39.57 -3.57
C GLN C 58 10.45 40.07 -3.69
N ILE C 59 9.52 39.35 -3.08
CA ILE C 59 8.12 39.77 -3.08
C ILE C 59 7.93 41.05 -2.26
N MET C 60 8.68 41.21 -1.17
CA MET C 60 8.61 42.40 -0.34
C MET C 60 9.26 43.62 -1.00
N LYS C 61 10.24 43.40 -1.90
CA LYS C 61 10.85 44.48 -2.69
C LYS C 61 9.87 45.03 -3.75
N MET C 62 8.81 44.27 -4.09
CA MET C 62 7.79 44.65 -5.06
C MET C 62 6.63 45.39 -4.41
N LEU C 63 6.40 45.15 -3.12
CA LEU C 63 5.27 45.73 -2.43
C LEU C 63 5.66 46.88 -1.53
N SER C 64 5.71 48.09 -2.10
CA SER C 64 5.99 49.28 -1.33
C SER C 64 4.67 50.03 -1.23
N HIS C 65 4.04 49.98 -0.07
CA HIS C 65 2.72 50.55 0.13
C HIS C 65 2.58 51.11 1.55
N PRO C 66 1.77 52.17 1.75
CA PRO C 66 1.59 52.71 3.10
C PRO C 66 0.92 51.74 4.09
N HIS C 67 0.21 50.72 3.60
CA HIS C 67 -0.48 49.77 4.48
C HIS C 67 0.06 48.34 4.37
N ILE C 68 1.38 48.24 4.14
CA ILE C 68 2.16 47.00 4.06
C ILE C 68 3.49 47.28 4.77
N ILE C 69 4.02 46.33 5.56
CA ILE C 69 5.32 46.54 6.22
C ILE C 69 6.44 46.73 5.17
N ARG C 70 7.13 47.87 5.25
CA ARG C 70 8.16 48.24 4.30
C ARG C 70 9.50 47.63 4.64
N LEU C 71 10.13 46.96 3.67
CA LEU C 71 11.45 46.38 3.82
C LEU C 71 12.48 47.49 3.61
N TYR C 72 13.38 47.70 4.56
CA TYR C 72 14.37 48.77 4.45
C TYR C 72 15.78 48.31 4.15
N GLN C 73 16.25 47.21 4.75
CA GLN C 73 17.62 46.74 4.51
C GLN C 73 17.81 45.25 4.59
N VAL C 74 18.65 44.69 3.71
CA VAL C 74 18.97 43.27 3.68
C VAL C 74 20.47 43.14 3.89
N MET C 75 20.87 42.63 5.06
CA MET C 75 22.28 42.48 5.42
C MET C 75 22.61 41.01 5.46
N GLU C 76 23.40 40.50 4.51
CA GLU C 76 23.73 39.08 4.46
C GLU C 76 25.20 38.78 4.66
N THR C 77 25.52 37.85 5.57
CA THR C 77 26.89 37.38 5.80
C THR C 77 27.00 35.94 5.21
N GLU C 78 28.13 35.24 5.42
CA GLU C 78 28.28 33.87 4.91
C GLU C 78 27.35 32.87 5.62
N ARG C 79 26.97 33.14 6.90
CA ARG C 79 26.07 32.22 7.61
C ARG C 79 24.79 32.87 8.13
N MET C 80 24.73 34.21 8.21
CA MET C 80 23.54 34.90 8.73
C MET C 80 22.83 35.79 7.70
N ILE C 81 21.55 36.05 7.90
CA ILE C 81 20.77 36.97 7.08
C ILE C 81 19.88 37.84 8.01
N TYR C 82 20.02 39.16 7.90
CA TYR C 82 19.27 40.11 8.73
C TYR C 82 18.34 40.88 7.82
N LEU C 83 17.07 40.95 8.18
CA LEU C 83 16.07 41.64 7.36
C LEU C 83 15.42 42.77 8.12
N VAL C 84 15.83 44.01 7.83
CA VAL C 84 15.29 45.18 8.52
C VAL C 84 14.03 45.70 7.88
N THR C 85 12.92 45.66 8.61
CA THR C 85 11.60 46.14 8.18
C THR C 85 11.12 47.27 9.13
N GLU C 86 10.01 47.96 8.78
CA GLU C 86 9.47 48.98 9.67
C GLU C 86 8.85 48.34 10.89
N TYR C 87 8.84 49.08 12.01
CA TYR C 87 8.27 48.57 13.24
C TYR C 87 6.89 49.15 13.46
N ALA C 88 5.93 48.27 13.79
CA ALA C 88 4.56 48.62 14.11
C ALA C 88 4.47 48.71 15.63
N SER C 89 4.11 49.88 16.15
CA SER C 89 4.02 50.11 17.60
C SER C 89 2.77 49.51 18.25
N GLY C 90 1.62 49.65 17.59
CA GLY C 90 0.35 49.17 18.09
C GLY C 90 0.08 47.67 17.99
N GLY C 91 1.13 46.86 17.82
CA GLY C 91 1.00 45.41 17.76
C GLY C 91 -0.03 44.86 16.80
N GLU C 92 -0.52 43.64 17.03
CA GLU C 92 -1.50 42.98 16.14
C GLU C 92 -2.91 43.50 16.32
N ILE C 93 -3.72 43.39 15.25
CA ILE C 93 -5.14 43.75 15.38
C ILE C 93 -5.85 42.73 16.29
N PHE C 94 -5.31 41.49 16.41
CA PHE C 94 -5.87 40.47 17.30
C PHE C 94 -5.76 40.94 18.74
N ASP C 95 -4.56 41.42 19.14
CA ASP C 95 -4.34 41.92 20.50
C ASP C 95 -5.17 43.18 20.82
N HIS C 96 -5.59 43.92 19.78
CA HIS C 96 -6.44 45.09 19.96
C HIS C 96 -7.86 44.63 20.28
N LEU C 97 -8.38 43.64 19.51
CA LEU C 97 -9.73 43.08 19.69
C LEU C 97 -9.88 42.37 21.02
N VAL C 98 -8.80 41.74 21.50
CA VAL C 98 -8.83 41.08 22.80
C VAL C 98 -8.98 42.15 23.89
N ALA C 99 -8.23 43.24 23.79
CA ALA C 99 -8.25 44.30 24.77
C ALA C 99 -9.44 45.25 24.73
N HIS C 100 -10.03 45.48 23.53
CA HIS C 100 -11.13 46.45 23.43
C HIS C 100 -12.43 45.94 22.82
N GLY C 101 -12.45 44.68 22.42
CA GLY C 101 -13.64 44.09 21.82
C GLY C 101 -13.85 44.53 20.39
N ARG C 102 -15.02 44.22 19.83
CA ARG C 102 -15.38 44.59 18.47
C ARG C 102 -15.36 46.10 18.29
N MET C 103 -15.10 46.52 17.05
CA MET C 103 -15.10 47.93 16.72
C MET C 103 -16.48 48.34 16.24
N ALA C 104 -16.75 49.65 16.31
CA ALA C 104 -17.97 50.23 15.74
C ALA C 104 -17.81 50.13 14.22
N GLU C 105 -18.91 50.07 13.46
CA GLU C 105 -18.79 49.94 12.00
C GLU C 105 -18.05 51.14 11.35
N LYS C 106 -17.92 52.25 12.09
CA LYS C 106 -17.19 53.45 11.68
C LYS C 106 -15.68 53.16 11.82
N GLU C 107 -15.23 52.57 12.93
CA GLU C 107 -13.80 52.25 13.10
C GLU C 107 -13.42 51.09 12.17
N ALA C 108 -14.24 50.01 12.16
CA ALA C 108 -13.97 48.83 11.34
C ALA C 108 -13.93 49.16 9.85
N ARG C 109 -14.79 50.05 9.35
CA ARG C 109 -14.77 50.42 7.93
C ARG C 109 -13.52 51.21 7.61
N ARG C 110 -13.06 52.08 8.52
CA ARG C 110 -11.82 52.83 8.28
C ARG C 110 -10.62 51.89 8.18
N LYS C 111 -10.49 50.91 9.10
CA LYS C 111 -9.40 49.94 9.07
C LYS C 111 -9.55 48.95 7.92
N PHE C 112 -10.78 48.59 7.55
CA PHE C 112 -11.04 47.68 6.43
C PHE C 112 -10.64 48.33 5.10
N LYS C 113 -10.97 49.64 4.94
CA LYS C 113 -10.61 50.42 3.76
C LYS C 113 -9.08 50.54 3.56
N GLN C 114 -8.27 50.19 4.58
CA GLN C 114 -6.82 50.21 4.51
C GLN C 114 -6.31 48.81 4.16
N ILE C 115 -6.96 47.77 4.69
CA ILE C 115 -6.67 46.38 4.39
C ILE C 115 -6.93 46.13 2.89
N VAL C 116 -8.14 46.48 2.39
CA VAL C 116 -8.46 46.29 0.97
C VAL C 116 -7.55 47.13 0.05
N THR C 117 -7.04 48.26 0.55
CA THR C 117 -6.15 49.12 -0.20
C THR C 117 -4.83 48.38 -0.48
N ALA C 118 -4.33 47.62 0.51
CA ALA C 118 -3.09 46.85 0.40
C ALA C 118 -3.28 45.55 -0.37
N VAL C 119 -4.44 44.92 -0.22
CA VAL C 119 -4.76 43.66 -0.88
C VAL C 119 -4.98 43.89 -2.38
N TYR C 120 -5.67 44.99 -2.73
CA TYR C 120 -5.92 45.38 -4.12
C TYR C 120 -4.60 45.72 -4.80
N PHE C 121 -3.69 46.42 -4.09
CA PHE C 121 -2.37 46.78 -4.58
C PHE C 121 -1.55 45.52 -4.88
N CYS C 122 -1.66 44.49 -4.03
CA CYS C 122 -0.98 43.22 -4.20
C CYS C 122 -1.51 42.54 -5.45
N HIS C 123 -2.83 42.34 -5.55
CA HIS C 123 -3.44 41.68 -6.69
C HIS C 123 -3.21 42.44 -8.00
N SER C 124 -2.85 43.74 -7.95
CA SER C 124 -2.50 44.56 -9.13
C SER C 124 -1.14 44.12 -9.64
N ARG C 125 -0.22 43.87 -8.71
CA ARG C 125 1.11 43.41 -9.05
C ARG C 125 1.17 41.85 -9.17
N ASN C 126 0.00 41.17 -9.15
CA ASN C 126 -0.19 39.71 -9.26
C ASN C 126 0.44 38.92 -8.09
N ILE C 127 0.27 39.41 -6.87
CA ILE C 127 0.77 38.75 -5.69
C ILE C 127 -0.42 38.44 -4.78
N VAL C 128 -0.52 37.21 -4.29
CA VAL C 128 -1.57 36.83 -3.35
C VAL C 128 -0.91 36.66 -1.99
N HIS C 129 -1.46 37.26 -0.92
CA HIS C 129 -0.85 37.11 0.41
C HIS C 129 -1.03 35.68 0.96
N ARG C 130 -2.22 35.10 0.79
CA ARG C 130 -2.61 33.74 1.18
C ARG C 130 -2.48 33.39 2.67
N ASP C 131 -2.42 34.41 3.54
CA ASP C 131 -2.36 34.22 4.99
C ASP C 131 -2.95 35.41 5.73
N LEU C 132 -4.01 36.02 5.16
CA LEU C 132 -4.65 37.17 5.79
C LEU C 132 -5.44 36.78 7.04
N LYS C 133 -4.81 36.94 8.23
CA LYS C 133 -5.40 36.69 9.55
C LYS C 133 -5.32 37.95 10.41
N ALA C 134 -6.17 38.09 11.46
CA ALA C 134 -6.15 39.29 12.31
C ALA C 134 -4.77 39.61 12.89
N GLU C 135 -4.07 38.57 13.38
CA GLU C 135 -2.72 38.71 13.91
C GLU C 135 -1.71 39.22 12.89
N ASN C 136 -1.97 38.99 11.59
CA ASN C 136 -1.10 39.50 10.51
C ASN C 136 -1.36 40.96 10.14
N LEU C 137 -2.47 41.56 10.64
CA LEU C 137 -2.75 42.97 10.37
C LEU C 137 -2.20 43.82 11.50
N LEU C 138 -0.92 44.23 11.43
CA LEU C 138 -0.32 45.07 12.47
C LEU C 138 -0.90 46.49 12.49
N LEU C 139 -0.65 47.22 13.56
CA LEU C 139 -1.15 48.58 13.75
C LEU C 139 0.04 49.48 14.08
N ASP C 140 0.10 50.69 13.48
CA ASP C 140 1.21 51.59 13.78
C ASP C 140 0.91 52.44 15.05
N ALA C 141 1.60 53.59 15.24
CA ALA C 141 1.37 54.49 16.38
C ALA C 141 -0.05 55.07 16.39
N ASN C 142 -0.62 55.34 15.22
CA ASN C 142 -1.98 55.91 15.13
C ASN C 142 -3.03 54.90 14.68
N LEU C 143 -2.82 53.62 15.01
CA LEU C 143 -3.69 52.50 14.68
C LEU C 143 -4.02 52.39 13.19
N ASN C 144 -2.99 52.51 12.35
CA ASN C 144 -3.12 52.35 10.90
C ASN C 144 -2.70 50.93 10.55
N ILE C 145 -3.49 50.31 9.68
CA ILE C 145 -3.30 48.94 9.20
C ILE C 145 -2.00 48.80 8.43
N LYS C 146 -1.29 47.68 8.66
CA LYS C 146 -0.03 47.36 8.02
C LYS C 146 0.02 45.87 7.81
N ILE C 147 -0.16 45.38 6.59
CA ILE C 147 -0.10 43.94 6.31
C ILE C 147 1.32 43.38 6.47
N ALA C 148 1.46 42.36 7.29
CA ALA C 148 2.75 41.73 7.58
C ALA C 148 2.73 40.24 7.16
N ASP C 149 3.90 39.55 7.21
CA ASP C 149 4.01 38.11 6.95
C ASP C 149 3.67 37.68 5.52
N PHE C 150 4.53 38.04 4.56
CA PHE C 150 4.36 37.57 3.18
C PHE C 150 5.03 36.19 3.02
N GLY C 151 4.91 35.36 4.06
CA GLY C 151 5.51 34.02 4.15
C GLY C 151 4.85 33.03 3.22
N PHE C 152 3.53 32.98 3.22
CA PHE C 152 2.80 32.09 2.30
C PHE C 152 2.47 32.76 0.96
N SER C 153 2.87 34.04 0.79
CA SER C 153 2.57 34.77 -0.43
C SER C 153 3.36 34.28 -1.62
N ASN C 154 2.80 34.49 -2.81
CA ASN C 154 3.40 34.03 -4.05
C ASN C 154 2.78 34.75 -5.26
N LEU C 155 3.38 34.60 -6.44
CA LEU C 155 2.86 35.19 -7.68
C LEU C 155 1.65 34.36 -8.17
N PHE C 156 0.85 34.93 -9.08
CA PHE C 156 -0.28 34.22 -9.67
C PHE C 156 -0.58 34.79 -11.06
N THR C 157 -1.25 33.98 -11.89
CA THR C 157 -1.65 34.42 -13.22
C THR C 157 -3.16 34.52 -13.19
N PRO C 158 -3.72 35.70 -13.50
CA PRO C 158 -5.19 35.83 -13.51
C PRO C 158 -5.83 34.83 -14.49
N GLY C 159 -6.75 34.02 -13.97
CA GLY C 159 -7.42 32.99 -14.76
C GLY C 159 -6.92 31.59 -14.50
N GLN C 160 -5.68 31.44 -14.00
CA GLN C 160 -5.09 30.13 -13.72
C GLN C 160 -5.21 29.76 -12.25
N LEU C 161 -5.16 28.45 -11.93
CA LEU C 161 -5.30 28.00 -10.56
C LEU C 161 -4.01 27.66 -9.87
N LEU C 162 -3.90 28.06 -8.60
CA LEU C 162 -2.74 27.74 -7.77
C LEU C 162 -2.98 26.41 -7.02
N LYS C 163 -1.91 25.80 -6.48
CA LYS C 163 -2.04 24.51 -5.80
C LYS C 163 -1.28 24.39 -4.48
N TRP C 165 -1.22 24.43 -0.88
CA TRP C 165 -2.17 24.49 0.23
C TRP C 165 -1.49 25.01 1.48
N CYS C 166 -1.76 26.28 1.77
CA CYS C 166 -1.21 27.02 2.88
C CYS C 166 -2.23 28.09 3.34
N GLY C 167 -2.12 28.49 4.60
CA GLY C 167 -3.02 29.47 5.18
C GLY C 167 -3.51 28.99 6.54
N SER C 168 -3.73 29.91 7.49
CA SER C 168 -4.17 29.55 8.83
C SER C 168 -5.63 29.07 8.82
N PRO C 169 -5.92 27.96 9.51
CA PRO C 169 -7.28 27.40 9.47
C PRO C 169 -8.46 28.34 9.79
N PRO C 170 -8.52 29.15 10.89
CA PRO C 170 -9.71 30.00 11.11
C PRO C 170 -10.01 31.01 9.99
N TYR C 171 -9.04 31.26 9.10
CA TYR C 171 -9.21 32.21 8.02
C TYR C 171 -9.15 31.57 6.64
N ALA C 172 -8.87 30.26 6.55
CA ALA C 172 -8.76 29.56 5.28
C ALA C 172 -10.11 29.36 4.62
N ALA C 173 -10.10 29.35 3.29
CA ALA C 173 -11.28 29.13 2.47
C ALA C 173 -11.56 27.62 2.39
N PRO C 174 -12.83 27.22 2.22
CA PRO C 174 -13.14 25.77 2.14
C PRO C 174 -12.36 25.02 1.06
N GLU C 175 -11.95 25.70 -0.03
CA GLU C 175 -11.17 25.14 -1.16
C GLU C 175 -9.77 24.66 -0.74
N LEU C 176 -9.24 25.24 0.35
CA LEU C 176 -7.94 24.93 0.95
C LEU C 176 -8.05 23.80 1.95
N PHE C 177 -9.20 23.69 2.62
CA PHE C 177 -9.51 22.60 3.54
C PHE C 177 -9.70 21.34 2.71
N GLU C 178 -10.50 21.43 1.64
CA GLU C 178 -10.75 20.30 0.75
C GLU C 178 -9.53 19.85 -0.07
N GLY C 179 -8.54 20.72 -0.21
CA GLY C 179 -7.35 20.40 -1.00
C GLY C 179 -7.66 20.46 -2.48
N LYS C 180 -8.27 21.58 -2.92
CA LYS C 180 -8.64 21.81 -4.32
C LYS C 180 -7.74 22.86 -4.95
N GLU C 181 -7.54 22.78 -6.28
CA GLU C 181 -6.77 23.80 -6.99
C GLU C 181 -7.67 25.05 -7.03
N TYR C 182 -7.26 26.07 -6.29
CA TYR C 182 -8.00 27.29 -6.05
C TYR C 182 -7.55 28.51 -6.90
N ASP C 183 -8.37 29.57 -6.92
CA ASP C 183 -8.03 30.82 -7.56
C ASP C 183 -7.36 31.65 -6.48
N GLY C 184 -6.25 32.28 -6.83
CA GLY C 184 -5.50 33.10 -5.88
C GLY C 184 -6.30 34.17 -5.16
N PRO C 185 -6.81 35.18 -5.90
CA PRO C 185 -7.55 36.28 -5.24
C PRO C 185 -8.83 35.90 -4.50
N LYS C 186 -9.58 34.88 -4.95
CA LYS C 186 -10.81 34.47 -4.24
C LYS C 186 -10.49 33.93 -2.84
N VAL C 187 -9.31 33.33 -2.67
CA VAL C 187 -8.89 32.80 -1.38
C VAL C 187 -8.53 33.96 -0.40
N ASP C 188 -8.08 35.11 -0.91
CA ASP C 188 -7.83 36.29 -0.10
C ASP C 188 -9.16 37.04 0.20
N ILE C 189 -10.12 36.98 -0.74
CA ILE C 189 -11.45 37.57 -0.58
C ILE C 189 -12.20 36.81 0.54
N TRP C 190 -12.03 35.48 0.65
CA TRP C 190 -12.66 34.73 1.73
C TRP C 190 -12.01 35.15 3.05
N SER C 191 -10.69 35.25 3.07
CA SER C 191 -9.96 35.65 4.28
C SER C 191 -10.32 37.08 4.68
N LEU C 192 -10.71 37.96 3.72
CA LEU C 192 -11.14 39.33 3.99
C LEU C 192 -12.51 39.37 4.66
N GLY C 193 -13.38 38.44 4.25
CA GLY C 193 -14.72 38.32 4.83
C GLY C 193 -14.64 37.91 6.27
N VAL C 194 -13.74 36.95 6.58
CA VAL C 194 -13.51 36.49 7.94
C VAL C 194 -12.95 37.65 8.79
N VAL C 195 -12.00 38.43 8.25
CA VAL C 195 -11.41 39.59 8.91
C VAL C 195 -12.48 40.64 9.17
N LEU C 196 -13.34 40.93 8.18
CA LEU C 196 -14.41 41.91 8.38
C LEU C 196 -15.34 41.52 9.53
N TYR C 197 -15.71 40.24 9.63
CA TYR C 197 -16.57 39.72 10.70
C TYR C 197 -15.89 39.82 12.07
N VAL C 198 -14.59 39.49 12.12
CA VAL C 198 -13.78 39.55 13.34
C VAL C 198 -13.69 41.02 13.86
N LEU C 199 -13.61 42.00 12.94
CA LEU C 199 -13.52 43.42 13.29
C LEU C 199 -14.82 43.98 13.85
N VAL C 200 -15.96 43.53 13.32
CA VAL C 200 -17.25 44.04 13.75
C VAL C 200 -17.90 43.24 14.87
N CYS C 201 -17.49 41.96 15.07
CA CYS C 201 -18.08 41.13 16.11
C CYS C 201 -17.13 40.81 17.25
N GLY C 202 -15.84 40.86 17.00
CA GLY C 202 -14.83 40.52 18.02
C GLY C 202 -14.84 39.04 18.35
N ALA C 203 -15.13 38.23 17.32
CA ALA C 203 -15.24 36.78 17.35
C ALA C 203 -15.15 36.25 15.91
N LEU C 204 -14.83 34.96 15.76
CA LEU C 204 -14.69 34.35 14.44
C LEU C 204 -16.03 33.98 13.85
N PRO C 205 -16.20 34.07 12.51
CA PRO C 205 -17.44 33.56 11.90
C PRO C 205 -17.60 32.05 12.14
N PHE C 206 -16.49 31.29 12.05
CA PHE C 206 -16.46 29.85 12.24
C PHE C 206 -15.39 29.58 13.25
N ASP C 207 -15.71 28.77 14.26
CA ASP C 207 -14.83 28.41 15.37
C ASP C 207 -15.21 27.03 15.91
N GLY C 208 -14.37 26.44 16.74
CA GLY C 208 -14.62 25.15 17.37
C GLY C 208 -13.56 24.77 18.37
N SER C 209 -13.76 23.64 19.09
CA SER C 209 -12.78 23.21 20.10
C SER C 209 -11.50 22.71 19.44
N THR C 210 -11.63 22.03 18.29
CA THR C 210 -10.48 21.50 17.57
C THR C 210 -10.50 21.94 16.10
N LEU C 211 -9.37 21.73 15.39
CA LEU C 211 -9.18 22.01 13.98
C LEU C 211 -10.23 21.26 13.15
N GLN C 212 -10.58 20.03 13.56
CA GLN C 212 -11.60 19.22 12.88
C GLN C 212 -12.98 19.81 13.06
N ASN C 213 -13.27 20.33 14.25
CA ASN C 213 -14.54 20.97 14.53
C ASN C 213 -14.67 22.25 13.71
N LEU C 214 -13.60 23.04 13.67
CA LEU C 214 -13.50 24.29 12.91
C LEU C 214 -13.55 24.01 11.40
N ARG C 215 -13.00 22.88 10.94
CA ARG C 215 -13.00 22.45 9.55
C ARG C 215 -14.41 22.20 9.06
N ALA C 216 -15.21 21.45 9.84
CA ALA C 216 -16.62 21.16 9.52
C ALA C 216 -17.44 22.47 9.43
N ARG C 217 -17.13 23.42 10.32
CA ARG C 217 -17.72 24.74 10.42
C ARG C 217 -17.46 25.56 9.16
N VAL C 218 -16.19 25.67 8.73
CA VAL C 218 -15.84 26.44 7.54
C VAL C 218 -16.47 25.84 6.29
N LEU C 219 -16.45 24.51 6.20
CA LEU C 219 -17.04 23.79 5.07
C LEU C 219 -18.57 23.93 4.99
N SER C 220 -19.22 24.25 6.10
CA SER C 220 -20.67 24.44 6.14
C SER C 220 -21.08 25.80 5.55
N GLY C 221 -20.22 26.80 5.71
CA GLY C 221 -20.47 28.16 5.25
C GLY C 221 -21.49 28.92 6.09
N LYS C 222 -21.97 28.31 7.18
CA LYS C 222 -22.98 28.94 8.02
C LYS C 222 -22.38 29.67 9.21
N PHE C 223 -22.74 30.94 9.34
CA PHE C 223 -22.29 31.83 10.40
C PHE C 223 -23.46 32.72 10.86
N ARG C 224 -23.39 33.19 12.10
CA ARG C 224 -24.45 34.00 12.65
C ARG C 224 -24.28 35.47 12.31
N ILE C 225 -25.37 36.14 11.91
CA ILE C 225 -25.35 37.58 11.67
C ILE C 225 -25.96 38.21 12.91
N PRO C 226 -25.16 38.98 13.67
CA PRO C 226 -25.67 39.55 14.91
C PRO C 226 -26.57 40.77 14.75
N PHE C 227 -27.23 41.18 15.83
CA PHE C 227 -28.14 42.30 15.85
C PHE C 227 -27.44 43.63 15.63
N PHE C 228 -26.22 43.80 16.17
CA PHE C 228 -25.45 45.04 15.98
C PHE C 228 -24.89 45.21 14.57
N MET C 229 -24.96 44.16 13.74
CA MET C 229 -24.41 44.23 12.38
C MET C 229 -25.46 44.81 11.46
N SER C 230 -25.12 45.91 10.77
CA SER C 230 -25.99 46.59 9.84
C SER C 230 -26.34 45.70 8.63
N THR C 231 -27.42 46.05 7.93
CA THR C 231 -27.86 45.30 6.74
C THR C 231 -26.81 45.38 5.63
N GLU C 232 -26.19 46.56 5.45
CA GLU C 232 -25.17 46.77 4.43
C GLU C 232 -23.94 45.93 4.75
N CYS C 233 -23.56 45.85 6.03
CA CYS C 233 -22.41 45.05 6.47
C CYS C 233 -22.69 43.57 6.32
N GLU C 234 -23.91 43.13 6.66
CA GLU C 234 -24.38 41.75 6.53
C GLU C 234 -24.31 41.35 5.05
N HIS C 235 -24.75 42.23 4.15
CA HIS C 235 -24.72 41.94 2.71
C HIS C 235 -23.28 41.80 2.25
N LEU C 236 -22.40 42.70 2.68
CA LEU C 236 -20.99 42.64 2.30
C LEU C 236 -20.33 41.33 2.74
N ILE C 237 -20.35 41.01 4.04
CA ILE C 237 -19.77 39.77 4.56
C ILE C 237 -20.36 38.54 3.89
N ARG C 238 -21.68 38.50 3.75
CA ARG C 238 -22.37 37.38 3.15
C ARG C 238 -21.95 37.12 1.73
N HIS C 239 -21.61 38.18 0.98
CA HIS C 239 -21.19 38.03 -0.42
C HIS C 239 -19.68 37.83 -0.63
N MET C 240 -18.92 37.69 0.46
CA MET C 240 -17.48 37.41 0.45
C MET C 240 -17.23 36.01 1.04
N LEU C 241 -18.04 35.61 2.04
CA LEU C 241 -17.95 34.30 2.68
C LEU C 241 -18.94 33.35 1.99
N VAL C 242 -18.77 33.17 0.67
CA VAL C 242 -19.60 32.30 -0.17
C VAL C 242 -18.82 31.01 -0.43
N LEU C 243 -19.45 29.82 -0.32
CA LEU C 243 -18.75 28.57 -0.57
C LEU C 243 -18.21 28.42 -2.00
N ASP C 244 -19.02 28.78 -3.02
CA ASP C 244 -18.59 28.72 -4.41
C ASP C 244 -17.76 29.94 -4.69
N PRO C 245 -16.47 29.79 -5.01
CA PRO C 245 -15.61 30.95 -5.21
C PRO C 245 -16.05 31.84 -6.36
N ASN C 246 -16.60 31.24 -7.43
CA ASN C 246 -17.07 31.96 -8.60
C ASN C 246 -18.25 32.89 -8.31
N LYS C 247 -18.86 32.80 -7.10
CA LYS C 247 -19.96 33.65 -6.70
C LYS C 247 -19.59 34.67 -5.61
N ARG C 248 -18.28 34.87 -5.36
CA ARG C 248 -17.81 35.85 -4.38
C ARG C 248 -17.50 37.16 -5.07
N LEU C 249 -17.61 38.27 -4.31
CA LEU C 249 -17.32 39.60 -4.83
C LEU C 249 -15.87 39.70 -5.30
N SER C 250 -15.61 40.46 -6.37
CA SER C 250 -14.25 40.73 -6.79
C SER C 250 -13.72 41.91 -5.92
N MET C 251 -12.41 42.15 -5.92
CA MET C 251 -11.82 43.23 -5.12
C MET C 251 -12.41 44.61 -5.46
N GLU C 252 -12.85 44.80 -6.71
CA GLU C 252 -13.46 46.08 -7.14
C GLU C 252 -14.90 46.18 -6.70
N GLN C 253 -15.63 45.05 -6.62
CA GLN C 253 -17.01 45.04 -6.16
C GLN C 253 -17.09 45.39 -4.67
N ILE C 254 -16.08 44.95 -3.89
CA ILE C 254 -15.97 45.22 -2.47
C ILE C 254 -15.79 46.73 -2.23
N CYS C 255 -15.03 47.42 -3.10
CA CYS C 255 -14.80 48.85 -2.99
C CYS C 255 -16.08 49.63 -3.30
N LYS C 256 -16.81 49.21 -4.34
CA LYS C 256 -18.06 49.86 -4.73
C LYS C 256 -19.28 49.42 -3.90
N HIS C 257 -19.08 48.56 -2.87
CA HIS C 257 -20.19 48.07 -2.06
C HIS C 257 -20.91 49.21 -1.32
N LYS C 258 -22.25 49.09 -1.12
CA LYS C 258 -23.05 50.12 -0.44
C LYS C 258 -22.53 50.42 0.97
N TRP C 259 -21.99 49.42 1.68
CA TRP C 259 -21.43 49.62 3.02
C TRP C 259 -20.13 50.43 3.00
N MET C 260 -19.38 50.35 1.89
CA MET C 260 -18.13 51.08 1.73
C MET C 260 -18.38 52.58 1.52
N LYS C 261 -19.50 52.93 0.88
CA LYS C 261 -19.89 54.35 0.67
C LYS C 261 -20.77 54.90 1.81
N LEU C 262 -20.92 54.14 2.91
CA LEU C 262 -21.81 54.51 4.00
C LEU C 262 -21.23 55.50 4.99
N GLY C 263 -19.91 55.58 5.08
CA GLY C 263 -19.29 56.49 6.04
C GLY C 263 -19.27 57.92 5.55
N ASP C 264 -18.30 58.68 6.06
CA ASP C 264 -18.08 60.05 5.62
C ASP C 264 -17.20 59.98 4.34
N ALA C 265 -17.17 61.05 3.55
CA ALA C 265 -16.36 61.08 2.33
C ALA C 265 -14.88 60.75 2.58
N ASP C 266 -14.37 59.67 1.97
CA ASP C 266 -12.96 59.26 2.15
C ASP C 266 -12.21 59.38 0.84
N PRO C 267 -11.62 60.55 0.57
CA PRO C 267 -10.90 60.72 -0.71
C PRO C 267 -9.55 59.99 -0.77
N ASN C 268 -8.96 59.72 0.40
CA ASN C 268 -7.67 59.03 0.50
C ASN C 268 -7.80 57.61 0.01
N PHE C 269 -8.89 56.92 0.36
CA PHE C 269 -9.17 55.55 -0.06
C PHE C 269 -9.31 55.47 -1.58
N ASP C 270 -10.16 56.33 -2.17
CA ASP C 270 -10.39 56.34 -3.61
C ASP C 270 -9.14 56.63 -4.41
N ARG C 271 -8.27 57.51 -3.89
CA ARG C 271 -7.02 57.86 -4.55
C ARG C 271 -6.06 56.65 -4.49
N LEU C 272 -6.00 55.98 -3.33
CA LEU C 272 -5.11 54.83 -3.16
C LEU C 272 -5.48 53.64 -4.03
N ILE C 273 -6.79 53.36 -4.21
CA ILE C 273 -7.18 52.25 -5.07
C ILE C 273 -7.09 52.66 -6.57
N ALA C 274 -7.15 53.96 -6.89
CA ALA C 274 -6.99 54.44 -8.26
C ALA C 274 -5.54 54.29 -8.70
N GLU C 275 -4.57 54.41 -7.77
CA GLU C 275 -3.15 54.26 -8.07
C GLU C 275 -2.75 52.81 -8.40
N SER C 276 -3.60 51.84 -8.07
CA SER C 276 -3.38 50.42 -8.37
C SER C 276 -3.94 50.01 -9.75
N GLN C 277 -4.74 50.89 -10.39
CA GLN C 277 -5.30 50.66 -11.72
C GLN C 277 -4.48 51.33 -12.84
N GLN C 278 -3.46 52.15 -12.50
CA GLN C 278 -2.65 52.82 -13.53
C GLN C 278 -1.19 52.37 -13.54
N PRO C 287 9.30 62.37 -6.81
CA PRO C 287 10.76 62.47 -7.04
C PRO C 287 11.59 62.48 -5.74
N LEU C 288 12.92 62.41 -5.86
CA LEU C 288 13.84 62.44 -4.72
C LEU C 288 13.76 63.77 -3.97
N ASN C 289 13.67 63.72 -2.64
CA ASN C 289 13.59 64.92 -1.81
C ASN C 289 14.94 65.59 -1.60
N GLU C 290 15.04 66.89 -1.93
CA GLU C 290 16.27 67.63 -1.68
C GLU C 290 16.46 67.84 -0.15
N ASP C 291 15.37 67.74 0.66
CA ASP C 291 15.39 67.87 2.12
C ASP C 291 16.11 66.67 2.74
N VAL C 292 15.80 65.43 2.26
CA VAL C 292 16.46 64.23 2.76
C VAL C 292 17.87 64.12 2.15
N LEU C 293 18.03 64.50 0.85
CA LEU C 293 19.32 64.49 0.15
C LEU C 293 20.34 65.41 0.83
N LEU C 294 19.96 66.68 1.13
CA LEU C 294 20.89 67.62 1.77
C LEU C 294 21.24 67.19 3.20
N ALA C 295 20.35 66.43 3.88
CA ALA C 295 20.66 65.92 5.21
C ALA C 295 21.66 64.76 5.11
N MET C 296 21.50 63.90 4.11
CA MET C 296 22.45 62.81 3.86
C MET C 296 23.79 63.36 3.39
N GLU C 297 23.78 64.48 2.64
CA GLU C 297 24.96 65.21 2.18
C GLU C 297 25.70 65.77 3.40
N ASP C 298 24.95 66.33 4.36
CA ASP C 298 25.44 66.88 5.63
C ASP C 298 26.16 65.80 6.46
N MET C 299 25.68 64.54 6.35
CA MET C 299 26.23 63.34 6.97
C MET C 299 27.22 62.65 5.99
N GLY C 300 28.08 63.46 5.37
CA GLY C 300 29.10 63.06 4.41
C GLY C 300 29.06 61.69 3.77
N LEU C 301 28.03 61.44 2.91
CA LEU C 301 27.85 60.17 2.20
C LEU C 301 27.17 60.43 0.82
N ASP C 302 28.03 60.63 -0.22
CA ASP C 302 27.81 60.96 -1.64
C ASP C 302 26.40 60.68 -2.24
N LYS C 303 25.87 61.69 -2.97
CA LYS C 303 24.57 61.74 -3.65
C LYS C 303 24.46 60.74 -4.81
N GLU C 304 25.57 60.50 -5.53
CA GLU C 304 25.58 59.56 -6.65
C GLU C 304 25.27 58.13 -6.20
N GLN C 305 25.84 57.69 -5.06
CA GLN C 305 25.57 56.35 -4.56
C GLN C 305 24.19 56.25 -3.92
N THR C 306 23.65 57.36 -3.36
CA THR C 306 22.31 57.35 -2.78
C THR C 306 21.27 57.13 -3.90
N LEU C 307 21.49 57.77 -5.06
CA LEU C 307 20.63 57.64 -6.23
C LEU C 307 20.81 56.27 -6.90
N GLN C 308 22.06 55.79 -7.00
CA GLN C 308 22.38 54.49 -7.59
C GLN C 308 21.73 53.36 -6.79
N SER C 309 21.86 53.43 -5.45
CA SER C 309 21.30 52.44 -4.51
C SER C 309 19.77 52.40 -4.55
N LEU C 310 19.15 53.55 -4.82
CA LEU C 310 17.70 53.70 -4.88
C LEU C 310 17.11 53.08 -6.15
N ARG C 311 17.72 53.37 -7.32
CA ARG C 311 17.22 52.84 -8.59
C ARG C 311 17.58 51.35 -8.83
N SER C 312 18.72 50.88 -8.29
CA SER C 312 19.11 49.47 -8.47
C SER C 312 18.51 48.50 -7.44
N ASP C 313 17.58 48.99 -6.57
CA ASP C 313 16.93 48.21 -5.50
C ASP C 313 18.00 47.53 -4.65
N ALA C 314 18.98 48.30 -4.16
CA ALA C 314 20.10 47.74 -3.43
C ALA C 314 19.77 47.30 -1.99
N TYR C 315 18.94 48.09 -1.29
CA TYR C 315 18.57 47.83 0.11
C TYR C 315 19.81 47.72 0.99
N ASP C 316 20.69 48.72 0.83
CA ASP C 316 21.98 48.89 1.50
C ASP C 316 21.91 50.03 2.55
N HIS C 317 23.05 50.48 3.12
CA HIS C 317 23.02 51.57 4.10
C HIS C 317 22.63 52.90 3.46
N TYR C 318 22.88 53.10 2.16
CA TYR C 318 22.46 54.32 1.47
C TYR C 318 20.95 54.31 1.23
N SER C 319 20.41 53.20 0.69
CA SER C 319 18.98 53.10 0.40
C SER C 319 18.16 53.11 1.68
N ALA C 320 18.62 52.41 2.73
CA ALA C 320 17.90 52.37 4.00
C ALA C 320 17.86 53.72 4.73
N ILE C 321 19.00 54.43 4.85
CA ILE C 321 19.05 55.74 5.50
C ILE C 321 18.12 56.74 4.82
N TYR C 322 17.97 56.64 3.49
CA TYR C 322 17.07 57.51 2.74
C TYR C 322 15.60 57.20 3.08
N SER C 323 15.21 55.93 2.97
CA SER C 323 13.83 55.51 3.21
C SER C 323 13.38 55.73 4.64
N LEU C 324 14.26 55.45 5.63
CA LEU C 324 13.95 55.66 7.04
C LEU C 324 13.80 57.15 7.35
N LEU C 325 14.65 57.98 6.74
CA LEU C 325 14.62 59.44 6.87
C LEU C 325 13.37 60.05 6.25
N CYS C 326 12.80 59.40 5.22
CA CYS C 326 11.59 59.86 4.55
C CYS C 326 10.38 59.58 5.40
N ASP C 327 10.35 58.43 6.09
CA ASP C 327 9.22 58.01 6.91
C ASP C 327 9.41 58.36 8.38
N GLU D 1 -2.89 29.47 46.30
CA GLU D 1 -3.25 30.86 46.60
C GLU D 1 -3.73 31.67 45.37
N VAL D 2 -3.92 31.01 44.22
CA VAL D 2 -4.41 31.71 43.04
C VAL D 2 -5.89 31.95 43.24
N GLN D 3 -6.33 33.22 43.18
CA GLN D 3 -7.75 33.53 43.35
C GLN D 3 -8.26 34.54 42.31
N LEU D 4 -9.57 34.50 42.05
CA LEU D 4 -10.21 35.39 41.07
C LEU D 4 -11.00 36.49 41.76
N VAL D 5 -10.46 37.70 41.77
CA VAL D 5 -11.09 38.83 42.42
C VAL D 5 -12.09 39.57 41.51
N GLN D 6 -13.33 39.70 41.93
CA GLN D 6 -14.36 40.36 41.13
C GLN D 6 -14.75 41.75 41.62
N SER D 7 -15.28 42.57 40.70
CA SER D 7 -15.75 43.91 41.01
C SER D 7 -17.05 43.85 41.85
N GLY D 8 -17.35 44.94 42.54
CA GLY D 8 -18.51 45.01 43.43
C GLY D 8 -19.88 44.99 42.78
N ALA D 9 -20.89 44.74 43.63
CA ALA D 9 -22.31 44.67 43.28
C ALA D 9 -22.79 45.99 42.68
N GLY D 10 -23.53 45.91 41.60
CA GLY D 10 -24.07 47.10 40.95
C GLY D 10 -25.58 47.14 40.77
N VAL D 11 -26.14 48.34 40.80
CA VAL D 11 -27.56 48.55 40.54
C VAL D 11 -27.63 49.33 39.22
N LYS D 12 -28.27 48.76 38.21
CA LYS D 12 -28.36 49.38 36.89
C LYS D 12 -29.80 49.66 36.49
N LYS D 13 -30.00 50.66 35.63
CA LYS D 13 -31.34 50.99 35.12
C LYS D 13 -31.53 50.28 33.75
N PRO D 14 -32.78 50.06 33.27
CA PRO D 14 -32.96 49.40 31.97
C PRO D 14 -32.36 50.20 30.81
N GLY D 15 -31.78 49.49 29.84
CA GLY D 15 -31.15 50.11 28.69
C GLY D 15 -29.70 50.51 28.91
N SER D 16 -29.23 50.50 30.17
CA SER D 16 -27.85 50.85 30.50
C SER D 16 -26.93 49.62 30.35
N SER D 17 -25.61 49.78 30.57
CA SER D 17 -24.68 48.65 30.50
C SER D 17 -23.93 48.44 31.82
N VAL D 18 -23.44 47.24 32.06
CA VAL D 18 -22.70 46.93 33.28
C VAL D 18 -21.33 46.33 32.94
N LYS D 19 -20.27 46.74 33.64
CA LYS D 19 -18.93 46.19 33.37
C LYS D 19 -18.39 45.51 34.61
N VAL D 20 -18.14 44.22 34.52
CA VAL D 20 -17.60 43.46 35.65
C VAL D 20 -16.16 43.02 35.36
N SER D 21 -15.24 43.29 36.30
CA SER D 21 -13.84 42.90 36.16
C SER D 21 -13.50 41.65 36.99
N CYS D 22 -12.45 40.93 36.58
CA CYS D 22 -12.01 39.67 37.15
C CYS D 22 -10.49 39.69 37.13
N LYS D 23 -9.85 39.99 38.25
CA LYS D 23 -8.40 40.09 38.35
C LYS D 23 -7.81 38.83 38.95
N SER D 24 -6.86 38.21 38.25
CA SER D 24 -6.19 37.00 38.73
C SER D 24 -4.99 37.33 39.63
N SER D 25 -5.02 36.82 40.88
CA SER D 25 -3.95 37.07 41.87
C SER D 25 -3.25 35.80 42.33
N GLY D 26 -1.96 35.67 42.00
CA GLY D 26 -1.16 34.52 42.44
C GLY D 26 -0.55 33.70 41.32
N GLY D 30 0.38 33.57 34.37
CA GLY D 30 0.26 33.89 32.95
C GLY D 30 -1.13 33.64 32.40
N SER D 31 -1.21 33.42 31.07
CA SER D 31 -2.42 33.16 30.28
C SER D 31 -3.41 32.22 31.02
N SER D 32 -4.71 32.58 31.03
CA SER D 32 -5.68 31.81 31.84
C SER D 32 -6.87 31.16 31.12
N ALA D 33 -7.55 31.84 30.17
CA ALA D 33 -8.77 31.38 29.49
C ALA D 33 -9.99 31.42 30.42
N VAL D 34 -10.32 32.62 30.89
CA VAL D 34 -11.43 32.83 31.78
C VAL D 34 -12.73 32.95 30.98
N SER D 35 -13.84 32.48 31.55
CA SER D 35 -15.17 32.55 30.97
C SER D 35 -16.14 33.23 31.95
N TRP D 36 -17.23 33.77 31.43
CA TRP D 36 -18.26 34.44 32.20
C TRP D 36 -19.50 33.59 32.17
N ILE D 37 -19.92 33.13 33.35
CA ILE D 37 -21.07 32.27 33.57
C ILE D 37 -21.97 32.99 34.57
N ARG D 38 -23.25 33.28 34.24
CA ARG D 38 -24.15 33.96 35.21
C ARG D 38 -25.17 33.02 35.89
N GLN D 39 -25.84 33.50 36.97
CA GLN D 39 -26.83 32.69 37.66
C GLN D 39 -28.01 33.51 38.24
N ALA D 40 -29.16 33.45 37.54
CA ALA D 40 -30.36 34.13 37.97
C ALA D 40 -30.78 33.69 39.39
N PRO D 41 -31.43 34.56 40.20
CA PRO D 41 -31.79 34.15 41.55
C PRO D 41 -32.79 33.00 41.53
N GLY D 42 -32.38 31.85 42.05
CA GLY D 42 -33.24 30.67 42.05
C GLY D 42 -33.18 29.84 40.78
N GLN D 43 -32.45 30.31 39.78
CA GLN D 43 -32.30 29.60 38.52
C GLN D 43 -30.91 28.96 38.39
N GLY D 44 -30.74 28.11 37.38
CA GLY D 44 -29.48 27.41 37.19
C GLY D 44 -28.38 28.31 36.67
N VAL D 45 -27.23 27.70 36.40
CA VAL D 45 -26.10 28.43 35.88
C VAL D 45 -26.06 28.32 34.34
N GLU D 46 -25.70 29.42 33.67
CA GLU D 46 -25.62 29.46 32.20
C GLU D 46 -24.36 30.17 31.69
N TRP D 47 -23.61 29.51 30.79
CA TRP D 47 -22.39 30.04 30.20
C TRP D 47 -22.70 31.13 29.14
N MET D 48 -22.11 32.31 29.32
CA MET D 48 -22.38 33.45 28.48
C MET D 48 -21.35 33.60 27.35
N GLY D 49 -20.08 33.43 27.70
CA GLY D 49 -18.98 33.57 26.76
C GLY D 49 -17.63 33.53 27.45
N GLY D 50 -16.56 33.44 26.67
CA GLY D 50 -15.21 33.40 27.20
C GLY D 50 -14.24 32.78 26.21
N ILE D 51 -12.99 32.62 26.63
CA ILE D 51 -11.98 32.01 25.80
C ILE D 51 -12.22 30.49 25.69
N THR D 52 -12.44 29.99 24.44
CA THR D 52 -12.77 28.58 24.16
C THR D 52 -11.86 27.86 23.13
N SER D 53 -10.99 28.60 22.45
CA SER D 53 -10.10 28.03 21.45
C SER D 53 -8.90 28.95 21.23
N ILE D 54 -7.86 28.42 20.59
CA ILE D 54 -6.69 29.24 20.25
C ILE D 54 -7.01 30.18 19.06
N PHE D 55 -7.96 29.78 18.18
CA PHE D 55 -8.31 30.43 16.91
C PHE D 55 -8.76 31.92 16.96
N GLY D 56 -9.81 32.23 17.74
CA GLY D 56 -10.38 33.57 17.81
C GLY D 56 -10.15 34.31 19.11
N PRO D 57 -10.39 35.63 19.09
CA PRO D 57 -10.15 36.44 20.29
C PRO D 57 -11.08 36.14 21.45
N ALA D 58 -12.35 35.84 21.16
CA ALA D 58 -13.37 35.54 22.18
C ALA D 58 -14.51 34.74 21.58
N ASN D 59 -15.22 33.98 22.41
CA ASN D 59 -16.36 33.20 21.93
C ASN D 59 -17.55 33.47 22.81
N TYR D 60 -18.71 33.69 22.18
CA TYR D 60 -19.94 33.99 22.92
C TYR D 60 -21.01 32.94 22.63
N ALA D 61 -21.91 32.70 23.60
CA ALA D 61 -23.04 31.81 23.37
C ALA D 61 -24.02 32.64 22.50
N GLN D 62 -24.74 31.99 21.58
CA GLN D 62 -25.68 32.67 20.69
C GLN D 62 -26.62 33.69 21.37
N LYS D 63 -27.09 33.37 22.60
CA LYS D 63 -28.00 34.20 23.39
C LYS D 63 -27.37 35.50 23.89
N PHE D 64 -26.04 35.54 24.02
CA PHE D 64 -25.37 36.70 24.57
C PHE D 64 -24.53 37.50 23.59
N GLN D 65 -24.26 36.98 22.40
CA GLN D 65 -23.44 37.63 21.40
C GLN D 65 -23.82 39.09 21.12
N ASP D 66 -25.11 39.40 21.11
CA ASP D 66 -25.59 40.74 20.79
C ASP D 66 -25.38 41.79 21.86
N ARG D 67 -25.26 41.38 23.14
CA ARG D 67 -25.12 42.36 24.22
C ARG D 67 -23.85 42.22 25.04
N LEU D 68 -23.11 41.11 24.90
CA LEU D 68 -21.87 40.86 25.64
C LEU D 68 -20.60 41.27 24.86
N LYS D 69 -19.64 41.82 25.59
CA LYS D 69 -18.33 42.19 25.08
C LYS D 69 -17.33 41.74 26.14
N ILE D 70 -16.55 40.71 25.83
CA ILE D 70 -15.54 40.19 26.74
C ILE D 70 -14.15 40.69 26.33
N THR D 71 -13.49 41.44 27.23
CA THR D 71 -12.17 42.01 26.94
C THR D 71 -11.13 41.54 27.99
N ALA D 72 -9.85 41.89 27.80
CA ALA D 72 -8.81 41.47 28.71
C ALA D 72 -7.60 42.40 28.62
N ASP D 73 -7.12 42.85 29.79
CA ASP D 73 -5.90 43.66 29.90
C ASP D 73 -4.82 42.70 30.35
N LYS D 74 -4.04 42.17 29.40
CA LYS D 74 -2.99 41.19 29.70
C LYS D 74 -1.86 41.77 30.56
N ALA D 75 -1.67 43.10 30.52
CA ALA D 75 -0.66 43.81 31.32
C ALA D 75 -0.97 43.79 32.82
N THR D 76 -2.26 43.63 33.20
CA THR D 76 -2.68 43.61 34.59
C THR D 76 -3.37 42.31 35.04
N ASN D 77 -3.40 41.28 34.17
CA ASN D 77 -4.07 39.99 34.44
C ASN D 77 -5.56 40.17 34.72
N THR D 78 -6.19 41.21 34.12
CA THR D 78 -7.63 41.44 34.35
C THR D 78 -8.46 41.12 33.12
N VAL D 79 -9.58 40.44 33.34
CA VAL D 79 -10.51 40.07 32.28
C VAL D 79 -11.81 40.83 32.56
N TYR D 80 -12.38 41.47 31.55
CA TYR D 80 -13.60 42.24 31.71
C TYR D 80 -14.79 41.63 30.96
N MET D 81 -15.99 41.96 31.43
CA MET D 81 -17.26 41.51 30.88
C MET D 81 -18.13 42.74 30.77
N GLU D 82 -18.75 43.00 29.61
CA GLU D 82 -19.67 44.13 29.48
C GLU D 82 -20.98 43.66 28.89
N LEU D 83 -22.10 43.86 29.61
CA LEU D 83 -23.41 43.48 29.11
C LEU D 83 -24.24 44.75 28.92
N SER D 84 -24.64 45.07 27.69
CA SER D 84 -25.42 46.27 27.42
C SER D 84 -26.93 45.96 27.23
N GLY D 85 -27.75 47.00 27.05
CA GLY D 85 -29.19 46.83 26.85
C GLY D 85 -29.87 46.01 27.93
N LEU D 86 -29.62 46.38 29.18
CA LEU D 86 -30.11 45.68 30.35
C LEU D 86 -31.64 45.73 30.56
N THR D 87 -32.15 44.67 31.21
CA THR D 87 -33.55 44.41 31.56
C THR D 87 -33.59 43.68 32.90
N PHE D 88 -34.77 43.65 33.55
CA PHE D 88 -34.91 42.95 34.82
C PHE D 88 -34.53 41.45 34.73
N GLU D 89 -34.61 40.85 33.52
CA GLU D 89 -34.26 39.44 33.33
C GLU D 89 -32.74 39.19 33.32
N ASP D 90 -31.93 40.26 33.31
CA ASP D 90 -30.47 40.20 33.41
C ASP D 90 -29.99 40.31 34.87
N THR D 91 -30.92 40.51 35.87
CA THR D 91 -30.61 40.60 37.29
C THR D 91 -30.12 39.21 37.67
N ALA D 92 -28.81 39.06 37.94
CA ALA D 92 -28.22 37.75 38.20
C ALA D 92 -26.84 37.87 38.93
N VAL D 93 -26.19 36.74 39.32
CA VAL D 93 -24.86 36.76 39.90
C VAL D 93 -23.94 36.38 38.78
N TYR D 94 -23.09 37.29 38.34
CA TYR D 94 -22.17 37.02 37.26
C TYR D 94 -20.90 36.44 37.84
N TYR D 95 -20.44 35.30 37.33
CA TYR D 95 -19.24 34.65 37.83
C TYR D 95 -18.19 34.57 36.77
N CYS D 96 -16.90 34.68 37.14
CA CYS D 96 -15.83 34.45 36.19
C CYS D 96 -15.12 33.17 36.61
N ALA D 97 -14.90 32.23 35.66
CA ALA D 97 -14.31 30.94 35.97
C ALA D 97 -13.23 30.57 34.98
N ARG D 98 -12.15 29.97 35.47
CA ARG D 98 -11.00 29.61 34.65
C ARG D 98 -11.02 28.16 34.16
N VAL D 99 -10.77 27.92 32.85
CA VAL D 99 -10.71 26.54 32.30
C VAL D 99 -9.43 25.90 32.75
N GLY D 100 -9.56 24.78 33.42
CA GLY D 100 -8.48 24.02 34.05
C GLY D 100 -7.38 23.40 33.23
N ASP D 101 -7.64 23.06 31.95
CA ASP D 101 -6.59 22.42 31.13
C ASP D 101 -6.07 23.32 30.02
N TYR D 102 -5.95 24.63 30.30
CA TYR D 102 -5.49 25.61 29.31
C TYR D 102 -4.08 25.29 28.78
N ASN D 103 -3.24 24.81 29.68
CA ASN D 103 -1.85 24.41 29.43
C ASN D 103 -1.69 23.34 28.31
N PHE D 104 -2.78 22.68 27.91
CA PHE D 104 -2.72 21.64 26.89
C PHE D 104 -3.31 22.01 25.52
N TRP D 105 -3.95 23.20 25.39
CA TRP D 105 -4.57 23.65 24.13
C TRP D 105 -3.55 23.90 23.01
N ASN D 106 -3.66 23.16 21.89
CA ASN D 106 -2.71 23.32 20.77
C ASN D 106 -3.36 23.37 19.36
N GLY D 107 -4.66 23.09 19.29
CA GLY D 107 -5.42 23.02 18.05
C GLY D 107 -6.05 21.64 17.89
N HIS D 108 -5.30 20.61 18.25
CA HIS D 108 -5.76 19.22 18.10
C HIS D 108 -6.30 18.60 19.37
N TYR D 109 -5.87 19.13 20.53
CA TYR D 109 -6.35 18.66 21.82
C TYR D 109 -7.75 19.18 22.00
N ARG D 110 -8.68 18.29 22.34
CA ARG D 110 -10.06 18.67 22.60
C ARG D 110 -10.16 18.88 24.10
N SER D 111 -10.38 20.14 24.51
CA SER D 111 -10.42 20.47 25.93
C SER D 111 -11.62 19.84 26.64
N GLY D 112 -11.50 19.70 27.95
CA GLY D 112 -12.58 19.18 28.76
C GLY D 112 -13.58 20.25 29.18
N TYR D 113 -13.10 21.51 29.22
CA TYR D 113 -13.83 22.72 29.59
C TYR D 113 -14.34 22.67 31.00
N TYR D 114 -13.47 22.24 31.94
CA TYR D 114 -13.83 22.17 33.36
C TYR D 114 -13.34 23.44 34.06
N PHE D 115 -14.17 24.04 34.91
CA PHE D 115 -13.82 25.28 35.56
C PHE D 115 -13.14 25.08 36.89
N ASP D 116 -11.81 25.09 36.80
CA ASP D 116 -10.79 24.93 37.82
C ASP D 116 -11.02 25.91 39.01
N LEU D 117 -11.00 27.22 38.73
CA LEU D 117 -11.16 28.28 39.70
C LEU D 117 -12.45 29.01 39.40
N TRP D 118 -13.05 29.57 40.44
CA TRP D 118 -14.25 30.38 40.28
C TRP D 118 -14.10 31.67 41.12
N GLY D 119 -14.78 32.71 40.66
CA GLY D 119 -14.79 33.98 41.39
C GLY D 119 -15.92 33.98 42.41
N ARG D 120 -15.86 34.90 43.41
CA ARG D 120 -16.91 34.98 44.43
C ARG D 120 -18.30 35.32 43.87
N GLY D 121 -18.32 35.99 42.71
CA GLY D 121 -19.56 36.42 42.06
C GLY D 121 -19.89 37.87 42.29
N THR D 122 -20.47 38.53 41.28
CA THR D 122 -20.87 39.93 41.34
C THR D 122 -22.38 40.05 41.24
N LEU D 123 -23.02 40.71 42.22
CA LEU D 123 -24.48 40.88 42.21
C LEU D 123 -24.87 42.05 41.31
N VAL D 124 -25.52 41.75 40.19
CA VAL D 124 -25.97 42.76 39.24
C VAL D 124 -27.49 42.80 39.31
N THR D 125 -28.05 43.96 39.61
CA THR D 125 -29.49 44.09 39.70
C THR D 125 -30.00 45.20 38.78
N VAL D 126 -30.91 44.85 37.86
CA VAL D 126 -31.48 45.83 36.92
C VAL D 126 -32.91 46.21 37.30
N SER D 127 -33.09 47.45 37.75
CA SER D 127 -34.37 47.98 38.22
C SER D 127 -35.52 47.85 37.23
N SER D 128 -36.77 47.94 37.77
CA SER D 128 -38.06 47.89 37.06
C SER D 128 -38.04 48.70 35.75
N VAL D 147 -30.18 22.81 29.17
CA VAL D 147 -29.83 22.17 27.88
C VAL D 147 -29.44 20.67 28.08
N LEU D 148 -28.88 20.34 29.26
CA LEU D 148 -28.55 18.97 29.63
C LEU D 148 -29.61 18.57 30.65
N THR D 149 -30.38 17.50 30.38
CA THR D 149 -31.48 17.11 31.25
C THR D 149 -31.04 16.36 32.50
N GLN D 150 -31.25 17.04 33.64
CA GLN D 150 -30.97 16.58 35.00
C GLN D 150 -32.28 16.63 35.81
N PRO D 151 -32.49 15.66 36.71
CA PRO D 151 -33.70 15.71 37.55
C PRO D 151 -33.66 16.91 38.50
N PRO D 152 -34.79 17.57 38.73
CA PRO D 152 -34.80 18.76 39.61
C PRO D 152 -34.51 18.49 41.07
N SER D 153 -34.73 17.26 41.54
CA SER D 153 -34.48 16.91 42.93
C SER D 153 -33.98 15.49 43.09
N ALA D 154 -33.25 15.26 44.18
CA ALA D 154 -32.77 13.94 44.57
C ALA D 154 -32.61 13.92 46.08
N SER D 155 -33.10 12.85 46.74
CA SER D 155 -32.99 12.76 48.19
C SER D 155 -32.58 11.36 48.66
N GLY D 156 -32.06 11.31 49.89
CA GLY D 156 -31.62 10.07 50.51
C GLY D 156 -31.35 10.25 51.99
N THR D 157 -31.39 9.15 52.75
CA THR D 157 -31.09 9.21 54.18
C THR D 157 -29.58 9.06 54.43
N PRO D 158 -29.03 9.62 55.55
CA PRO D 158 -27.59 9.49 55.78
C PRO D 158 -27.06 8.06 55.74
N GLY D 159 -26.15 7.80 54.81
CA GLY D 159 -25.56 6.48 54.61
C GLY D 159 -25.84 5.90 53.24
N GLN D 160 -26.96 6.31 52.62
CA GLN D 160 -27.37 5.82 51.32
C GLN D 160 -26.54 6.37 50.15
N ARG D 161 -26.83 5.88 48.94
CA ARG D 161 -26.15 6.31 47.74
C ARG D 161 -27.19 6.89 46.79
N VAL D 162 -27.02 8.16 46.41
CA VAL D 162 -27.93 8.79 45.45
C VAL D 162 -27.25 8.88 44.08
N THR D 163 -28.01 8.73 43.00
CA THR D 163 -27.44 8.83 41.66
C THR D 163 -28.19 9.90 40.85
N ILE D 164 -27.45 10.88 40.33
CA ILE D 164 -27.99 11.97 39.54
C ILE D 164 -27.75 11.68 38.07
N SER D 165 -28.83 11.69 37.29
CA SER D 165 -28.79 11.45 35.86
C SER D 165 -28.52 12.77 35.09
N CYS D 166 -27.89 12.67 33.94
CA CYS D 166 -27.59 13.85 33.12
C CYS D 166 -27.59 13.40 31.68
N SER D 167 -28.62 13.79 30.90
CA SER D 167 -28.71 13.39 29.51
C SER D 167 -28.46 14.53 28.54
N GLY D 168 -27.67 14.23 27.52
CA GLY D 168 -27.34 15.19 26.47
C GLY D 168 -27.57 14.58 25.11
N SER D 169 -26.85 15.09 24.11
CA SER D 169 -26.94 14.65 22.73
C SER D 169 -25.54 14.30 22.19
N SER D 170 -25.48 13.74 20.98
CA SER D 170 -24.20 13.41 20.36
C SER D 170 -23.32 14.64 20.13
N SER D 171 -23.89 15.85 20.09
CA SER D 171 -23.09 17.07 19.90
C SER D 171 -22.38 17.53 21.16
N ASN D 172 -22.89 17.17 22.35
CA ASN D 172 -22.24 17.57 23.60
C ASN D 172 -21.67 16.37 24.35
N ILE D 173 -22.42 15.67 25.21
CA ILE D 173 -21.91 14.51 25.94
C ILE D 173 -21.40 13.42 24.99
N GLY D 174 -22.15 13.14 23.93
CA GLY D 174 -21.74 12.12 22.96
C GLY D 174 -20.35 12.30 22.39
N SER D 175 -19.90 13.55 22.26
CA SER D 175 -18.59 13.85 21.70
C SER D 175 -17.67 14.64 22.63
N ASN D 176 -17.96 14.72 23.93
CA ASN D 176 -17.14 15.52 24.85
C ASN D 176 -17.13 14.94 26.27
N THR D 177 -16.18 15.39 27.10
CA THR D 177 -16.12 14.93 28.49
C THR D 177 -17.19 15.65 29.30
N VAL D 178 -17.56 15.04 30.43
CA VAL D 178 -18.56 15.55 31.34
C VAL D 178 -17.89 15.99 32.64
N ASN D 179 -18.34 17.13 33.17
CA ASN D 179 -17.87 17.70 34.43
C ASN D 179 -19.05 17.85 35.38
N TRP D 180 -18.78 17.81 36.68
CA TRP D 180 -19.82 17.94 37.70
C TRP D 180 -19.40 19.00 38.70
N TYR D 181 -20.35 19.82 39.13
CA TYR D 181 -20.08 20.89 40.07
C TYR D 181 -20.97 20.78 41.28
N GLN D 182 -20.43 21.10 42.46
CA GLN D 182 -21.21 21.11 43.67
C GLN D 182 -21.34 22.58 44.05
N GLN D 183 -22.57 23.07 44.21
CA GLN D 183 -22.78 24.45 44.64
C GLN D 183 -23.46 24.48 46.01
N LEU D 184 -22.66 24.70 47.05
CA LEU D 184 -23.16 24.78 48.41
C LEU D 184 -23.98 26.05 48.57
N PRO D 185 -25.11 25.98 49.30
CA PRO D 185 -25.99 27.16 49.42
C PRO D 185 -25.30 28.49 49.73
N GLY D 186 -25.32 29.39 48.77
CA GLY D 186 -24.73 30.72 48.96
C GLY D 186 -23.32 30.88 48.44
N THR D 187 -22.73 29.81 47.88
CA THR D 187 -21.37 29.83 47.36
C THR D 187 -21.37 29.70 45.82
N ALA D 188 -20.21 29.94 45.19
CA ALA D 188 -20.08 29.74 43.76
C ALA D 188 -19.93 28.23 43.52
N PRO D 189 -20.22 27.73 42.30
CA PRO D 189 -20.04 26.30 42.04
C PRO D 189 -18.57 25.87 42.19
N LYS D 190 -18.34 24.64 42.65
CA LYS D 190 -16.98 24.12 42.83
C LYS D 190 -16.83 22.88 41.97
N LEU D 191 -15.70 22.75 41.26
CA LEU D 191 -15.46 21.56 40.45
C LEU D 191 -15.42 20.29 41.34
N LEU D 192 -16.30 19.33 41.06
CA LEU D 192 -16.45 18.10 41.82
C LEU D 192 -15.89 16.91 41.05
N ILE D 193 -16.17 16.84 39.74
CA ILE D 193 -15.72 15.77 38.84
C ILE D 193 -15.34 16.39 37.50
N TYR D 194 -14.19 16.03 36.95
CA TYR D 194 -13.76 16.50 35.64
C TYR D 194 -13.29 15.33 34.78
N SER D 195 -13.28 15.48 33.45
CA SER D 195 -12.87 14.40 32.55
C SER D 195 -13.67 13.11 32.78
N ASN D 196 -14.99 13.25 32.98
CA ASN D 196 -15.93 12.16 33.24
C ASN D 196 -15.88 11.54 34.64
N THR D 197 -14.70 11.04 35.07
CA THR D 197 -14.51 10.27 36.30
C THR D 197 -13.51 10.85 37.32
N GLN D 198 -12.70 11.81 36.91
CA GLN D 198 -11.65 12.34 37.77
C GLN D 198 -12.12 13.23 38.89
N ARG D 199 -11.68 12.93 40.12
CA ARG D 199 -11.99 13.68 41.32
C ARG D 199 -10.86 14.64 41.61
N PRO D 200 -11.08 15.98 41.56
CA PRO D 200 -9.98 16.91 41.92
C PRO D 200 -9.53 16.74 43.38
N SER D 201 -8.31 17.21 43.70
CA SER D 201 -7.79 17.05 45.07
C SER D 201 -8.68 17.68 46.12
N GLY D 202 -9.09 16.87 47.08
CA GLY D 202 -10.00 17.33 48.12
C GLY D 202 -11.34 16.63 48.06
N VAL D 203 -11.83 16.32 46.84
CA VAL D 203 -13.09 15.61 46.65
C VAL D 203 -12.95 14.16 47.11
N PRO D 204 -13.77 13.73 48.09
CA PRO D 204 -13.65 12.36 48.61
C PRO D 204 -14.10 11.29 47.63
N ASP D 205 -13.56 10.08 47.78
CA ASP D 205 -13.88 8.95 46.92
C ASP D 205 -15.36 8.51 46.96
N ARG D 206 -16.18 9.13 47.83
CA ARG D 206 -17.62 8.86 47.95
C ARG D 206 -18.37 9.26 46.67
N PHE D 207 -17.86 10.32 45.97
CA PHE D 207 -18.42 10.84 44.74
C PHE D 207 -17.78 10.17 43.55
N SER D 208 -18.55 9.47 42.71
CA SER D 208 -17.97 8.84 41.52
C SER D 208 -18.74 9.18 40.22
N GLY D 209 -18.03 9.63 39.19
CA GLY D 209 -18.65 10.01 37.94
C GLY D 209 -18.54 8.94 36.87
N SER D 210 -19.48 8.93 35.92
CA SER D 210 -19.48 7.97 34.83
C SER D 210 -20.13 8.54 33.58
N LYS D 211 -19.87 7.93 32.42
CA LYS D 211 -20.42 8.38 31.15
C LYS D 211 -20.68 7.20 30.21
N SER D 212 -21.84 7.17 29.56
CA SER D 212 -22.22 6.13 28.63
C SER D 212 -22.87 6.81 27.43
N ALA D 213 -22.14 6.84 26.30
CA ALA D 213 -22.53 7.47 25.03
C ALA D 213 -23.09 8.93 25.22
N THR D 214 -24.42 9.22 25.36
CA THR D 214 -24.93 10.58 25.54
C THR D 214 -25.48 10.83 26.93
N SER D 215 -25.12 9.99 27.90
CA SER D 215 -25.60 10.10 29.27
C SER D 215 -24.41 10.13 30.25
N ALA D 216 -24.60 10.77 31.38
CA ALA D 216 -23.58 10.87 32.41
C ALA D 216 -24.23 10.71 33.79
N SER D 217 -23.50 10.14 34.76
CA SER D 217 -24.07 9.93 36.09
C SER D 217 -23.14 10.34 37.21
N LEU D 218 -23.71 10.76 38.33
CA LEU D 218 -22.94 11.13 39.51
C LEU D 218 -23.50 10.34 40.67
N ALA D 219 -22.70 9.52 41.34
CA ALA D 219 -23.19 8.75 42.49
C ALA D 219 -22.52 9.25 43.75
N ILE D 220 -23.32 9.64 44.76
CA ILE D 220 -22.83 10.13 46.04
C ILE D 220 -23.05 9.03 47.09
N SER D 221 -22.07 8.14 47.28
CA SER D 221 -22.18 7.05 48.24
C SER D 221 -21.94 7.52 49.67
N GLY D 222 -22.55 6.83 50.63
CA GLY D 222 -22.41 7.17 52.04
C GLY D 222 -22.83 8.59 52.36
N LEU D 223 -24.00 9.00 51.83
CA LEU D 223 -24.59 10.32 51.93
C LEU D 223 -24.46 10.94 53.32
N GLN D 224 -23.89 12.14 53.37
CA GLN D 224 -23.69 12.86 54.63
C GLN D 224 -24.49 14.17 54.65
N SER D 225 -24.66 14.78 55.83
CA SER D 225 -25.38 16.04 55.99
C SER D 225 -24.72 17.17 55.17
N GLU D 226 -23.38 17.15 55.06
CA GLU D 226 -22.59 18.13 54.29
C GLU D 226 -22.77 18.03 52.76
N ASP D 227 -23.44 16.97 52.28
CA ASP D 227 -23.69 16.78 50.85
C ASP D 227 -24.95 17.51 50.34
N GLU D 228 -25.67 18.25 51.22
CA GLU D 228 -26.87 18.99 50.87
C GLU D 228 -26.47 20.25 50.13
N ALA D 229 -26.47 20.16 48.80
CA ALA D 229 -26.09 21.22 47.88
C ALA D 229 -26.79 20.98 46.51
N ASP D 230 -26.69 21.94 45.56
CA ASP D 230 -27.23 21.80 44.21
C ASP D 230 -26.08 21.24 43.34
N TYR D 231 -26.34 20.22 42.51
CA TYR D 231 -25.30 19.62 41.68
C TYR D 231 -25.62 19.83 40.23
N TYR D 232 -24.62 20.30 39.44
CA TYR D 232 -24.78 20.58 38.02
C TYR D 232 -23.84 19.72 37.16
N CYS D 233 -24.30 19.27 35.99
CA CYS D 233 -23.41 18.59 35.04
C CYS D 233 -23.15 19.54 33.87
N ALA D 234 -21.94 19.52 33.31
CA ALA D 234 -21.58 20.40 32.20
C ALA D 234 -20.70 19.70 31.22
N ALA D 235 -20.97 19.92 29.93
CA ALA D 235 -20.19 19.37 28.84
C ALA D 235 -20.19 20.37 27.69
N TRP D 236 -19.07 20.47 26.99
CA TRP D 236 -18.96 21.34 25.83
C TRP D 236 -19.86 20.79 24.72
N ASP D 237 -20.58 21.68 24.05
CA ASP D 237 -21.46 21.33 22.95
C ASP D 237 -20.83 21.85 21.65
N ASP D 238 -20.70 20.99 20.65
CA ASP D 238 -20.08 21.37 19.39
C ASP D 238 -21.02 22.11 18.42
N SER D 239 -22.24 22.46 18.85
CA SER D 239 -23.22 23.15 18.00
C SER D 239 -22.68 24.49 17.57
N LEU D 240 -22.61 24.73 16.26
CA LEU D 240 -22.11 25.99 15.70
C LEU D 240 -20.70 26.37 16.25
N ASN D 241 -20.43 27.63 16.68
CA ASN D 241 -19.11 27.98 17.22
C ASN D 241 -18.78 27.30 18.56
N GLY D 242 -19.75 26.62 19.14
CA GLY D 242 -19.57 25.88 20.37
C GLY D 242 -19.81 26.67 21.63
N HIS D 243 -20.24 25.96 22.66
CA HIS D 243 -20.54 26.53 23.96
C HIS D 243 -20.61 25.44 24.99
N VAL D 244 -20.33 25.79 26.24
CA VAL D 244 -20.44 24.84 27.33
C VAL D 244 -21.86 24.92 27.85
N VAL D 245 -22.56 23.78 27.88
CA VAL D 245 -23.95 23.74 28.33
C VAL D 245 -24.03 23.09 29.69
N PHE D 246 -24.90 23.62 30.55
CA PHE D 246 -25.06 23.09 31.90
C PHE D 246 -26.42 22.42 32.05
N GLY D 247 -26.50 21.52 33.02
CA GLY D 247 -27.76 20.89 33.39
C GLY D 247 -28.57 21.84 34.23
N GLY D 248 -29.86 21.55 34.38
CA GLY D 248 -30.75 22.38 35.19
C GLY D 248 -30.43 22.36 36.69
N GLY D 249 -29.61 21.41 37.12
CA GLY D 249 -29.24 21.28 38.51
C GLY D 249 -30.17 20.36 39.27
N THR D 250 -29.60 19.60 40.21
CA THR D 250 -30.35 18.68 41.05
C THR D 250 -30.08 19.07 42.52
N LYS D 251 -31.13 19.48 43.26
CA LYS D 251 -30.98 19.83 44.66
C LYS D 251 -30.94 18.51 45.41
N VAL D 252 -29.84 18.24 46.11
CA VAL D 252 -29.69 17.00 46.88
C VAL D 252 -30.01 17.34 48.30
N THR D 253 -31.04 16.70 48.86
CA THR D 253 -31.41 16.92 50.25
C THR D 253 -31.22 15.62 51.03
N VAL D 254 -30.76 15.72 52.28
CA VAL D 254 -30.54 14.55 53.12
C VAL D 254 -31.63 14.45 54.18
N LEU D 255 -32.17 13.24 54.40
CA LEU D 255 -33.23 13.02 55.39
C LEU D 255 -32.68 12.38 56.67
N ALA E 4 -4.91 -52.38 -47.75
CA ALA E 4 -3.49 -52.05 -47.68
C ALA E 4 -3.27 -50.53 -47.77
N ARG E 5 -3.34 -49.84 -46.62
CA ARG E 5 -3.20 -48.38 -46.57
C ARG E 5 -1.93 -47.84 -47.29
N ILE E 6 -0.70 -48.02 -46.75
CA ILE E 6 0.51 -47.53 -47.44
C ILE E 6 1.46 -48.68 -47.77
N GLY E 7 1.41 -49.13 -49.02
CA GLY E 7 2.26 -50.23 -49.48
C GLY E 7 1.83 -51.55 -48.89
N TYR E 8 2.76 -52.29 -48.29
CA TYR E 8 2.42 -53.55 -47.65
C TYR E 8 2.16 -53.37 -46.16
N TYR E 9 1.62 -52.20 -45.77
CA TYR E 9 1.37 -51.85 -44.39
C TYR E 9 -0.01 -51.28 -44.22
N GLU E 10 -0.71 -51.69 -43.16
CA GLU E 10 -2.02 -51.15 -42.87
C GLU E 10 -1.92 -50.30 -41.61
N ILE E 11 -2.33 -49.02 -41.71
CA ILE E 11 -2.26 -48.06 -40.61
C ILE E 11 -3.34 -48.34 -39.56
N ASP E 12 -3.02 -48.07 -38.28
CA ASP E 12 -3.97 -48.32 -37.21
C ASP E 12 -4.23 -47.07 -36.34
N ARG E 13 -3.18 -46.30 -36.00
CA ARG E 13 -3.30 -45.09 -35.17
C ARG E 13 -2.17 -44.06 -35.46
N THR E 14 -2.21 -42.86 -34.83
CA THR E 14 -1.15 -41.87 -35.04
C THR E 14 -0.32 -41.69 -33.78
N ILE E 15 0.94 -42.15 -33.78
CA ILE E 15 1.78 -42.04 -32.60
C ILE E 15 2.54 -40.71 -32.48
N GLY E 16 2.17 -39.70 -33.27
CA GLY E 16 2.84 -38.41 -33.22
C GLY E 16 2.58 -37.50 -34.41
N LYS E 17 2.34 -36.20 -34.15
CA LYS E 17 2.04 -35.23 -35.21
C LYS E 17 3.04 -34.05 -35.29
N GLY E 18 4.22 -34.31 -35.86
CA GLY E 18 5.29 -33.33 -36.01
C GLY E 18 4.97 -32.16 -36.91
N ASN E 19 5.83 -31.14 -36.92
CA ASN E 19 5.69 -29.88 -37.68
C ASN E 19 5.99 -29.99 -39.19
N PHE E 20 6.54 -31.13 -39.61
CA PHE E 20 6.96 -31.41 -41.00
C PHE E 20 6.41 -32.76 -41.48
N ALA E 21 6.36 -33.72 -40.56
CA ALA E 21 6.00 -35.11 -40.77
C ALA E 21 4.97 -35.61 -39.72
N VAL E 22 4.34 -36.78 -39.98
CA VAL E 22 3.39 -37.41 -39.07
C VAL E 22 3.80 -38.87 -38.89
N VAL E 23 4.10 -39.31 -37.66
CA VAL E 23 4.49 -40.70 -37.44
C VAL E 23 3.25 -41.53 -37.01
N LYS E 24 2.90 -42.55 -37.80
CA LYS E 24 1.72 -43.37 -37.58
C LYS E 24 2.08 -44.82 -37.28
N ARG E 25 1.35 -45.45 -36.33
CA ARG E 25 1.58 -46.85 -36.03
C ARG E 25 0.81 -47.70 -37.01
N ALA E 26 1.55 -48.56 -37.70
CA ALA E 26 1.01 -49.43 -38.73
C ALA E 26 1.46 -50.91 -38.45
N THR E 27 0.96 -51.87 -39.24
CA THR E 27 1.29 -53.27 -39.12
C THR E 27 1.73 -53.77 -40.50
N HIS E 28 2.82 -54.57 -40.60
CA HIS E 28 3.20 -55.12 -41.91
C HIS E 28 2.17 -56.20 -42.23
N LEU E 29 1.53 -56.11 -43.39
CA LEU E 29 0.47 -57.04 -43.75
C LEU E 29 0.92 -58.50 -43.83
N VAL E 30 2.12 -58.76 -44.38
CA VAL E 30 2.58 -60.15 -44.51
C VAL E 30 3.28 -60.66 -43.22
N THR E 31 4.23 -59.90 -42.65
CA THR E 31 4.95 -60.35 -41.45
C THR E 31 4.12 -60.19 -40.14
N LYS E 32 3.11 -59.31 -40.13
CA LYS E 32 2.27 -59.00 -38.97
C LYS E 32 3.00 -58.22 -37.84
N ALA E 33 4.14 -57.61 -38.19
CA ALA E 33 4.95 -56.87 -37.23
C ALA E 33 4.43 -55.44 -37.02
N LYS E 34 4.39 -54.97 -35.78
CA LYS E 34 3.94 -53.61 -35.49
C LYS E 34 5.10 -52.67 -35.85
N VAL E 35 4.84 -51.56 -36.58
CA VAL E 35 5.90 -50.62 -36.98
C VAL E 35 5.48 -49.15 -36.77
N ALA E 36 6.44 -48.21 -36.93
CA ALA E 36 6.22 -46.77 -36.92
C ALA E 36 6.51 -46.29 -38.35
N ILE E 37 5.60 -45.52 -38.95
CA ILE E 37 5.79 -45.01 -40.30
C ILE E 37 5.78 -43.51 -40.35
N LYS E 38 6.97 -42.90 -40.40
CA LYS E 38 7.06 -41.45 -40.50
C LYS E 38 6.70 -41.07 -41.93
N ILE E 39 5.55 -40.40 -42.10
CA ILE E 39 5.06 -39.95 -43.40
C ILE E 39 5.46 -38.50 -43.60
N ILE E 40 6.18 -38.22 -44.69
CA ILE E 40 6.65 -36.87 -44.97
C ILE E 40 6.24 -36.46 -46.36
N ASP E 41 5.65 -35.27 -46.49
CA ASP E 41 5.32 -34.74 -47.79
C ASP E 41 6.53 -33.93 -48.23
N LYS E 42 7.25 -34.41 -49.23
CA LYS E 42 8.43 -33.70 -49.73
C LYS E 42 8.05 -32.32 -50.27
N THR E 43 6.84 -32.18 -50.86
CA THR E 43 6.35 -30.93 -51.45
C THR E 43 6.09 -29.84 -50.42
N GLN E 44 5.39 -30.16 -49.31
CA GLN E 44 5.15 -29.14 -48.27
C GLN E 44 6.41 -28.93 -47.38
N LEU E 45 7.60 -29.37 -47.86
CA LEU E 45 8.86 -29.29 -47.11
C LEU E 45 9.93 -28.45 -47.84
N ASP E 46 10.61 -27.56 -47.10
CA ASP E 46 11.63 -26.72 -47.68
C ASP E 46 12.93 -27.47 -47.92
N GLU E 47 13.66 -27.03 -48.95
CA GLU E 47 14.91 -27.59 -49.45
C GLU E 47 15.88 -28.04 -48.33
N GLU E 48 16.14 -27.19 -47.33
CA GLU E 48 17.03 -27.47 -46.19
C GLU E 48 16.52 -28.64 -45.38
N ASN E 49 15.21 -28.65 -45.10
CA ASN E 49 14.58 -29.68 -44.27
C ASN E 49 14.48 -31.02 -44.98
N LEU E 50 14.35 -31.02 -46.32
CA LEU E 50 14.28 -32.26 -47.08
C LEU E 50 15.65 -32.94 -47.06
N LYS E 51 16.73 -32.16 -47.28
CA LYS E 51 18.09 -32.66 -47.29
C LYS E 51 18.50 -33.18 -45.92
N LYS E 52 18.05 -32.53 -44.84
CA LYS E 52 18.36 -33.00 -43.49
C LYS E 52 17.64 -34.34 -43.17
N ILE E 53 16.48 -34.58 -43.82
CA ILE E 53 15.71 -35.82 -43.68
C ILE E 53 16.42 -36.95 -44.44
N PHE E 54 17.00 -36.66 -45.62
CA PHE E 54 17.76 -37.64 -46.41
C PHE E 54 19.06 -38.05 -45.70
N ARG E 55 19.69 -37.10 -45.00
CA ARG E 55 20.92 -37.33 -44.26
C ARG E 55 20.62 -38.18 -43.02
N GLU E 56 19.44 -38.01 -42.39
CA GLU E 56 19.03 -38.80 -41.24
C GLU E 56 18.89 -40.27 -41.66
N VAL E 57 18.24 -40.53 -42.80
CA VAL E 57 18.08 -41.88 -43.34
C VAL E 57 19.44 -42.59 -43.52
N GLN E 58 20.45 -41.89 -44.02
CA GLN E 58 21.79 -42.45 -44.22
C GLN E 58 22.47 -42.75 -42.91
N ILE E 59 22.29 -41.90 -41.93
CA ILE E 59 22.86 -42.10 -40.61
C ILE E 59 22.18 -43.32 -39.94
N MET E 60 20.86 -43.50 -40.15
CA MET E 60 20.11 -44.64 -39.63
C MET E 60 20.57 -45.95 -40.26
N LYS E 61 20.93 -45.94 -41.54
CA LYS E 61 21.43 -47.12 -42.25
C LYS E 61 22.80 -47.60 -41.72
N MET E 62 23.52 -46.73 -41.00
CA MET E 62 24.82 -47.01 -40.40
C MET E 62 24.69 -47.54 -38.98
N LEU E 63 23.60 -47.19 -38.29
CA LEU E 63 23.39 -47.57 -36.91
C LEU E 63 22.40 -48.71 -36.74
N SER E 64 22.91 -49.94 -36.78
CA SER E 64 22.09 -51.11 -36.55
C SER E 64 22.52 -51.66 -35.20
N HIS E 65 21.68 -51.44 -34.18
CA HIS E 65 22.03 -51.83 -32.81
C HIS E 65 20.80 -52.28 -32.03
N PRO E 66 20.96 -53.20 -31.04
CA PRO E 66 19.78 -53.63 -30.26
C PRO E 66 19.14 -52.54 -29.41
N HIS E 67 19.88 -51.45 -29.11
CA HIS E 67 19.33 -50.38 -28.29
C HIS E 67 19.21 -49.05 -29.05
N ILE E 68 18.98 -49.14 -30.36
CA ILE E 68 18.74 -48.05 -31.28
C ILE E 68 17.54 -48.50 -32.15
N ILE E 69 16.58 -47.61 -32.42
CA ILE E 69 15.43 -47.93 -33.26
C ILE E 69 15.92 -48.30 -34.68
N ARG E 70 15.53 -49.48 -35.17
CA ARG E 70 15.97 -49.97 -36.46
C ARG E 70 15.12 -49.51 -37.64
N LEU E 71 15.79 -49.04 -38.69
CA LEU E 71 15.15 -48.63 -39.93
C LEU E 71 14.89 -49.91 -40.74
N TYR E 72 13.66 -50.13 -41.21
CA TYR E 72 13.33 -51.33 -41.96
C TYR E 72 13.12 -51.07 -43.44
N GLN E 73 12.24 -50.13 -43.78
CA GLN E 73 11.97 -49.85 -45.17
C GLN E 73 11.96 -48.36 -45.41
N VAL E 74 12.28 -47.96 -46.65
CA VAL E 74 12.23 -46.58 -47.10
C VAL E 74 11.46 -46.62 -48.38
N MET E 75 10.24 -46.07 -48.38
CA MET E 75 9.37 -46.10 -49.55
C MET E 75 9.23 -44.69 -50.06
N GLU E 76 9.80 -44.37 -51.22
CA GLU E 76 9.74 -43.02 -51.75
C GLU E 76 8.99 -42.92 -53.06
N THR E 77 8.04 -41.99 -53.15
CA THR E 77 7.30 -41.71 -54.38
C THR E 77 7.83 -40.35 -54.95
N GLU E 78 7.19 -39.78 -56.00
CA GLU E 78 7.64 -38.50 -56.53
C GLU E 78 7.36 -37.33 -55.58
N ARG E 79 6.33 -37.45 -54.73
CA ARG E 79 5.97 -36.39 -53.79
C ARG E 79 5.98 -36.80 -52.30
N MET E 80 5.96 -38.12 -51.99
CA MET E 80 5.93 -38.58 -50.59
C MET E 80 7.14 -39.43 -50.20
N ILE E 81 7.46 -39.48 -48.90
CA ILE E 81 8.51 -40.34 -48.37
C ILE E 81 7.99 -41.02 -47.08
N TYR E 82 8.03 -42.35 -47.04
CA TYR E 82 7.55 -43.12 -45.89
C TYR E 82 8.73 -43.82 -45.28
N LEU E 83 8.89 -43.70 -43.96
CA LEU E 83 10.04 -44.30 -43.29
C LEU E 83 9.60 -45.30 -42.25
N VAL E 84 9.70 -46.58 -42.57
CA VAL E 84 9.28 -47.65 -41.66
C VAL E 84 10.37 -48.03 -40.69
N THR E 85 10.15 -47.76 -39.41
CA THR E 85 11.10 -48.08 -38.34
C THR E 85 10.45 -49.03 -37.32
N GLU E 86 11.26 -49.63 -36.43
CA GLU E 86 10.70 -50.50 -35.40
C GLU E 86 9.86 -49.71 -34.42
N TYR E 87 8.85 -50.36 -33.86
CA TYR E 87 7.91 -49.79 -32.91
C TYR E 87 8.25 -50.18 -31.46
N ALA E 88 8.29 -49.17 -30.60
CA ALA E 88 8.59 -49.26 -29.17
C ALA E 88 7.28 -49.25 -28.38
N SER E 89 6.80 -50.41 -27.92
CA SER E 89 5.52 -50.54 -27.22
C SER E 89 5.38 -49.74 -25.92
N GLY E 90 6.45 -49.72 -25.11
CA GLY E 90 6.49 -49.07 -23.81
C GLY E 90 6.59 -47.55 -23.79
N GLY E 91 6.64 -46.96 -24.98
CA GLY E 91 6.68 -45.51 -25.14
C GLY E 91 7.93 -44.86 -24.61
N GLU E 92 7.89 -43.53 -24.45
CA GLU E 92 9.02 -42.75 -23.96
C GLU E 92 9.39 -43.07 -22.52
N ILE E 93 10.65 -42.83 -22.17
CA ILE E 93 11.09 -43.00 -20.78
C ILE E 93 10.53 -41.84 -19.91
N PHE E 94 10.21 -40.68 -20.53
CA PHE E 94 9.61 -39.55 -19.86
C PHE E 94 8.23 -39.96 -19.31
N ASP E 95 7.39 -40.56 -20.16
CA ASP E 95 6.06 -41.01 -19.74
C ASP E 95 6.11 -42.13 -18.69
N HIS E 96 7.22 -42.86 -18.60
CA HIS E 96 7.40 -43.89 -17.60
C HIS E 96 7.68 -43.22 -16.25
N LEU E 97 8.59 -42.22 -16.23
CA LEU E 97 8.96 -41.47 -15.02
C LEU E 97 7.79 -40.67 -14.47
N VAL E 98 6.93 -40.15 -15.35
CA VAL E 98 5.74 -39.42 -14.90
C VAL E 98 4.80 -40.39 -14.20
N ALA E 99 4.60 -41.58 -14.76
CA ALA E 99 3.70 -42.57 -14.20
C ALA E 99 4.21 -43.35 -13.00
N HIS E 100 5.53 -43.57 -12.89
CA HIS E 100 6.06 -44.38 -11.78
C HIS E 100 7.15 -43.74 -10.92
N GLY E 101 7.51 -42.51 -11.23
CA GLY E 101 8.54 -41.80 -10.48
C GLY E 101 9.94 -42.29 -10.81
N ARG E 102 10.91 -41.83 -10.02
CA ARG E 102 12.30 -42.22 -10.15
C ARG E 102 12.48 -43.73 -10.02
N MET E 103 13.51 -44.25 -10.66
CA MET E 103 13.84 -45.66 -10.57
C MET E 103 14.82 -45.89 -9.44
N ALA E 104 14.85 -47.12 -8.94
CA ALA E 104 15.86 -47.55 -7.99
C ALA E 104 17.22 -47.57 -8.74
N GLU E 105 18.34 -47.41 -8.02
CA GLU E 105 19.65 -47.42 -8.69
C GLU E 105 19.95 -48.77 -9.41
N LYS E 106 19.19 -49.83 -9.09
CA LYS E 106 19.27 -51.12 -9.73
C LYS E 106 18.57 -51.05 -11.11
N GLU E 107 17.37 -50.45 -11.19
CA GLU E 107 16.67 -50.31 -12.47
C GLU E 107 17.38 -49.27 -13.33
N ALA E 108 17.74 -48.13 -12.72
CA ALA E 108 18.44 -47.01 -13.35
C ALA E 108 19.75 -47.44 -13.97
N ARG E 109 20.55 -48.27 -13.26
CA ARG E 109 21.82 -48.76 -13.79
C ARG E 109 21.60 -49.66 -14.97
N ARG E 110 20.60 -50.55 -14.92
CA ARG E 110 20.29 -51.45 -16.04
C ARG E 110 19.92 -50.69 -17.32
N LYS E 111 19.02 -49.68 -17.23
CA LYS E 111 18.63 -48.89 -18.39
C LYS E 111 19.75 -47.98 -18.85
N PHE E 112 20.59 -47.47 -17.94
CA PHE E 112 21.69 -46.59 -18.30
C PHE E 112 22.75 -47.35 -19.06
N LYS E 113 23.03 -48.60 -18.64
CA LYS E 113 23.98 -49.45 -19.36
C LYS E 113 23.55 -49.69 -20.82
N GLN E 114 22.24 -49.63 -21.12
CA GLN E 114 21.68 -49.82 -22.45
C GLN E 114 21.83 -48.56 -23.30
N ILE E 115 21.66 -47.40 -22.67
CA ILE E 115 21.81 -46.09 -23.28
C ILE E 115 23.29 -45.91 -23.67
N VAL E 116 24.22 -46.10 -22.71
CA VAL E 116 25.65 -45.94 -23.00
C VAL E 116 26.13 -46.96 -24.04
N THR E 117 25.48 -48.13 -24.13
CA THR E 117 25.85 -49.15 -25.11
C THR E 117 25.58 -48.62 -26.54
N ALA E 118 24.47 -47.88 -26.73
CA ALA E 118 24.08 -47.32 -28.02
C ALA E 118 24.85 -46.05 -28.33
N VAL E 119 25.15 -45.23 -27.32
CA VAL E 119 25.89 -43.99 -27.48
C VAL E 119 27.34 -44.28 -27.82
N TYR E 120 27.94 -45.28 -27.17
CA TYR E 120 29.32 -45.69 -27.42
C TYR E 120 29.42 -46.27 -28.86
N PHE E 121 28.41 -47.04 -29.29
CA PHE E 121 28.33 -47.62 -30.62
C PHE E 121 28.27 -46.51 -31.68
N CYS E 122 27.54 -45.43 -31.39
CA CYS E 122 27.42 -44.28 -32.28
C CYS E 122 28.76 -43.59 -32.40
N HIS E 123 29.37 -43.23 -31.27
CA HIS E 123 30.66 -42.55 -31.27
C HIS E 123 31.78 -43.41 -31.88
N SER E 124 31.58 -44.74 -32.02
CA SER E 124 32.52 -45.67 -32.68
C SER E 124 32.42 -45.46 -34.19
N ARG E 125 31.19 -45.27 -34.71
CA ARG E 125 30.98 -44.97 -36.13
C ARG E 125 31.15 -43.46 -36.41
N ASN E 126 31.58 -42.65 -35.42
CA ASN E 126 31.77 -41.21 -35.50
C ASN E 126 30.47 -40.45 -35.73
N ILE E 127 29.44 -40.82 -34.98
CA ILE E 127 28.13 -40.21 -35.10
C ILE E 127 27.71 -39.72 -33.71
N VAL E 128 27.25 -38.48 -33.60
CA VAL E 128 26.75 -37.95 -32.34
C VAL E 128 25.26 -37.78 -32.49
N HIS E 129 24.50 -38.04 -31.43
CA HIS E 129 23.05 -37.93 -31.47
C HIS E 129 22.64 -36.47 -31.36
N ARG E 130 23.29 -35.73 -30.46
CA ARG E 130 23.03 -34.31 -30.24
C ARG E 130 21.60 -33.99 -29.72
N ASP E 131 20.81 -35.02 -29.37
CA ASP E 131 19.47 -34.79 -28.85
C ASP E 131 19.09 -35.86 -27.84
N LEU E 132 20.03 -36.20 -26.96
CA LEU E 132 19.74 -37.21 -25.94
C LEU E 132 18.89 -36.62 -24.82
N LYS E 133 17.56 -36.75 -24.97
CA LYS E 133 16.59 -36.35 -23.96
C LYS E 133 15.72 -37.55 -23.56
N ALA E 134 15.12 -37.55 -22.35
CA ALA E 134 14.28 -38.65 -21.85
C ALA E 134 13.11 -38.99 -22.78
N GLU E 135 12.60 -37.97 -23.49
CA GLU E 135 11.50 -38.13 -24.44
C GLU E 135 11.94 -38.82 -25.75
N ASN E 136 13.26 -38.99 -25.97
CA ASN E 136 13.84 -39.69 -27.12
C ASN E 136 14.30 -41.12 -26.78
N LEU E 137 14.28 -41.49 -25.49
CA LEU E 137 14.67 -42.82 -25.03
C LEU E 137 13.42 -43.69 -24.95
N LEU E 138 13.05 -44.34 -26.04
CA LEU E 138 11.86 -45.18 -26.05
C LEU E 138 12.14 -46.55 -25.39
N LEU E 139 11.08 -47.26 -24.97
CA LEU E 139 11.19 -48.57 -24.34
C LEU E 139 10.41 -49.57 -25.15
N ASP E 140 10.90 -50.82 -25.26
CA ASP E 140 10.15 -51.85 -25.95
C ASP E 140 9.16 -52.56 -24.99
N ALA E 141 8.63 -53.75 -25.35
CA ALA E 141 7.67 -54.51 -24.52
C ALA E 141 8.23 -54.88 -23.14
N ASN E 142 9.53 -55.15 -23.05
CA ASN E 142 10.15 -55.52 -21.77
C ASN E 142 11.01 -54.40 -21.19
N LEU E 143 10.65 -53.14 -21.47
CA LEU E 143 11.31 -51.94 -21.00
C LEU E 143 12.80 -51.91 -21.30
N ASN E 144 13.17 -52.27 -22.55
CA ASN E 144 14.56 -52.20 -23.01
C ASN E 144 14.71 -50.90 -23.78
N ILE E 145 15.80 -50.20 -23.54
CA ILE E 145 16.10 -48.91 -24.17
C ILE E 145 16.22 -49.05 -25.69
N LYS E 146 15.61 -48.11 -26.41
CA LYS E 146 15.65 -48.01 -27.88
C LYS E 146 15.79 -46.54 -28.22
N ILE E 147 17.02 -46.07 -28.46
CA ILE E 147 17.28 -44.68 -28.81
C ILE E 147 16.62 -44.29 -30.13
N ALA E 148 15.87 -43.19 -30.13
CA ALA E 148 15.11 -42.68 -31.27
C ALA E 148 15.56 -41.22 -31.61
N ASP E 149 14.98 -40.59 -32.65
CA ASP E 149 15.18 -39.20 -33.08
C ASP E 149 16.64 -38.83 -33.42
N PHE E 150 17.17 -39.39 -34.51
CA PHE E 150 18.51 -39.00 -34.95
C PHE E 150 18.38 -37.76 -35.86
N GLY E 151 17.46 -36.85 -35.50
CA GLY E 151 17.16 -35.64 -36.25
C GLY E 151 18.28 -34.63 -36.19
N PHE E 152 18.82 -34.39 -35.01
CA PHE E 152 19.94 -33.46 -34.85
C PHE E 152 21.30 -34.15 -34.97
N SER E 153 21.33 -35.47 -35.22
CA SER E 153 22.56 -36.21 -35.31
C SER E 153 23.39 -35.87 -36.55
N ASN E 154 24.68 -36.12 -36.47
CA ASN E 154 25.59 -35.81 -37.55
C ASN E 154 26.94 -36.53 -37.37
N LEU E 155 27.80 -36.50 -38.40
CA LEU E 155 29.14 -37.09 -38.34
C LEU E 155 30.07 -36.14 -37.54
N PHE E 156 31.22 -36.63 -37.10
CA PHE E 156 32.21 -35.81 -36.41
C PHE E 156 33.61 -36.42 -36.58
N THR E 157 34.65 -35.60 -36.42
CA THR E 157 36.02 -36.07 -36.50
C THR E 157 36.59 -35.99 -35.11
N PRO E 158 37.09 -37.10 -34.54
CA PRO E 158 37.66 -37.04 -33.19
C PRO E 158 38.78 -36.00 -33.07
N GLY E 159 38.62 -35.08 -32.14
CA GLY E 159 39.58 -34.01 -31.93
C GLY E 159 39.17 -32.67 -32.51
N GLN E 160 38.27 -32.67 -33.50
CA GLN E 160 37.80 -31.41 -34.08
C GLN E 160 36.49 -30.89 -33.42
N LEU E 161 36.11 -29.64 -33.71
CA LEU E 161 34.90 -29.06 -33.12
C LEU E 161 33.74 -28.87 -34.09
N LEU E 162 32.53 -29.19 -33.62
CA LEU E 162 31.31 -28.99 -34.39
C LEU E 162 30.71 -27.60 -34.08
N LYS E 163 29.79 -27.12 -34.92
CA LYS E 163 29.22 -25.79 -34.75
C LYS E 163 27.71 -25.70 -34.92
N TRP E 165 24.38 -25.51 -33.56
CA TRP E 165 23.74 -25.37 -32.25
C TRP E 165 22.33 -25.90 -32.31
N CYS E 166 22.17 -27.10 -31.76
CA CYS E 166 20.94 -27.84 -31.72
C CYS E 166 20.91 -28.71 -30.45
N GLY E 167 19.70 -29.04 -30.00
CA GLY E 167 19.49 -29.86 -28.81
C GLY E 167 18.43 -29.23 -27.95
N SER E 168 17.65 -30.07 -27.22
CA SER E 168 16.60 -29.55 -26.35
C SER E 168 17.19 -28.87 -25.11
N PRO E 169 16.67 -27.70 -24.75
CA PRO E 169 17.26 -26.95 -23.63
C PRO E 169 17.45 -27.69 -22.30
N PRO E 170 16.48 -28.47 -21.73
CA PRO E 170 16.76 -29.11 -20.41
C PRO E 170 17.84 -30.19 -20.42
N TYR E 171 18.41 -30.50 -21.60
CA TYR E 171 19.46 -31.51 -21.75
C TYR E 171 20.68 -30.98 -22.47
N ALA E 172 20.61 -29.78 -23.11
CA ALA E 172 21.72 -29.19 -23.89
C ALA E 172 22.88 -28.80 -22.99
N ALA E 173 24.12 -29.06 -23.44
CA ALA E 173 25.29 -28.72 -22.66
C ALA E 173 25.51 -27.19 -22.59
N PRO E 174 26.20 -26.67 -21.55
CA PRO E 174 26.37 -25.20 -21.44
C PRO E 174 26.96 -24.50 -22.65
N GLU E 175 27.92 -25.14 -23.36
CA GLU E 175 28.61 -24.59 -24.54
C GLU E 175 27.61 -24.22 -25.63
N LEU E 176 26.56 -25.06 -25.80
CA LEU E 176 25.50 -24.86 -26.79
C LEU E 176 24.63 -23.67 -26.41
N PHE E 177 24.43 -23.43 -25.12
CA PHE E 177 23.69 -22.26 -24.67
C PHE E 177 24.51 -21.02 -25.00
N GLU E 178 25.80 -21.04 -24.70
CA GLU E 178 26.71 -19.94 -24.98
C GLU E 178 26.98 -19.72 -26.48
N GLY E 179 26.71 -20.72 -27.30
CA GLY E 179 26.96 -20.62 -28.73
C GLY E 179 28.45 -20.73 -29.02
N LYS E 180 29.08 -21.78 -28.48
CA LYS E 180 30.51 -22.05 -28.66
C LYS E 180 30.73 -23.25 -29.56
N GLU E 181 31.88 -23.28 -30.29
CA GLU E 181 32.21 -24.46 -31.09
C GLU E 181 32.62 -25.54 -30.10
N TYR E 182 31.77 -26.56 -30.01
CA TYR E 182 31.85 -27.64 -29.03
C TYR E 182 32.44 -28.96 -29.57
N ASP E 183 32.80 -29.87 -28.66
CA ASP E 183 33.27 -31.20 -29.01
C ASP E 183 32.00 -32.06 -29.10
N GLY E 184 31.90 -32.87 -30.14
CA GLY E 184 30.75 -33.75 -30.34
C GLY E 184 30.41 -34.65 -29.17
N PRO E 185 31.28 -35.62 -28.86
CA PRO E 185 30.99 -36.56 -27.75
C PRO E 185 30.84 -35.97 -26.37
N LYS E 186 31.60 -34.91 -26.03
CA LYS E 186 31.52 -34.26 -24.73
C LYS E 186 30.17 -33.57 -24.49
N VAL E 187 29.39 -33.26 -25.56
CA VAL E 187 28.05 -32.70 -25.51
C VAL E 187 26.99 -33.81 -25.27
N ASP E 188 27.27 -35.05 -25.69
CA ASP E 188 26.42 -36.21 -25.42
C ASP E 188 26.70 -36.74 -24.00
N ILE E 189 27.93 -36.60 -23.53
CA ILE E 189 28.30 -36.98 -22.18
C ILE E 189 27.57 -36.06 -21.19
N TRP E 190 27.38 -34.77 -21.51
CA TRP E 190 26.61 -33.87 -20.63
C TRP E 190 25.15 -34.32 -20.64
N SER E 191 24.61 -34.62 -21.82
CA SER E 191 23.23 -35.07 -21.94
C SER E 191 23.03 -36.39 -21.22
N LEU E 192 24.05 -37.25 -21.16
CA LEU E 192 23.98 -38.50 -20.43
C LEU E 192 23.91 -38.28 -18.94
N GLY E 193 24.63 -37.26 -18.45
CA GLY E 193 24.63 -36.87 -17.04
C GLY E 193 23.28 -36.39 -16.59
N VAL E 194 22.58 -35.60 -17.45
CA VAL E 194 21.23 -35.09 -17.20
C VAL E 194 20.24 -36.26 -17.19
N VAL E 195 20.38 -37.19 -18.15
CA VAL E 195 19.55 -38.39 -18.25
C VAL E 195 19.73 -39.26 -17.01
N LEU E 196 20.98 -39.47 -16.56
CA LEU E 196 21.22 -40.27 -15.36
C LEU E 196 20.53 -39.68 -14.13
N TYR E 197 20.57 -38.34 -13.96
CA TYR E 197 19.94 -37.64 -12.85
C TYR E 197 18.39 -37.77 -12.91
N VAL E 198 17.83 -37.65 -14.12
CA VAL E 198 16.39 -37.77 -14.37
C VAL E 198 15.90 -39.20 -14.03
N LEU E 199 16.71 -40.22 -14.31
CA LEU E 199 16.35 -41.61 -14.04
C LEU E 199 16.33 -41.95 -12.56
N VAL E 200 17.27 -41.38 -11.79
CA VAL E 200 17.39 -41.70 -10.38
C VAL E 200 16.61 -40.74 -9.48
N CYS E 201 16.27 -39.54 -9.95
CA CYS E 201 15.53 -38.57 -9.14
C CYS E 201 14.10 -38.33 -9.59
N GLY E 202 13.82 -38.56 -10.87
CA GLY E 202 12.50 -38.33 -11.45
C GLY E 202 12.20 -36.86 -11.57
N ALA E 203 13.25 -36.06 -11.80
CA ALA E 203 13.23 -34.61 -11.93
C ALA E 203 14.52 -34.17 -12.64
N LEU E 204 14.52 -32.95 -13.19
CA LEU E 204 15.68 -32.43 -13.91
C LEU E 204 16.75 -31.89 -12.98
N PRO E 205 18.05 -32.04 -13.35
CA PRO E 205 19.10 -31.41 -12.53
C PRO E 205 18.94 -29.88 -12.55
N PHE E 206 18.56 -29.33 -13.73
CA PHE E 206 18.38 -27.91 -13.96
C PHE E 206 16.97 -27.69 -14.51
N ASP E 207 16.20 -26.79 -13.89
CA ASP E 207 14.82 -26.49 -14.30
C ASP E 207 14.46 -25.03 -13.93
N GLY E 208 13.36 -24.52 -14.47
CA GLY E 208 12.91 -23.17 -14.18
C GLY E 208 11.56 -22.85 -14.78
N SER E 209 11.02 -21.67 -14.52
CA SER E 209 9.70 -21.30 -15.07
C SER E 209 9.77 -21.03 -16.57
N THR E 210 10.88 -20.43 -17.02
CA THR E 210 11.07 -20.15 -18.44
C THR E 210 12.40 -20.70 -18.94
N LEU E 211 12.60 -20.73 -20.28
CA LEU E 211 13.81 -21.15 -20.97
C LEU E 211 14.99 -20.30 -20.50
N GLN E 212 14.78 -18.99 -20.23
CA GLN E 212 15.83 -18.11 -19.74
C GLN E 212 16.22 -18.45 -18.31
N ASN E 213 15.25 -18.84 -17.48
CA ASN E 213 15.51 -19.28 -16.12
C ASN E 213 16.29 -20.59 -16.16
N LEU E 214 15.88 -21.53 -17.01
CA LEU E 214 16.54 -22.81 -17.24
C LEU E 214 17.97 -22.56 -17.76
N ARG E 215 18.17 -21.59 -18.69
CA ARG E 215 19.46 -21.24 -19.29
C ARG E 215 20.46 -20.80 -18.23
N ALA E 216 20.06 -19.90 -17.32
CA ALA E 216 20.89 -19.43 -16.22
C ALA E 216 21.32 -20.61 -15.30
N ARG E 217 20.39 -21.55 -15.10
CA ARG E 217 20.53 -22.75 -14.32
C ARG E 217 21.61 -23.66 -14.90
N VAL E 218 21.54 -24.02 -16.20
CA VAL E 218 22.53 -24.92 -16.83
C VAL E 218 23.91 -24.24 -16.82
N LEU E 219 23.94 -22.93 -17.11
CA LEU E 219 25.19 -22.16 -17.11
C LEU E 219 25.86 -22.07 -15.71
N SER E 220 25.09 -22.25 -14.65
CA SER E 220 25.62 -22.25 -13.29
C SER E 220 26.31 -23.57 -12.93
N GLY E 221 25.84 -24.67 -13.53
CA GLY E 221 26.37 -26.00 -13.28
C GLY E 221 25.99 -26.59 -11.94
N LYS E 222 25.19 -25.86 -11.14
CA LYS E 222 24.81 -26.33 -9.82
C LYS E 222 23.48 -27.03 -9.80
N PHE E 223 23.48 -28.21 -9.23
CA PHE E 223 22.32 -29.08 -9.06
C PHE E 223 22.40 -29.70 -7.66
N ARG E 224 21.26 -30.18 -7.16
CA ARG E 224 21.18 -30.77 -5.85
C ARG E 224 21.44 -32.28 -5.92
N ILE E 225 22.22 -32.80 -4.96
CA ILE E 225 22.45 -34.23 -4.88
C ILE E 225 21.54 -34.70 -3.73
N PRO E 226 20.54 -35.55 -4.03
CA PRO E 226 19.60 -35.98 -3.00
C PRO E 226 20.14 -37.06 -2.07
N PHE E 227 19.42 -37.31 -0.97
CA PHE E 227 19.77 -38.27 0.04
C PHE E 227 19.73 -39.70 -0.47
N PHE E 228 18.74 -40.03 -1.31
CA PHE E 228 18.62 -41.38 -1.88
C PHE E 228 19.71 -41.70 -2.94
N MET E 229 20.47 -40.70 -3.38
CA MET E 229 21.52 -40.91 -4.38
C MET E 229 22.79 -41.39 -3.70
N SER E 230 23.29 -42.55 -4.13
CA SER E 230 24.49 -43.14 -3.58
C SER E 230 25.73 -42.30 -3.87
N THR E 231 26.83 -42.54 -3.13
CA THR E 231 28.08 -41.80 -3.32
C THR E 231 28.68 -42.08 -4.70
N GLU E 232 28.60 -43.35 -5.14
CA GLU E 232 29.13 -43.75 -6.45
C GLU E 232 28.34 -43.08 -7.56
N CYS E 233 27.01 -42.97 -7.40
CA CYS E 233 26.14 -42.32 -8.38
C CYS E 233 26.38 -40.83 -8.42
N GLU E 234 26.56 -40.21 -7.24
CA GLU E 234 26.85 -38.79 -7.08
C GLU E 234 28.17 -38.48 -7.79
N HIS E 235 29.19 -39.33 -7.61
CA HIS E 235 30.48 -39.13 -8.24
C HIS E 235 30.35 -39.21 -9.75
N LEU E 236 29.60 -40.22 -10.23
CA LEU E 236 29.40 -40.38 -11.68
C LEU E 236 28.74 -39.17 -12.29
N ILE E 237 27.54 -38.78 -11.83
CA ILE E 237 26.82 -37.62 -12.35
C ILE E 237 27.67 -36.35 -12.27
N ARG E 238 28.30 -36.12 -11.12
CA ARG E 238 29.12 -34.94 -10.91
C ARG E 238 30.26 -34.82 -11.89
N HIS E 239 30.84 -35.95 -12.33
CA HIS E 239 31.96 -35.93 -13.27
C HIS E 239 31.56 -35.98 -14.75
N MET E 240 30.27 -35.91 -15.04
CA MET E 240 29.72 -35.86 -16.39
C MET E 240 29.07 -34.48 -16.61
N LEU E 241 28.45 -33.90 -15.56
CA LEU E 241 27.82 -32.59 -15.59
C LEU E 241 28.84 -31.55 -15.12
N VAL E 242 29.97 -31.46 -15.84
CA VAL E 242 31.07 -30.52 -15.55
C VAL E 242 30.99 -29.39 -16.56
N LEU E 243 31.11 -28.12 -16.13
CA LEU E 243 31.05 -26.98 -17.05
C LEU E 243 32.16 -27.00 -18.13
N ASP E 244 33.41 -27.28 -17.74
CA ASP E 244 34.53 -27.36 -18.69
C ASP E 244 34.47 -28.72 -19.35
N PRO E 245 34.25 -28.77 -20.67
CA PRO E 245 34.11 -30.08 -21.34
C PRO E 245 35.35 -30.94 -21.27
N ASN E 246 36.52 -30.32 -21.28
CA ASN E 246 37.78 -31.04 -21.20
C ASN E 246 37.99 -31.78 -19.87
N LYS E 247 37.12 -31.54 -18.86
CA LYS E 247 37.20 -32.19 -17.56
C LYS E 247 36.06 -33.18 -17.29
N ARG E 248 35.34 -33.64 -18.34
CA ARG E 248 34.27 -34.65 -18.21
C ARG E 248 34.83 -36.04 -18.52
N LEU E 249 34.25 -37.08 -17.92
CA LEU E 249 34.68 -38.46 -18.16
C LEU E 249 34.43 -38.83 -19.60
N SER E 250 35.30 -39.66 -20.18
CA SER E 250 35.11 -40.14 -21.54
C SER E 250 34.05 -41.25 -21.53
N MET E 251 33.54 -41.66 -22.71
CA MET E 251 32.57 -42.76 -22.78
C MET E 251 33.16 -44.05 -22.19
N GLU E 252 34.49 -44.25 -22.26
CA GLU E 252 35.11 -45.44 -21.68
C GLU E 252 35.28 -45.32 -20.17
N GLN E 253 35.49 -44.11 -19.65
CA GLN E 253 35.63 -43.89 -18.22
C GLN E 253 34.29 -44.12 -17.51
N ILE E 254 33.17 -43.77 -18.18
CA ILE E 254 31.82 -43.97 -17.70
C ILE E 254 31.53 -45.48 -17.54
N CYS E 255 32.02 -46.30 -18.47
CA CYS E 255 31.83 -47.75 -18.43
C CYS E 255 32.62 -48.36 -17.27
N LYS E 256 33.86 -47.90 -17.07
CA LYS E 256 34.71 -48.41 -15.99
C LYS E 256 34.43 -47.75 -14.63
N HIS E 257 33.46 -46.82 -14.54
CA HIS E 257 33.12 -46.12 -13.30
C HIS E 257 32.72 -47.10 -12.20
N LYS E 258 33.09 -46.83 -10.92
CA LYS E 258 32.76 -47.70 -9.77
C LYS E 258 31.26 -47.97 -9.67
N TRP E 259 30.43 -47.00 -10.09
CA TRP E 259 28.99 -47.14 -10.07
C TRP E 259 28.49 -48.18 -11.08
N MET E 260 29.18 -48.30 -12.20
CA MET E 260 28.83 -49.22 -13.26
C MET E 260 29.11 -50.67 -12.86
N LYS E 261 30.14 -50.90 -12.03
CA LYS E 261 30.48 -52.25 -11.55
C LYS E 261 29.80 -52.56 -10.21
N LEU E 262 28.82 -51.76 -9.78
CA LEU E 262 28.16 -51.90 -8.50
C LEU E 262 27.04 -52.93 -8.47
N GLY E 263 26.48 -53.29 -9.62
CA GLY E 263 25.41 -54.29 -9.66
C GLY E 263 25.95 -55.71 -9.60
N ASP E 264 25.21 -56.68 -10.15
CA ASP E 264 25.72 -58.05 -10.25
C ASP E 264 26.53 -58.12 -11.57
N ALA E 265 27.37 -59.15 -11.73
CA ALA E 265 28.19 -59.28 -12.95
C ALA E 265 27.35 -59.23 -14.24
N ASP E 266 27.63 -58.26 -15.12
CA ASP E 266 26.89 -58.10 -16.37
C ASP E 266 27.75 -58.37 -17.58
N PRO E 267 27.81 -59.63 -18.04
CA PRO E 267 28.65 -59.94 -19.22
C PRO E 267 28.08 -59.45 -20.55
N ASN E 268 26.75 -59.23 -20.63
CA ASN E 268 26.11 -58.75 -21.85
C ASN E 268 26.56 -57.31 -22.17
N PHE E 269 26.69 -56.48 -21.13
CA PHE E 269 27.12 -55.09 -21.28
C PHE E 269 28.56 -55.03 -21.79
N ASP E 270 29.46 -55.78 -21.14
CA ASP E 270 30.87 -55.80 -21.53
C ASP E 270 31.08 -56.32 -22.92
N ARG E 271 30.27 -57.30 -23.35
CA ARG E 271 30.37 -57.87 -24.69
C ARG E 271 29.89 -56.83 -25.70
N LEU E 272 28.79 -56.11 -25.40
CA LEU E 272 28.25 -55.11 -26.31
C LEU E 272 29.17 -53.92 -26.53
N ILE E 273 29.87 -53.45 -25.46
CA ILE E 273 30.80 -52.33 -25.63
C ILE E 273 32.13 -52.82 -26.26
N ALA E 274 32.47 -54.12 -26.12
CA ALA E 274 33.67 -54.67 -26.75
C ALA E 274 33.47 -54.78 -28.26
N GLU E 275 32.24 -55.01 -28.74
CA GLU E 275 31.91 -55.09 -30.15
C GLU E 275 32.02 -53.74 -30.90
N SER E 276 32.06 -52.63 -30.16
CA SER E 276 32.23 -51.31 -30.77
C SER E 276 33.74 -51.06 -31.03
N GLN E 277 34.61 -51.58 -30.16
CA GLN E 277 36.07 -51.42 -30.28
C GLN E 277 36.71 -52.29 -31.40
N GLN E 278 35.85 -52.99 -32.19
CA GLN E 278 36.24 -53.81 -33.33
C GLN E 278 36.21 -52.90 -34.56
N ASP E 286 25.08 -61.70 -38.24
CA ASP E 286 25.82 -61.76 -39.49
C ASP E 286 25.38 -62.93 -40.43
N PRO E 287 25.31 -64.23 -40.00
CA PRO E 287 24.88 -65.28 -40.95
C PRO E 287 23.38 -65.25 -41.30
N LEU E 288 23.04 -65.70 -42.51
CA LEU E 288 21.68 -65.69 -43.05
C LEU E 288 20.75 -66.71 -42.41
N ASN E 289 19.67 -66.24 -41.74
CA ASN E 289 18.67 -67.09 -41.07
C ASN E 289 17.96 -67.97 -42.09
N GLU E 290 18.24 -69.26 -42.03
CA GLU E 290 17.71 -70.26 -42.94
C GLU E 290 16.20 -70.44 -42.88
N ASP E 291 15.62 -70.57 -41.68
CA ASP E 291 14.17 -70.73 -41.56
C ASP E 291 13.37 -69.50 -42.00
N VAL E 292 14.00 -68.32 -42.01
CA VAL E 292 13.34 -67.12 -42.53
C VAL E 292 13.32 -67.21 -44.06
N LEU E 293 14.44 -67.65 -44.67
CA LEU E 293 14.56 -67.82 -46.11
C LEU E 293 13.60 -68.88 -46.63
N LEU E 294 13.38 -69.94 -45.84
CA LEU E 294 12.47 -71.02 -46.22
C LEU E 294 10.99 -70.56 -46.19
N ALA E 295 10.67 -69.60 -45.31
CA ALA E 295 9.34 -69.03 -45.19
C ALA E 295 9.09 -68.02 -46.32
N MET E 296 10.12 -67.23 -46.69
CA MET E 296 10.00 -66.27 -47.77
C MET E 296 9.87 -66.99 -49.11
N GLU E 297 10.59 -68.11 -49.31
CA GLU E 297 10.45 -68.87 -50.54
C GLU E 297 9.11 -69.63 -50.60
N ASP E 298 8.52 -69.97 -49.43
CA ASP E 298 7.19 -70.57 -49.31
C ASP E 298 6.14 -69.57 -49.87
N MET E 299 6.35 -68.27 -49.64
CA MET E 299 5.47 -67.25 -50.16
C MET E 299 5.77 -67.02 -51.66
N GLY E 300 7.04 -66.88 -51.98
CA GLY E 300 7.47 -66.69 -53.37
C GLY E 300 8.56 -65.66 -53.56
N LEU E 301 8.98 -64.99 -52.48
CA LEU E 301 10.04 -63.99 -52.52
C LEU E 301 11.33 -64.73 -52.77
N ASP E 302 11.82 -64.69 -54.03
CA ASP E 302 13.01 -65.40 -54.46
C ASP E 302 14.26 -65.09 -53.66
N LYS E 303 15.10 -66.11 -53.49
CA LYS E 303 16.33 -66.03 -52.71
C LYS E 303 17.35 -65.06 -53.29
N GLU E 304 17.44 -65.00 -54.63
CA GLU E 304 18.36 -64.14 -55.39
C GLU E 304 18.12 -62.66 -55.09
N GLN E 305 16.86 -62.23 -55.12
CA GLN E 305 16.50 -60.85 -54.84
C GLN E 305 16.51 -60.53 -53.34
N THR E 306 16.37 -61.54 -52.46
CA THR E 306 16.41 -61.31 -51.02
C THR E 306 17.85 -61.04 -50.58
N LEU E 307 18.82 -61.76 -51.19
CA LEU E 307 20.24 -61.60 -50.90
C LEU E 307 20.79 -60.31 -51.50
N GLN E 308 20.38 -59.96 -52.74
CA GLN E 308 20.80 -58.72 -53.40
C GLN E 308 20.36 -57.49 -52.60
N SER E 309 19.09 -57.47 -52.17
CA SER E 309 18.53 -56.36 -51.41
C SER E 309 19.15 -56.21 -50.02
N LEU E 310 19.62 -57.32 -49.44
CA LEU E 310 20.25 -57.35 -48.12
C LEU E 310 21.67 -56.76 -48.18
N ARG E 311 22.49 -57.18 -49.17
CA ARG E 311 23.87 -56.71 -49.29
C ARG E 311 23.99 -55.29 -49.86
N SER E 312 23.06 -54.86 -50.72
CA SER E 312 23.11 -53.51 -51.31
C SER E 312 22.46 -52.42 -50.45
N ASP E 313 22.02 -52.75 -49.20
CA ASP E 313 21.33 -51.85 -48.26
C ASP E 313 20.14 -51.20 -48.98
N ALA E 314 19.28 -52.02 -49.59
CA ALA E 314 18.16 -51.53 -50.38
C ALA E 314 17.01 -50.98 -49.56
N TYR E 315 16.68 -51.64 -48.42
CA TYR E 315 15.58 -51.27 -47.53
C TYR E 315 14.27 -51.26 -48.33
N ASP E 316 14.05 -52.32 -49.10
CA ASP E 316 12.89 -52.47 -49.97
C ASP E 316 11.93 -53.56 -49.43
N HIS E 317 10.99 -54.09 -50.27
CA HIS E 317 10.02 -55.09 -49.82
C HIS E 317 10.62 -56.50 -49.65
N TYR E 318 11.86 -56.73 -50.09
CA TYR E 318 12.56 -57.99 -49.84
C TYR E 318 13.40 -57.85 -48.56
N SER E 319 14.12 -56.72 -48.43
CA SER E 319 14.97 -56.43 -47.29
C SER E 319 14.15 -56.31 -46.00
N ALA E 320 13.00 -55.60 -46.06
CA ALA E 320 12.14 -55.43 -44.89
C ALA E 320 11.40 -56.68 -44.43
N ILE E 321 10.87 -57.51 -45.37
CA ILE E 321 10.17 -58.76 -44.99
C ILE E 321 11.14 -59.72 -44.27
N TYR E 322 12.43 -59.73 -44.68
CA TYR E 322 13.45 -60.56 -44.05
C TYR E 322 13.75 -60.07 -42.62
N SER E 323 14.06 -58.77 -42.47
CA SER E 323 14.40 -58.17 -41.18
C SER E 323 13.27 -58.22 -40.19
N LEU E 324 12.03 -57.95 -40.62
CA LEU E 324 10.85 -58.01 -39.75
C LEU E 324 10.58 -59.44 -39.29
N LEU E 325 10.78 -60.41 -40.19
CA LEU E 325 10.60 -61.83 -39.92
C LEU E 325 11.66 -62.36 -38.94
N CYS E 326 12.86 -61.74 -38.93
CA CYS E 326 13.94 -62.12 -38.03
C CYS E 326 13.67 -61.63 -36.62
N ASP E 327 13.10 -60.43 -36.49
CA ASP E 327 12.83 -59.81 -35.20
C ASP E 327 11.38 -60.02 -34.74
N GLU F 1 -18.36 -27.52 -12.69
CA GLU F 1 -18.53 -28.93 -12.32
C GLU F 1 -17.18 -29.67 -12.16
N VAL F 2 -16.04 -29.06 -12.54
CA VAL F 2 -14.76 -29.74 -12.42
C VAL F 2 -14.36 -29.78 -10.95
N GLN F 3 -14.13 -30.97 -10.40
CA GLN F 3 -13.73 -31.09 -9.00
C GLN F 3 -12.59 -32.08 -8.79
N LEU F 4 -11.81 -31.88 -7.73
CA LEU F 4 -10.66 -32.71 -7.42
C LEU F 4 -10.96 -33.65 -6.25
N VAL F 5 -11.18 -34.93 -6.56
CA VAL F 5 -11.52 -35.92 -5.53
C VAL F 5 -10.29 -36.56 -4.92
N GLN F 6 -10.18 -36.50 -3.59
CA GLN F 6 -9.03 -37.04 -2.88
C GLN F 6 -9.30 -38.34 -2.14
N SER F 7 -8.23 -39.13 -1.90
CA SER F 7 -8.32 -40.38 -1.17
C SER F 7 -8.58 -40.11 0.33
N GLY F 8 -9.08 -41.12 1.02
CA GLY F 8 -9.47 -41.01 2.43
C GLY F 8 -8.35 -40.78 3.43
N ALA F 9 -8.75 -40.37 4.65
CA ALA F 9 -7.86 -40.13 5.78
C ALA F 9 -7.10 -41.39 6.18
N GLY F 10 -5.80 -41.24 6.40
CA GLY F 10 -4.96 -42.37 6.78
C GLY F 10 -4.20 -42.21 8.09
N VAL F 11 -3.99 -43.32 8.80
CA VAL F 11 -3.21 -43.33 10.01
C VAL F 11 -1.96 -44.15 9.69
N LYS F 12 -0.78 -43.54 9.80
CA LYS F 12 0.47 -44.21 9.46
C LYS F 12 1.39 -44.33 10.65
N LYS F 13 2.25 -45.36 10.64
CA LYS F 13 3.23 -45.56 11.70
C LYS F 13 4.58 -44.93 11.27
N PRO F 14 5.51 -44.64 12.22
CA PRO F 14 6.79 -44.04 11.81
C PRO F 14 7.63 -44.97 10.90
N GLY F 15 8.32 -44.41 9.92
CA GLY F 15 9.11 -45.22 8.99
C GLY F 15 8.31 -45.85 7.86
N SER F 16 6.99 -45.59 7.81
CA SER F 16 6.14 -46.10 6.73
C SER F 16 5.94 -45.01 5.66
N SER F 17 5.22 -45.33 4.56
CA SER F 17 4.93 -44.35 3.52
C SER F 17 3.41 -44.18 3.32
N VAL F 18 2.99 -43.03 2.80
CA VAL F 18 1.57 -42.77 2.55
C VAL F 18 1.36 -42.39 1.08
N LYS F 19 0.29 -42.89 0.44
CA LYS F 19 0.01 -42.55 -0.95
C LYS F 19 -1.36 -41.90 -1.05
N VAL F 20 -1.40 -40.64 -1.48
CA VAL F 20 -2.66 -39.92 -1.64
C VAL F 20 -2.98 -39.71 -3.13
N SER F 21 -4.21 -40.04 -3.56
CA SER F 21 -4.65 -39.87 -4.94
C SER F 21 -5.54 -38.63 -5.11
N CYS F 22 -5.59 -38.10 -6.33
CA CYS F 22 -6.32 -36.90 -6.69
C CYS F 22 -6.90 -37.12 -8.08
N LYS F 23 -8.19 -37.47 -8.16
CA LYS F 23 -8.85 -37.76 -9.42
C LYS F 23 -9.67 -36.57 -9.91
N SER F 24 -9.42 -36.13 -11.15
CA SER F 24 -10.11 -35.01 -11.74
C SER F 24 -11.42 -35.44 -12.41
N SER F 25 -12.56 -34.86 -11.98
CA SER F 25 -13.90 -35.19 -12.50
C SER F 25 -14.58 -34.00 -13.16
N SER F 31 -5.18 -32.43 -19.70
CA SER F 31 -3.92 -32.08 -19.05
C SER F 31 -4.16 -31.00 -17.99
N SER F 32 -3.62 -31.18 -16.74
CA SER F 32 -3.95 -30.28 -15.63
C SER F 32 -2.82 -29.46 -14.97
N ALA F 33 -1.67 -30.08 -14.62
CA ALA F 33 -0.56 -29.47 -13.86
C ALA F 33 -0.95 -29.31 -12.36
N VAL F 34 -1.23 -30.44 -11.70
CA VAL F 34 -1.62 -30.49 -10.30
C VAL F 34 -0.39 -30.48 -9.40
N SER F 35 -0.46 -29.78 -8.26
CA SER F 35 0.59 -29.71 -7.27
C SER F 35 0.06 -30.20 -5.90
N TRP F 36 0.97 -30.61 -5.03
CA TRP F 36 0.67 -31.10 -3.70
C TRP F 36 1.20 -30.10 -2.69
N ILE F 37 0.31 -29.61 -1.84
CA ILE F 37 0.60 -28.61 -0.80
C ILE F 37 0.07 -29.17 0.52
N ARG F 38 0.86 -29.18 1.61
CA ARG F 38 0.34 -29.69 2.91
C ARG F 38 0.14 -28.59 3.96
N GLN F 39 -0.67 -28.85 4.99
CA GLN F 39 -0.90 -27.88 6.04
C GLN F 39 -0.94 -28.51 7.44
N ALA F 40 0.13 -28.32 8.24
CA ALA F 40 0.20 -28.81 9.61
C ALA F 40 -0.97 -28.26 10.44
N PRO F 41 -1.48 -29.01 11.44
CA PRO F 41 -2.63 -28.51 12.21
C PRO F 41 -2.31 -27.21 12.94
N GLY F 42 -2.99 -26.14 12.58
CA GLY F 42 -2.72 -24.83 13.17
C GLY F 42 -1.59 -24.04 12.52
N GLN F 43 -0.87 -24.66 11.58
CA GLN F 43 0.24 -24.01 10.90
C GLN F 43 -0.13 -23.61 9.46
N GLY F 44 0.75 -22.85 8.82
CA GLY F 44 0.48 -22.37 7.47
C GLY F 44 0.56 -23.45 6.41
N VAL F 45 0.24 -23.08 5.18
CA VAL F 45 0.29 -24.00 4.05
C VAL F 45 1.68 -23.91 3.37
N GLU F 46 2.23 -25.08 2.94
CA GLU F 46 3.55 -25.18 2.31
C GLU F 46 3.54 -26.09 1.05
N TRP F 47 4.07 -25.58 -0.08
CA TRP F 47 4.13 -26.31 -1.36
C TRP F 47 5.23 -27.39 -1.33
N MET F 48 4.83 -28.63 -1.63
CA MET F 48 5.74 -29.75 -1.57
C MET F 48 6.35 -30.11 -2.91
N GLY F 49 5.53 -30.09 -3.95
CA GLY F 49 5.95 -30.41 -5.31
C GLY F 49 4.78 -30.52 -6.27
N GLY F 50 5.07 -30.62 -7.56
CA GLY F 50 4.06 -30.73 -8.60
C GLY F 50 4.58 -30.27 -9.95
N ILE F 51 3.70 -30.26 -10.95
CA ILE F 51 4.09 -29.83 -12.30
C ILE F 51 4.28 -28.30 -12.33
N THR F 52 5.50 -27.82 -12.69
CA THR F 52 5.87 -26.40 -12.70
C THR F 52 6.43 -25.85 -14.04
N SER F 53 6.64 -26.70 -15.03
CA SER F 53 7.16 -26.33 -16.34
C SER F 53 7.01 -27.49 -17.33
N ILE F 54 7.16 -27.21 -18.62
CA ILE F 54 7.03 -28.24 -19.64
C ILE F 54 8.28 -29.18 -19.70
N PHE F 55 9.45 -28.68 -19.23
CA PHE F 55 10.76 -29.31 -19.30
C PHE F 55 10.93 -30.70 -18.63
N GLY F 56 10.64 -30.81 -17.32
CA GLY F 56 10.83 -32.05 -16.56
C GLY F 56 9.56 -32.77 -16.17
N PRO F 57 9.70 -34.04 -15.75
CA PRO F 57 8.50 -34.82 -15.38
C PRO F 57 7.78 -34.31 -14.15
N ALA F 58 8.52 -33.86 -13.15
CA ALA F 58 7.97 -33.33 -11.90
C ALA F 58 8.95 -32.38 -11.23
N ASN F 59 8.43 -31.49 -10.36
CA ASN F 59 9.29 -30.56 -9.65
C ASN F 59 9.03 -30.60 -8.17
N TYR F 60 10.06 -30.80 -7.35
CA TYR F 60 9.88 -30.89 -5.90
C TYR F 60 10.56 -29.73 -5.18
N ALA F 61 10.01 -29.33 -4.02
CA ALA F 61 10.68 -28.32 -3.20
C ALA F 61 11.88 -29.06 -2.54
N GLN F 62 13.01 -28.37 -2.33
CA GLN F 62 14.20 -28.97 -1.71
C GLN F 62 13.93 -29.81 -0.44
N LYS F 63 12.99 -29.35 0.41
CA LYS F 63 12.61 -30.00 1.66
C LYS F 63 11.92 -31.35 1.47
N PHE F 64 11.28 -31.56 0.33
CA PHE F 64 10.52 -32.77 0.08
C PHE F 64 11.11 -33.72 -0.94
N GLN F 65 12.10 -33.30 -1.72
CA GLN F 65 12.70 -34.11 -2.77
C GLN F 65 13.13 -35.51 -2.32
N ASP F 66 13.67 -35.64 -1.11
CA ASP F 66 14.15 -36.93 -0.61
C ASP F 66 13.09 -37.92 -0.21
N ARG F 67 11.87 -37.46 0.12
CA ARG F 67 10.82 -38.38 0.57
C ARG F 67 9.55 -38.38 -0.29
N LEU F 68 9.40 -37.41 -1.19
CA LEU F 68 8.24 -37.30 -2.08
C LEU F 68 8.45 -37.92 -3.48
N LYS F 69 7.40 -38.55 -4.01
CA LYS F 69 7.33 -39.12 -5.34
C LYS F 69 5.96 -38.75 -5.88
N ILE F 70 5.92 -37.84 -6.85
CA ILE F 70 4.66 -37.43 -7.48
C ILE F 70 4.49 -38.12 -8.85
N THR F 71 3.42 -38.89 -9.00
CA THR F 71 3.15 -39.64 -10.22
C THR F 71 1.77 -39.28 -10.81
N ALA F 72 1.43 -39.81 -11.99
CA ALA F 72 0.16 -39.50 -12.65
C ALA F 72 -0.20 -40.59 -13.64
N ASP F 73 -1.45 -41.09 -13.53
CA ASP F 73 -2.01 -42.06 -14.46
C ASP F 73 -2.89 -41.25 -15.42
N LYS F 74 -2.33 -40.89 -16.59
CA LYS F 74 -3.04 -40.09 -17.58
C LYS F 74 -4.27 -40.79 -18.15
N ALA F 75 -4.29 -42.14 -18.13
CA ALA F 75 -5.41 -42.96 -18.60
C ALA F 75 -6.66 -42.83 -17.74
N THR F 76 -6.49 -42.45 -16.45
CA THR F 76 -7.62 -42.31 -15.52
C THR F 76 -7.78 -40.89 -14.93
N ASN F 77 -7.01 -39.90 -15.42
CA ASN F 77 -7.02 -38.52 -14.92
C ASN F 77 -6.66 -38.45 -13.43
N THR F 78 -5.84 -39.41 -12.93
CA THR F 78 -5.47 -39.41 -11.51
C THR F 78 -4.02 -39.01 -11.29
N VAL F 79 -3.77 -38.16 -10.29
CA VAL F 79 -2.45 -37.72 -9.92
C VAL F 79 -2.18 -38.26 -8.52
N TYR F 80 -1.00 -38.86 -8.30
CA TYR F 80 -0.66 -39.44 -7.01
C TYR F 80 0.49 -38.72 -6.32
N MET F 81 0.56 -38.85 -4.99
CA MET F 81 1.59 -38.28 -4.13
C MET F 81 2.07 -39.39 -3.19
N GLU F 82 3.37 -39.65 -3.07
CA GLU F 82 3.86 -40.63 -2.10
C GLU F 82 4.91 -40.02 -1.20
N LEU F 83 4.68 -40.01 0.12
CA LEU F 83 5.66 -39.48 1.07
C LEU F 83 6.17 -40.63 1.95
N SER F 84 7.46 -40.95 1.88
CA SER F 84 8.02 -42.04 2.67
C SER F 84 8.77 -41.54 3.92
N GLY F 85 9.28 -42.46 4.76
CA GLY F 85 10.03 -42.15 5.97
C GLY F 85 9.34 -41.16 6.88
N LEU F 86 8.05 -41.43 7.14
CA LEU F 86 7.16 -40.60 7.92
C LEU F 86 7.51 -40.47 9.38
N THR F 87 7.21 -39.29 9.92
CA THR F 87 7.39 -38.89 11.31
C THR F 87 6.16 -38.11 11.77
N PHE F 88 6.01 -37.90 13.08
CA PHE F 88 4.89 -37.14 13.62
C PHE F 88 4.80 -35.71 13.04
N GLU F 89 5.93 -35.16 12.54
CA GLU F 89 5.95 -33.82 11.93
C GLU F 89 5.37 -33.78 10.52
N ASP F 90 5.05 -34.96 9.96
CA ASP F 90 4.38 -35.10 8.68
C ASP F 90 2.85 -35.32 8.85
N THR F 91 2.30 -35.10 10.08
CA THR F 91 0.88 -35.21 10.38
C THR F 91 0.34 -33.90 9.90
N ALA F 92 -0.41 -33.87 8.80
CA ALA F 92 -0.92 -32.62 8.23
C ALA F 92 -2.15 -32.87 7.30
N VAL F 93 -2.80 -31.81 6.74
CA VAL F 93 -3.90 -31.93 5.79
C VAL F 93 -3.27 -31.72 4.43
N TYR F 94 -3.17 -32.78 3.65
CA TYR F 94 -2.54 -32.76 2.33
C TYR F 94 -3.55 -32.42 1.26
N TYR F 95 -3.26 -31.39 0.47
CA TYR F 95 -4.13 -30.91 -0.60
C TYR F 95 -3.54 -31.11 -1.97
N CYS F 96 -4.40 -31.28 -2.96
CA CYS F 96 -3.95 -31.26 -4.35
C CYS F 96 -4.63 -30.04 -5.01
N ALA F 97 -3.84 -29.19 -5.69
CA ALA F 97 -4.36 -27.98 -6.30
C ALA F 97 -3.88 -27.81 -7.73
N ARG F 98 -4.76 -27.36 -8.61
CA ARG F 98 -4.45 -27.22 -10.02
C ARG F 98 -4.02 -25.80 -10.41
N VAL F 99 -2.91 -25.65 -11.18
CA VAL F 99 -2.44 -24.35 -11.64
C VAL F 99 -3.42 -23.84 -12.69
N GLY F 100 -3.87 -22.61 -12.53
CA GLY F 100 -4.89 -22.01 -13.37
C GLY F 100 -4.54 -21.59 -14.79
N ASP F 101 -3.25 -21.33 -15.09
CA ASP F 101 -2.91 -20.89 -16.45
C ASP F 101 -2.18 -21.93 -17.30
N TYR F 102 -2.41 -23.22 -17.03
CA TYR F 102 -1.76 -24.31 -17.76
C TYR F 102 -1.99 -24.23 -19.26
N ASN F 103 -3.20 -23.83 -19.64
CA ASN F 103 -3.68 -23.65 -21.01
C ASN F 103 -2.77 -22.72 -21.85
N PHE F 104 -1.91 -21.92 -21.18
CA PHE F 104 -1.00 -20.95 -21.81
C PHE F 104 0.49 -21.36 -21.75
N TRP F 105 0.82 -22.50 -21.17
CA TRP F 105 2.21 -22.90 -20.97
C TRP F 105 3.02 -23.32 -22.18
N ASN F 106 3.80 -22.39 -22.70
CA ASN F 106 4.82 -22.71 -23.68
C ASN F 106 6.18 -22.58 -22.87
N GLY F 107 7.31 -22.31 -23.50
CA GLY F 107 8.57 -22.20 -22.77
C GLY F 107 8.91 -20.79 -22.32
N HIS F 108 8.32 -19.79 -22.97
CA HIS F 108 8.63 -18.39 -22.70
C HIS F 108 7.62 -17.71 -21.78
N TYR F 109 6.40 -18.24 -21.70
CA TYR F 109 5.39 -17.69 -20.82
C TYR F 109 5.75 -18.03 -19.39
N ARG F 110 5.75 -17.01 -18.50
CA ARG F 110 6.03 -17.17 -17.08
C ARG F 110 4.71 -17.42 -16.40
N SER F 111 4.52 -18.61 -15.83
CA SER F 111 3.24 -18.92 -15.17
C SER F 111 3.01 -18.08 -13.88
N GLY F 112 1.75 -17.87 -13.55
CA GLY F 112 1.38 -17.15 -12.35
C GLY F 112 1.45 -18.05 -11.13
N TYR F 113 1.26 -19.37 -11.35
CA TYR F 113 1.27 -20.41 -10.33
C TYR F 113 0.16 -20.19 -9.31
N TYR F 114 -1.04 -19.79 -9.80
CA TYR F 114 -2.20 -19.58 -8.95
C TYR F 114 -3.03 -20.85 -8.95
N PHE F 115 -3.36 -21.37 -7.77
CA PHE F 115 -4.16 -22.59 -7.66
C PHE F 115 -5.63 -22.23 -7.61
N ASP F 116 -6.34 -22.38 -8.75
CA ASP F 116 -7.75 -22.07 -8.88
C ASP F 116 -8.67 -23.20 -8.42
N LEU F 117 -8.29 -24.46 -8.62
CA LEU F 117 -9.07 -25.61 -8.15
C LEU F 117 -8.31 -26.25 -7.03
N TRP F 118 -9.00 -26.58 -5.92
CA TRP F 118 -8.39 -27.22 -4.77
C TRP F 118 -9.18 -28.47 -4.40
N GLY F 119 -8.50 -29.44 -3.80
CA GLY F 119 -9.15 -30.66 -3.33
C GLY F 119 -9.64 -30.48 -1.91
N ARG F 120 -10.57 -31.33 -1.46
CA ARG F 120 -11.13 -31.25 -0.09
C ARG F 120 -10.06 -31.41 1.02
N GLY F 121 -8.98 -32.11 0.70
CA GLY F 121 -7.88 -32.36 1.63
C GLY F 121 -7.95 -33.75 2.22
N THR F 122 -6.79 -34.37 2.44
CA THR F 122 -6.70 -35.71 3.04
C THR F 122 -6.01 -35.62 4.39
N LEU F 123 -6.64 -36.15 5.45
CA LEU F 123 -6.05 -36.12 6.78
C LEU F 123 -5.04 -37.26 6.92
N VAL F 124 -3.76 -36.91 7.04
CA VAL F 124 -2.69 -37.89 7.21
C VAL F 124 -2.17 -37.71 8.63
N THR F 125 -2.24 -38.76 9.44
CA THR F 125 -1.75 -38.69 10.80
C THR F 125 -0.68 -39.75 11.06
N VAL F 126 0.50 -39.31 11.51
CA VAL F 126 1.58 -40.23 11.81
C VAL F 126 1.73 -40.40 13.34
N SER F 127 1.57 -41.62 13.82
CA SER F 127 1.61 -41.95 15.23
C SER F 127 3.02 -41.98 15.84
N SER F 128 3.15 -42.46 17.10
CA SER F 128 4.43 -42.72 17.80
C SER F 128 5.04 -44.06 17.34
N VAL F 147 8.06 -18.25 4.35
CA VAL F 147 9.09 -17.71 3.47
C VAL F 147 8.74 -16.25 3.00
N LEU F 148 7.45 -15.94 2.90
CA LEU F 148 6.97 -14.61 2.57
C LEU F 148 6.44 -14.02 3.89
N THR F 149 6.97 -12.87 4.33
CA THR F 149 6.60 -12.30 5.63
C THR F 149 5.27 -11.55 5.64
N GLN F 150 4.33 -12.08 6.42
CA GLN F 150 3.01 -11.52 6.65
C GLN F 150 2.79 -11.28 8.16
N PRO F 151 1.97 -10.28 8.54
CA PRO F 151 1.64 -10.12 9.96
C PRO F 151 0.77 -11.28 10.45
N PRO F 152 0.98 -11.75 11.67
CA PRO F 152 0.22 -12.91 12.15
C PRO F 152 -1.27 -12.63 12.38
N SER F 153 -1.64 -11.37 12.64
CA SER F 153 -3.03 -11.04 12.88
C SER F 153 -3.42 -9.70 12.31
N ALA F 154 -4.72 -9.54 12.02
CA ALA F 154 -5.30 -8.30 11.55
C ALA F 154 -6.76 -8.26 12.00
N SER F 155 -7.23 -7.11 12.50
CA SER F 155 -8.61 -6.98 12.92
C SER F 155 -9.24 -5.65 12.50
N GLY F 156 -10.57 -5.62 12.48
CA GLY F 156 -11.33 -4.42 12.16
C GLY F 156 -12.79 -4.57 12.51
N THR F 157 -13.49 -3.45 12.68
CA THR F 157 -14.92 -3.49 12.95
C THR F 157 -15.73 -3.54 11.63
N PRO F 158 -16.95 -4.13 11.61
CA PRO F 158 -17.71 -4.19 10.35
C PRO F 158 -17.90 -2.83 9.67
N GLY F 159 -17.38 -2.73 8.46
CA GLY F 159 -17.44 -1.50 7.67
C GLY F 159 -16.07 -0.93 7.34
N GLN F 160 -15.08 -1.22 8.17
CA GLN F 160 -13.71 -0.72 8.01
C GLN F 160 -12.93 -1.40 6.86
N ARG F 161 -11.72 -0.90 6.60
CA ARG F 161 -10.85 -1.45 5.58
C ARG F 161 -9.57 -1.94 6.27
N VAL F 162 -9.24 -3.24 6.14
CA VAL F 162 -8.00 -3.78 6.69
C VAL F 162 -7.01 -4.03 5.56
N THR F 163 -5.72 -3.82 5.82
CA THR F 163 -4.69 -4.07 4.81
C THR F 163 -3.64 -5.06 5.34
N ILE F 164 -3.42 -6.16 4.59
CA ILE F 164 -2.47 -7.19 4.96
C ILE F 164 -1.19 -7.01 4.14
N SER F 165 -0.05 -6.93 4.83
CA SER F 165 1.26 -6.79 4.21
C SER F 165 1.87 -8.15 3.86
N CYS F 166 2.69 -8.21 2.82
CA CYS F 166 3.33 -9.47 2.41
C CYS F 166 4.67 -9.10 1.78
N SER F 167 5.79 -9.41 2.46
CA SER F 167 7.10 -9.06 1.93
C SER F 167 7.90 -10.26 1.49
N GLY F 168 8.54 -10.13 0.36
CA GLY F 168 9.38 -11.17 -0.22
C GLY F 168 10.74 -10.62 -0.62
N SER F 169 11.37 -11.26 -1.59
CA SER F 169 12.67 -10.88 -2.10
C SER F 169 12.63 -10.74 -3.63
N SER F 170 13.70 -10.25 -4.23
CA SER F 170 13.79 -10.10 -5.68
C SER F 170 13.66 -11.44 -6.42
N SER F 171 13.93 -12.57 -5.76
CA SER F 171 13.82 -13.88 -6.41
C SER F 171 12.38 -14.38 -6.50
N ASN F 172 11.47 -13.90 -5.62
CA ASN F 172 10.07 -14.31 -5.68
C ASN F 172 9.15 -13.16 -6.07
N ILE F 173 8.65 -12.33 -5.13
CA ILE F 173 7.77 -11.20 -5.46
C ILE F 173 8.43 -10.24 -6.44
N GLY F 174 9.69 -9.90 -6.21
CA GLY F 174 10.42 -8.99 -7.08
C GLY F 174 10.41 -9.36 -8.55
N SER F 175 10.36 -10.67 -8.84
CA SER F 175 10.37 -11.15 -10.21
C SER F 175 9.17 -12.00 -10.60
N ASN F 176 8.10 -12.01 -9.82
CA ASN F 176 6.93 -12.85 -10.11
C ASN F 176 5.61 -12.23 -9.66
N THR F 177 4.49 -12.76 -10.16
CA THR F 177 3.19 -12.27 -9.74
C THR F 177 2.85 -12.80 -8.34
N VAL F 178 2.01 -12.07 -7.62
CA VAL F 178 1.60 -12.41 -6.27
C VAL F 178 0.13 -12.83 -6.28
N ASN F 179 -0.16 -13.93 -5.64
CA ASN F 179 -1.51 -14.43 -5.51
C ASN F 179 -1.90 -14.36 -4.03
N TRP F 180 -3.20 -14.43 -3.76
CA TRP F 180 -3.74 -14.38 -2.42
C TRP F 180 -4.83 -15.43 -2.29
N TYR F 181 -4.97 -16.02 -1.11
CA TYR F 181 -5.96 -17.06 -0.86
C TYR F 181 -6.71 -16.76 0.39
N GLN F 182 -8.02 -17.04 0.42
CA GLN F 182 -8.81 -16.88 1.61
C GLN F 182 -9.15 -18.30 2.08
N GLN F 183 -8.74 -18.68 3.30
CA GLN F 183 -9.05 -20.00 3.86
C GLN F 183 -10.04 -19.87 5.01
N LEU F 184 -11.31 -20.15 4.73
CA LEU F 184 -12.36 -20.10 5.75
C LEU F 184 -12.15 -21.23 6.74
N PRO F 185 -12.37 -20.98 8.03
CA PRO F 185 -12.09 -22.01 9.04
C PRO F 185 -12.65 -23.42 8.74
N GLY F 186 -11.76 -24.38 8.52
CA GLY F 186 -12.17 -25.74 8.25
C GLY F 186 -12.27 -26.12 6.78
N THR F 187 -12.00 -25.17 5.88
CA THR F 187 -12.07 -25.39 4.43
C THR F 187 -10.65 -25.36 3.82
N ALA F 188 -10.53 -25.78 2.56
CA ALA F 188 -9.25 -25.67 1.84
C ALA F 188 -9.10 -24.20 1.41
N PRO F 189 -7.87 -23.75 1.10
CA PRO F 189 -7.72 -22.35 0.63
C PRO F 189 -8.45 -22.12 -0.69
N LYS F 190 -8.97 -20.91 -0.89
CA LYS F 190 -9.69 -20.56 -2.11
C LYS F 190 -8.96 -19.40 -2.77
N LEU F 191 -8.75 -19.45 -4.10
CA LEU F 191 -8.11 -18.34 -4.80
C LEU F 191 -8.96 -17.04 -4.68
N LEU F 192 -8.36 -16.00 -4.11
CA LEU F 192 -9.02 -14.73 -3.86
C LEU F 192 -8.54 -13.66 -4.82
N ILE F 193 -7.21 -13.63 -5.08
CA ILE F 193 -6.56 -12.67 -5.97
C ILE F 193 -5.46 -13.42 -6.75
N TYR F 194 -5.40 -13.23 -8.07
CA TYR F 194 -4.34 -13.82 -8.88
C TYR F 194 -3.73 -12.77 -9.78
N SER F 195 -2.50 -12.99 -10.28
CA SER F 195 -1.82 -12.03 -11.15
C SER F 195 -1.74 -10.63 -10.51
N ASN F 196 -1.41 -10.57 -9.20
CA ASN F 196 -1.28 -9.34 -8.42
C ASN F 196 -2.61 -8.68 -8.02
N THR F 197 -3.46 -8.32 -9.01
CA THR F 197 -4.68 -7.53 -8.81
C THR F 197 -5.99 -8.18 -9.26
N GLN F 198 -5.93 -9.27 -10.02
CA GLN F 198 -7.13 -9.88 -10.59
C GLN F 198 -7.98 -10.65 -9.61
N ARG F 199 -9.29 -10.35 -9.60
CA ARG F 199 -10.28 -11.00 -8.74
C ARG F 199 -11.00 -12.09 -9.50
N PRO F 200 -10.86 -13.37 -9.14
CA PRO F 200 -11.60 -14.41 -9.86
C PRO F 200 -13.12 -14.25 -9.75
N SER F 201 -13.88 -14.86 -10.67
CA SER F 201 -15.35 -14.76 -10.69
C SER F 201 -15.96 -15.18 -9.34
N GLY F 202 -16.72 -14.27 -8.74
CA GLY F 202 -17.34 -14.51 -7.46
C GLY F 202 -16.78 -13.64 -6.35
N VAL F 203 -15.46 -13.32 -6.43
CA VAL F 203 -14.80 -12.46 -5.45
C VAL F 203 -15.29 -11.02 -5.60
N PRO F 204 -15.88 -10.44 -4.55
CA PRO F 204 -16.41 -9.08 -4.67
C PRO F 204 -15.32 -8.02 -4.80
N ASP F 205 -15.67 -6.87 -5.42
CA ASP F 205 -14.75 -5.76 -5.62
C ASP F 205 -14.24 -5.11 -4.32
N ARG F 206 -14.73 -5.57 -3.14
CA ARG F 206 -14.29 -5.10 -1.82
C ARG F 206 -12.82 -5.47 -1.55
N PHE F 207 -12.36 -6.60 -2.13
CA PHE F 207 -11.00 -7.12 -1.99
C PHE F 207 -10.15 -6.62 -3.14
N SER F 208 -9.06 -5.90 -2.84
CA SER F 208 -8.15 -5.44 -3.88
C SER F 208 -6.70 -5.84 -3.57
N GLY F 209 -5.98 -6.27 -4.59
CA GLY F 209 -4.59 -6.66 -4.44
C GLY F 209 -3.65 -5.66 -5.09
N SER F 210 -2.43 -5.57 -4.60
CA SER F 210 -1.42 -4.66 -5.15
C SER F 210 -0.01 -5.22 -4.94
N LYS F 211 0.97 -4.67 -5.70
CA LYS F 211 2.35 -5.11 -5.62
C LYS F 211 3.27 -3.94 -5.92
N SER F 212 4.32 -3.78 -5.11
CA SER F 212 5.33 -2.74 -5.29
C SER F 212 6.69 -3.35 -5.03
N ALA F 213 7.47 -3.52 -6.11
CA ALA F 213 8.81 -4.11 -6.12
C ALA F 213 8.86 -5.52 -5.39
N THR F 214 9.24 -5.66 -4.09
CA THR F 214 9.29 -6.94 -3.39
C THR F 214 8.21 -7.05 -2.31
N SER F 215 7.17 -6.21 -2.38
CA SER F 215 6.09 -6.19 -1.40
C SER F 215 4.75 -6.33 -2.11
N ALA F 216 3.77 -6.89 -1.41
CA ALA F 216 2.42 -7.08 -1.93
C ALA F 216 1.41 -6.77 -0.84
N SER F 217 0.22 -6.28 -1.22
CA SER F 217 -0.79 -5.93 -0.22
C SER F 217 -2.17 -6.41 -0.58
N LEU F 218 -3.00 -6.70 0.43
CA LEU F 218 -4.38 -7.10 0.23
C LEU F 218 -5.25 -6.17 1.05
N ALA F 219 -6.18 -5.45 0.43
CA ALA F 219 -7.08 -4.55 1.15
C ALA F 219 -8.50 -5.11 1.13
N ILE F 220 -9.11 -5.26 2.31
CA ILE F 220 -10.48 -5.76 2.43
C ILE F 220 -11.38 -4.59 2.87
N SER F 221 -11.95 -3.85 1.91
CA SER F 221 -12.81 -2.71 2.23
C SER F 221 -14.22 -3.14 2.63
N GLY F 222 -14.87 -2.35 3.47
CA GLY F 222 -16.22 -2.65 3.92
C GLY F 222 -16.34 -4.00 4.60
N LEU F 223 -15.39 -4.28 5.52
CA LEU F 223 -15.25 -5.51 6.29
C LEU F 223 -16.57 -6.10 6.77
N GLN F 224 -16.82 -7.36 6.43
CA GLN F 224 -18.05 -8.05 6.82
C GLN F 224 -17.75 -9.24 7.73
N SER F 225 -18.77 -9.77 8.43
CA SER F 225 -18.63 -10.92 9.33
C SER F 225 -18.09 -12.14 8.56
N GLU F 226 -18.48 -12.30 7.29
CA GLU F 226 -18.07 -13.40 6.40
C GLU F 226 -16.57 -13.35 5.99
N ASP F 227 -15.89 -12.23 6.30
CA ASP F 227 -14.47 -12.09 5.98
C ASP F 227 -13.53 -12.60 7.09
N GLU F 228 -14.08 -13.24 8.15
CA GLU F 228 -13.30 -13.81 9.24
C GLU F 228 -12.70 -15.12 8.76
N ALA F 229 -11.48 -15.06 8.24
CA ALA F 229 -10.76 -16.21 7.69
C ALA F 229 -9.23 -15.95 7.76
N ASP F 230 -8.39 -16.96 7.44
CA ASP F 230 -6.93 -16.80 7.38
C ASP F 230 -6.60 -16.43 5.93
N TYR F 231 -5.74 -15.43 5.70
CA TYR F 231 -5.39 -15.02 4.33
C TYR F 231 -3.91 -15.27 4.06
N TYR F 232 -3.57 -15.88 2.91
CA TYR F 232 -2.18 -16.24 2.58
C TYR F 232 -1.74 -15.68 1.24
N CYS F 233 -0.52 -15.11 1.16
CA CYS F 233 0.01 -14.64 -0.12
C CYS F 233 0.96 -15.68 -0.66
N ALA F 234 1.01 -15.84 -1.99
CA ALA F 234 1.89 -16.83 -2.60
C ALA F 234 2.47 -16.32 -3.90
N ALA F 235 3.77 -16.52 -4.08
CA ALA F 235 4.47 -16.12 -5.28
C ALA F 235 5.54 -17.15 -5.62
N TRP F 236 5.74 -17.36 -6.91
CA TRP F 236 6.73 -18.27 -7.43
C TRP F 236 8.13 -17.71 -7.17
N ASP F 237 9.00 -18.53 -6.56
CA ASP F 237 10.38 -18.16 -6.28
C ASP F 237 11.29 -18.79 -7.34
N ASP F 238 12.29 -18.04 -7.80
CA ASP F 238 13.19 -18.54 -8.83
C ASP F 238 14.48 -19.19 -8.31
N SER F 239 14.63 -19.36 -6.99
CA SER F 239 15.82 -19.97 -6.41
C SER F 239 15.94 -21.41 -6.88
N LEU F 240 17.10 -21.76 -7.44
CA LEU F 240 17.39 -23.11 -7.93
C LEU F 240 16.32 -23.57 -8.96
N ASN F 241 15.77 -24.79 -8.89
CA ASN F 241 14.77 -25.25 -9.84
C ASN F 241 13.41 -24.49 -9.78
N GLY F 242 13.27 -23.58 -8.81
CA GLY F 242 12.05 -22.82 -8.59
C GLY F 242 11.12 -23.51 -7.61
N HIS F 243 10.28 -22.73 -6.93
CA HIS F 243 9.32 -23.25 -5.97
C HIS F 243 8.29 -22.19 -5.60
N VAL F 244 7.01 -22.57 -5.35
CA VAL F 244 6.02 -21.57 -4.95
C VAL F 244 6.10 -21.45 -3.43
N VAL F 245 6.32 -20.24 -2.94
CA VAL F 245 6.43 -19.99 -1.50
C VAL F 245 5.19 -19.27 -0.98
N PHE F 246 4.75 -19.64 0.22
CA PHE F 246 3.57 -19.02 0.81
C PHE F 246 3.96 -18.18 2.01
N GLY F 247 3.08 -17.23 2.35
CA GLY F 247 3.25 -16.43 3.54
C GLY F 247 2.79 -17.20 4.76
N GLY F 248 3.14 -16.72 5.94
CA GLY F 248 2.71 -17.36 7.19
C GLY F 248 1.22 -17.28 7.45
N GLY F 249 0.54 -16.38 6.76
CA GLY F 249 -0.88 -16.18 6.92
C GLY F 249 -1.22 -15.11 7.92
N THR F 250 -2.34 -14.42 7.67
CA THR F 250 -2.88 -13.39 8.55
C THR F 250 -4.32 -13.75 8.92
N LYS F 251 -4.57 -14.01 10.21
CA LYS F 251 -5.91 -14.33 10.68
C LYS F 251 -6.63 -13.01 10.79
N VAL F 252 -7.73 -12.86 10.05
CA VAL F 252 -8.50 -11.63 10.07
C VAL F 252 -9.70 -11.89 10.90
N THR F 253 -9.90 -11.10 11.96
CA THR F 253 -11.05 -11.22 12.84
C THR F 253 -11.88 -9.93 12.79
N VAL F 254 -13.20 -10.06 12.85
CA VAL F 254 -14.08 -8.89 12.78
C VAL F 254 -14.68 -8.59 14.16
N LEU F 255 -14.69 -7.32 14.58
CA LEU F 255 -15.22 -6.95 15.88
C LEU F 255 -16.62 -6.33 15.78
N ARG G 5 -62.10 -17.47 -6.04
CA ARG G 5 -60.80 -17.50 -5.36
C ARG G 5 -60.92 -16.81 -3.99
N ILE G 6 -60.42 -15.57 -3.82
CA ILE G 6 -60.55 -14.90 -2.52
C ILE G 6 -61.89 -14.17 -2.42
N GLY G 7 -62.86 -14.81 -1.77
CA GLY G 7 -64.19 -14.24 -1.61
C GLY G 7 -64.94 -14.25 -2.92
N TYR G 8 -65.44 -13.08 -3.35
CA TYR G 8 -66.15 -12.94 -4.61
C TYR G 8 -65.22 -12.42 -5.71
N TYR G 9 -63.90 -12.70 -5.63
CA TYR G 9 -62.90 -12.22 -6.59
C TYR G 9 -62.09 -13.35 -7.16
N GLU G 10 -61.82 -13.31 -8.46
CA GLU G 10 -61.02 -14.31 -9.16
C GLU G 10 -59.60 -13.75 -9.29
N ILE G 11 -58.59 -14.46 -8.77
CA ILE G 11 -57.22 -13.96 -8.79
C ILE G 11 -56.52 -14.23 -10.14
N ASP G 12 -55.84 -13.21 -10.66
CA ASP G 12 -55.14 -13.27 -11.94
C ASP G 12 -53.62 -12.98 -11.72
N ARG G 13 -52.93 -12.24 -12.63
CA ARG G 13 -51.49 -11.93 -12.57
C ARG G 13 -51.07 -11.15 -11.32
N THR G 14 -49.89 -11.42 -10.77
CA THR G 14 -49.40 -10.69 -9.60
C THR G 14 -48.79 -9.37 -10.06
N ILE G 15 -49.42 -8.25 -9.70
CA ILE G 15 -48.92 -6.95 -10.13
C ILE G 15 -47.79 -6.38 -9.27
N GLY G 16 -47.33 -7.14 -8.27
CA GLY G 16 -46.25 -6.69 -7.40
C GLY G 16 -46.06 -7.48 -6.12
N LYS G 17 -44.80 -7.60 -5.69
CA LYS G 17 -44.46 -8.25 -4.44
C LYS G 17 -43.84 -7.23 -3.47
N GLY G 18 -43.81 -7.56 -2.18
CA GLY G 18 -43.27 -6.66 -1.17
C GLY G 18 -42.54 -7.39 -0.05
N ASN G 19 -42.23 -6.65 1.03
CA ASN G 19 -41.53 -7.22 2.17
C ASN G 19 -42.50 -8.03 3.07
N PHE G 20 -43.76 -7.58 3.15
CA PHE G 20 -44.78 -8.22 3.99
C PHE G 20 -46.06 -8.57 3.20
N ALA G 21 -46.31 -7.86 2.07
CA ALA G 21 -47.53 -8.00 1.28
C ALA G 21 -47.31 -8.34 -0.21
N VAL G 22 -48.36 -8.86 -0.89
CA VAL G 22 -48.33 -9.17 -2.31
C VAL G 22 -49.58 -8.57 -2.98
N VAL G 23 -49.40 -7.68 -3.97
CA VAL G 23 -50.56 -7.12 -4.68
C VAL G 23 -50.83 -7.97 -5.94
N LYS G 24 -52.05 -8.43 -6.09
CA LYS G 24 -52.44 -9.26 -7.22
C LYS G 24 -53.61 -8.66 -8.00
N ARG G 25 -53.58 -8.74 -9.34
CA ARG G 25 -54.68 -8.25 -10.16
C ARG G 25 -55.82 -9.26 -10.05
N ALA G 26 -57.05 -8.77 -9.96
CA ALA G 26 -58.20 -9.64 -9.81
C ALA G 26 -59.45 -9.09 -10.52
N THR G 27 -60.49 -9.93 -10.68
CA THR G 27 -61.75 -9.53 -11.29
C THR G 27 -62.89 -9.85 -10.31
N HIS G 28 -63.81 -8.89 -10.08
CA HIS G 28 -64.97 -9.16 -9.22
C HIS G 28 -65.86 -10.11 -9.99
N LEU G 29 -66.24 -11.23 -9.40
CA LEU G 29 -67.05 -12.23 -10.07
C LEU G 29 -68.43 -11.74 -10.49
N VAL G 30 -69.12 -10.95 -9.66
CA VAL G 30 -70.47 -10.49 -10.01
C VAL G 30 -70.46 -9.22 -10.92
N THR G 31 -69.71 -8.17 -10.55
CA THR G 31 -69.68 -6.93 -11.36
C THR G 31 -68.74 -6.97 -12.57
N LYS G 32 -67.83 -7.97 -12.62
CA LYS G 32 -66.85 -8.15 -13.70
C LYS G 32 -65.82 -7.00 -13.76
N ALA G 33 -65.64 -6.28 -12.66
CA ALA G 33 -64.71 -5.15 -12.61
C ALA G 33 -63.28 -5.56 -12.33
N LYS G 34 -62.35 -4.75 -12.84
CA LYS G 34 -60.91 -4.93 -12.65
C LYS G 34 -60.49 -4.29 -11.32
N VAL G 35 -59.92 -5.11 -10.44
CA VAL G 35 -59.50 -4.64 -9.11
C VAL G 35 -58.00 -4.98 -8.84
N ALA G 36 -57.45 -4.47 -7.72
CA ALA G 36 -56.10 -4.72 -7.23
C ALA G 36 -56.29 -5.21 -5.81
N ILE G 37 -55.83 -6.43 -5.48
CA ILE G 37 -56.04 -6.96 -4.13
C ILE G 37 -54.75 -7.14 -3.36
N LYS G 38 -54.44 -6.20 -2.45
CA LYS G 38 -53.28 -6.31 -1.60
C LYS G 38 -53.52 -7.43 -0.59
N ILE G 39 -52.67 -8.46 -0.59
CA ILE G 39 -52.82 -9.62 0.29
C ILE G 39 -51.75 -9.54 1.38
N ILE G 40 -52.15 -9.33 2.65
CA ILE G 40 -51.18 -9.21 3.75
C ILE G 40 -51.43 -10.28 4.77
N ASP G 41 -50.39 -10.99 5.20
CA ASP G 41 -50.55 -12.01 6.23
C ASP G 41 -50.16 -11.42 7.57
N LYS G 42 -51.17 -10.95 8.33
CA LYS G 42 -51.03 -10.31 9.65
C LYS G 42 -50.03 -11.00 10.59
N THR G 43 -50.02 -12.33 10.61
CA THR G 43 -49.12 -13.08 11.48
C THR G 43 -47.64 -12.68 11.33
N GLN G 44 -47.12 -12.55 10.07
CA GLN G 44 -45.71 -12.19 9.90
C GLN G 44 -45.44 -10.68 9.81
N LEU G 45 -46.11 -9.89 10.65
CA LEU G 45 -45.85 -8.44 10.72
C LEU G 45 -45.37 -8.05 12.13
N ASP G 46 -44.46 -7.07 12.21
CA ASP G 46 -43.83 -6.72 13.49
C ASP G 46 -44.69 -5.82 14.40
N GLU G 47 -46.04 -5.85 14.24
CA GLU G 47 -47.00 -5.11 15.06
C GLU G 47 -46.99 -3.62 14.69
N GLU G 48 -45.81 -2.95 14.64
CA GLU G 48 -45.71 -1.57 14.18
C GLU G 48 -46.20 -1.48 12.73
N ASN G 49 -45.79 -2.44 11.90
CA ASN G 49 -46.16 -2.50 10.49
C ASN G 49 -47.63 -2.83 10.28
N LEU G 50 -48.23 -3.64 11.17
CA LEU G 50 -49.65 -4.00 11.09
C LEU G 50 -50.50 -2.76 11.39
N LYS G 51 -50.14 -2.00 12.44
CA LYS G 51 -50.86 -0.81 12.82
C LYS G 51 -50.74 0.27 11.79
N LYS G 52 -49.59 0.39 11.11
CA LYS G 52 -49.43 1.38 10.04
C LYS G 52 -50.29 1.02 8.80
N ILE G 53 -50.57 -0.28 8.60
CA ILE G 53 -51.42 -0.77 7.52
C ILE G 53 -52.90 -0.47 7.84
N PHE G 54 -53.30 -0.59 9.13
CA PHE G 54 -54.66 -0.27 9.58
C PHE G 54 -54.94 1.23 9.47
N ARG G 55 -53.92 2.07 9.75
CA ARG G 55 -54.01 3.52 9.68
C ARG G 55 -54.14 3.97 8.23
N GLU G 56 -53.42 3.29 7.32
CA GLU G 56 -53.43 3.56 5.89
C GLU G 56 -54.85 3.34 5.34
N VAL G 57 -55.53 2.24 5.73
CA VAL G 57 -56.90 1.93 5.32
C VAL G 57 -57.85 3.06 5.72
N GLN G 58 -57.67 3.63 6.92
CA GLN G 58 -58.47 4.73 7.42
C GLN G 58 -58.25 5.99 6.61
N ILE G 59 -57.02 6.30 6.26
CA ILE G 59 -56.67 7.43 5.40
C ILE G 59 -57.31 7.23 4.01
N MET G 60 -57.33 5.98 3.50
CA MET G 60 -57.96 5.65 2.22
C MET G 60 -59.49 5.83 2.27
N LYS G 61 -60.11 5.49 3.40
CA LYS G 61 -61.55 5.67 3.59
C LYS G 61 -61.96 7.16 3.54
N MET G 62 -61.02 8.06 3.87
CA MET G 62 -61.26 9.51 3.88
C MET G 62 -61.03 10.15 2.50
N LEU G 63 -60.20 9.52 1.67
CA LEU G 63 -59.85 10.07 0.37
C LEU G 63 -60.58 9.39 -0.77
N SER G 64 -61.77 9.89 -1.09
CA SER G 64 -62.53 9.39 -2.22
C SER G 64 -62.44 10.48 -3.28
N HIS G 65 -61.61 10.24 -4.31
CA HIS G 65 -61.36 11.23 -5.33
C HIS G 65 -61.14 10.57 -6.70
N PRO G 66 -61.52 11.23 -7.80
CA PRO G 66 -61.29 10.64 -9.13
C PRO G 66 -59.82 10.41 -9.51
N HIS G 67 -58.88 11.14 -8.86
CA HIS G 67 -57.47 11.00 -9.18
C HIS G 67 -56.65 10.41 -8.04
N ILE G 68 -57.28 9.50 -7.28
CA ILE G 68 -56.71 8.75 -6.16
C ILE G 68 -57.26 7.31 -6.29
N ILE G 69 -56.43 6.30 -6.04
CA ILE G 69 -56.87 4.90 -6.06
C ILE G 69 -57.96 4.68 -4.96
N ARG G 70 -59.19 4.40 -5.40
CA ARG G 70 -60.36 4.20 -4.56
C ARG G 70 -60.30 2.84 -3.86
N LEU G 71 -60.53 2.82 -2.55
CA LEU G 71 -60.60 1.56 -1.78
C LEU G 71 -62.01 1.04 -1.95
N TYR G 72 -62.19 -0.25 -2.22
CA TYR G 72 -63.52 -0.80 -2.43
C TYR G 72 -63.97 -1.74 -1.35
N GLN G 73 -63.19 -2.78 -1.06
CA GLN G 73 -63.59 -3.76 -0.05
C GLN G 73 -62.44 -4.17 0.83
N VAL G 74 -62.67 -4.25 2.12
CA VAL G 74 -61.67 -4.68 3.09
C VAL G 74 -62.19 -5.98 3.65
N MET G 75 -61.51 -7.09 3.34
CA MET G 75 -61.93 -8.42 3.76
C MET G 75 -60.91 -8.94 4.75
N GLU G 76 -61.26 -9.04 6.03
CA GLU G 76 -60.31 -9.48 7.04
C GLU G 76 -60.70 -10.78 7.71
N THR G 77 -59.77 -11.74 7.78
CA THR G 77 -59.99 -12.99 8.51
C THR G 77 -59.11 -12.94 9.80
N GLU G 78 -59.06 -14.03 10.59
CA GLU G 78 -58.22 -14.03 11.81
C GLU G 78 -56.72 -14.04 11.47
N ARG G 79 -56.36 -14.75 10.39
CA ARG G 79 -54.98 -14.89 9.96
C ARG G 79 -54.50 -13.70 9.07
N MET G 80 -55.29 -13.29 8.05
CA MET G 80 -54.83 -12.23 7.16
C MET G 80 -55.90 -11.33 6.52
N ILE G 81 -55.48 -10.16 6.02
CA ILE G 81 -56.34 -9.15 5.40
C ILE G 81 -56.16 -9.07 3.87
N TYR G 82 -57.23 -8.66 3.15
CA TYR G 82 -57.21 -8.49 1.70
C TYR G 82 -57.80 -7.13 1.45
N LEU G 83 -57.09 -6.29 0.69
CA LEU G 83 -57.51 -4.92 0.43
C LEU G 83 -57.83 -4.70 -1.03
N VAL G 84 -59.11 -4.67 -1.39
CA VAL G 84 -59.52 -4.48 -2.78
C VAL G 84 -59.63 -3.03 -3.15
N THR G 85 -58.82 -2.57 -4.11
CA THR G 85 -58.79 -1.18 -4.61
C THR G 85 -58.99 -1.16 -6.15
N GLU G 86 -59.09 0.03 -6.77
CA GLU G 86 -59.24 0.11 -8.23
C GLU G 86 -57.97 -0.25 -8.97
N TYR G 87 -58.09 -0.94 -10.12
CA TYR G 87 -56.92 -1.32 -10.92
C TYR G 87 -56.63 -0.29 -12.01
N ALA G 88 -55.36 0.10 -12.10
CA ALA G 88 -54.86 1.03 -13.10
C ALA G 88 -54.23 0.20 -14.24
N SER G 89 -54.80 0.30 -15.44
CA SER G 89 -54.36 -0.46 -16.62
C SER G 89 -53.06 0.04 -17.26
N GLY G 90 -52.89 1.35 -17.32
CA GLY G 90 -51.72 1.97 -17.92
C GLY G 90 -50.47 2.01 -17.06
N GLY G 91 -50.53 1.42 -15.88
CA GLY G 91 -49.40 1.36 -14.96
C GLY G 91 -48.79 2.69 -14.57
N GLU G 92 -47.64 2.64 -13.86
CA GLU G 92 -46.85 3.77 -13.36
C GLU G 92 -46.48 4.81 -14.43
N ILE G 93 -46.55 6.10 -14.07
CA ILE G 93 -46.12 7.18 -14.96
C ILE G 93 -44.60 7.05 -15.28
N PHE G 94 -43.82 6.38 -14.40
CA PHE G 94 -42.41 6.14 -14.61
C PHE G 94 -42.24 5.25 -15.85
N ASP G 95 -42.99 4.15 -15.92
CA ASP G 95 -42.93 3.23 -17.06
C ASP G 95 -43.41 3.86 -18.37
N HIS G 96 -44.22 4.93 -18.29
CA HIS G 96 -44.70 5.66 -19.45
C HIS G 96 -43.54 6.53 -19.97
N LEU G 97 -42.85 7.24 -19.07
CA LEU G 97 -41.71 8.12 -19.41
C LEU G 97 -40.53 7.34 -19.96
N VAL G 98 -40.32 6.12 -19.45
CA VAL G 98 -39.25 5.27 -19.95
C VAL G 98 -39.57 4.87 -21.41
N ALA G 99 -40.82 4.50 -21.68
CA ALA G 99 -41.23 4.06 -23.00
C ALA G 99 -41.45 5.17 -24.02
N HIS G 100 -41.85 6.37 -23.61
CA HIS G 100 -42.16 7.44 -24.57
C HIS G 100 -41.41 8.75 -24.39
N GLY G 101 -40.58 8.83 -23.38
CA GLY G 101 -39.83 10.05 -23.10
C GLY G 101 -40.66 11.13 -22.45
N ARG G 102 -40.09 12.32 -22.34
CA ARG G 102 -40.78 13.48 -21.77
C ARG G 102 -42.04 13.80 -22.54
N MET G 103 -43.00 14.40 -21.83
CA MET G 103 -44.26 14.82 -22.44
C MET G 103 -44.13 16.24 -22.93
N ALA G 104 -44.99 16.61 -23.88
CA ALA G 104 -45.12 17.98 -24.34
C ALA G 104 -45.75 18.77 -23.17
N GLU G 105 -45.49 20.07 -23.07
CA GLU G 105 -46.06 20.86 -21.97
C GLU G 105 -47.61 20.85 -21.98
N LYS G 106 -48.24 20.45 -23.10
CA LYS G 106 -49.67 20.29 -23.23
C LYS G 106 -50.11 18.99 -22.49
N GLU G 107 -49.38 17.86 -22.70
CA GLU G 107 -49.72 16.61 -22.02
C GLU G 107 -49.35 16.71 -20.55
N ALA G 108 -48.14 17.23 -20.27
CA ALA G 108 -47.59 17.38 -18.92
C ALA G 108 -48.49 18.24 -18.05
N ARG G 109 -49.02 19.35 -18.60
CA ARG G 109 -49.93 20.23 -17.87
C ARG G 109 -51.23 19.52 -17.53
N ARG G 110 -51.81 18.79 -18.48
CA ARG G 110 -53.04 18.06 -18.24
C ARG G 110 -52.89 17.03 -17.12
N LYS G 111 -51.79 16.25 -17.11
CA LYS G 111 -51.55 15.27 -16.06
C LYS G 111 -51.19 15.93 -14.73
N PHE G 112 -50.48 17.06 -14.78
CA PHE G 112 -50.10 17.79 -13.56
C PHE G 112 -51.33 18.37 -12.88
N LYS G 113 -52.29 18.90 -13.66
CA LYS G 113 -53.53 19.42 -13.12
C LYS G 113 -54.31 18.36 -12.37
N GLN G 114 -54.18 17.08 -12.76
CA GLN G 114 -54.88 15.99 -12.06
C GLN G 114 -54.17 15.66 -10.74
N ILE G 115 -52.82 15.65 -10.76
CA ILE G 115 -51.98 15.41 -9.59
C ILE G 115 -52.29 16.48 -8.53
N VAL G 116 -52.20 17.78 -8.89
CA VAL G 116 -52.47 18.84 -7.94
C VAL G 116 -53.94 18.82 -7.44
N THR G 117 -54.86 18.29 -8.25
CA THR G 117 -56.25 18.17 -7.87
C THR G 117 -56.40 17.18 -6.70
N ALA G 118 -55.64 16.09 -6.73
CA ALA G 118 -55.67 15.06 -5.69
C ALA G 118 -54.86 15.46 -4.46
N VAL G 119 -53.77 16.21 -4.64
CA VAL G 119 -52.89 16.67 -3.56
C VAL G 119 -53.59 17.78 -2.77
N TYR G 120 -54.27 18.70 -3.48
CA TYR G 120 -55.03 19.80 -2.87
C TYR G 120 -56.20 19.21 -2.05
N PHE G 121 -56.87 18.18 -2.58
CA PHE G 121 -57.97 17.48 -1.91
C PHE G 121 -57.49 16.84 -0.62
N CYS G 122 -56.27 16.27 -0.63
CA CYS G 122 -55.67 15.67 0.54
C CYS G 122 -55.39 16.73 1.59
N HIS G 123 -54.67 17.80 1.22
CA HIS G 123 -54.34 18.87 2.13
C HIS G 123 -55.58 19.60 2.67
N SER G 124 -56.77 19.42 2.02
CA SER G 124 -58.07 19.97 2.49
C SER G 124 -58.56 19.13 3.66
N ARG G 125 -58.40 17.78 3.56
CA ARG G 125 -58.74 16.89 4.66
C ARG G 125 -57.59 16.81 5.70
N ASN G 126 -56.52 17.62 5.56
CA ASN G 126 -55.35 17.64 6.43
C ASN G 126 -54.55 16.33 6.36
N ILE G 127 -54.28 15.84 5.17
CA ILE G 127 -53.52 14.63 4.96
C ILE G 127 -52.41 14.91 3.97
N VAL G 128 -51.16 14.48 4.27
CA VAL G 128 -49.99 14.59 3.39
C VAL G 128 -49.68 13.24 2.77
N HIS G 129 -49.16 13.17 1.53
CA HIS G 129 -48.80 11.88 0.93
C HIS G 129 -47.39 11.50 1.42
N ARG G 130 -46.46 12.46 1.41
CA ARG G 130 -45.08 12.30 1.86
C ARG G 130 -44.26 11.24 1.08
N ASP G 131 -44.74 10.89 -0.12
CA ASP G 131 -44.09 9.91 -0.98
C ASP G 131 -44.52 10.10 -2.43
N LEU G 132 -44.71 11.35 -2.86
CA LEU G 132 -45.09 11.64 -4.23
C LEU G 132 -43.88 11.43 -5.17
N LYS G 133 -43.80 10.23 -5.80
CA LYS G 133 -42.79 9.87 -6.80
C LYS G 133 -43.48 9.46 -8.11
N ALA G 134 -42.79 9.52 -9.26
CA ALA G 134 -43.40 9.13 -10.54
C ALA G 134 -43.93 7.69 -10.56
N GLU G 135 -43.32 6.78 -9.79
CA GLU G 135 -43.79 5.40 -9.75
C GLU G 135 -45.10 5.24 -8.96
N ASN G 136 -45.40 6.17 -8.03
CA ASN G 136 -46.65 6.17 -7.27
C ASN G 136 -47.81 6.86 -8.02
N LEU G 137 -47.53 7.47 -9.18
CA LEU G 137 -48.54 8.13 -9.99
C LEU G 137 -48.98 7.15 -11.07
N LEU G 138 -50.03 6.37 -10.78
CA LEU G 138 -50.53 5.38 -11.72
C LEU G 138 -51.38 6.01 -12.82
N LEU G 139 -51.65 5.25 -13.89
CA LEU G 139 -52.44 5.74 -15.01
C LEU G 139 -53.52 4.73 -15.35
N ASP G 140 -54.76 5.18 -15.59
CA ASP G 140 -55.85 4.26 -15.93
C ASP G 140 -55.86 3.95 -17.46
N ALA G 141 -56.97 3.39 -17.98
CA ALA G 141 -57.10 3.04 -19.40
C ALA G 141 -56.90 4.23 -20.34
N ASN G 142 -57.33 5.42 -19.93
CA ASN G 142 -57.21 6.62 -20.77
C ASN G 142 -56.13 7.57 -20.26
N LEU G 143 -55.09 7.03 -19.62
CA LEU G 143 -53.94 7.76 -19.07
C LEU G 143 -54.33 8.89 -18.12
N ASN G 144 -55.27 8.61 -17.21
CA ASN G 144 -55.69 9.56 -16.18
C ASN G 144 -54.93 9.23 -14.91
N ILE G 145 -54.38 10.26 -14.29
CA ILE G 145 -53.61 10.13 -13.06
C ILE G 145 -54.39 9.50 -11.92
N LYS G 146 -53.77 8.58 -11.20
CA LYS G 146 -54.37 7.93 -10.05
C LYS G 146 -53.29 7.81 -9.00
N ILE G 147 -53.28 8.70 -8.01
CA ILE G 147 -52.31 8.65 -6.94
C ILE G 147 -52.49 7.39 -6.07
N ALA G 148 -51.44 6.61 -5.93
CA ALA G 148 -51.45 5.37 -5.16
C ALA G 148 -50.39 5.44 -4.02
N ASP G 149 -50.37 4.45 -3.09
CA ASP G 149 -49.37 4.32 -2.02
C ASP G 149 -49.46 5.38 -0.91
N PHE G 150 -50.53 5.31 -0.11
CA PHE G 150 -50.64 6.20 1.04
C PHE G 150 -49.93 5.57 2.25
N GLY G 151 -48.79 4.91 1.98
CA GLY G 151 -47.97 4.20 2.95
C GLY G 151 -47.26 5.11 3.91
N PHE G 152 -46.63 6.17 3.38
CA PHE G 152 -45.97 7.16 4.23
C PHE G 152 -46.91 8.31 4.64
N SER G 153 -48.16 8.31 4.15
CA SER G 153 -49.12 9.36 4.40
C SER G 153 -49.52 9.46 5.87
N ASN G 154 -49.96 10.65 6.29
CA ASN G 154 -50.35 10.88 7.67
C ASN G 154 -51.16 12.19 7.82
N LEU G 155 -51.78 12.40 8.96
CA LEU G 155 -52.53 13.63 9.26
C LEU G 155 -51.53 14.76 9.61
N PHE G 156 -51.99 16.02 9.58
CA PHE G 156 -51.16 17.17 9.95
C PHE G 156 -52.03 18.33 10.43
N THR G 157 -51.44 19.25 11.20
CA THR G 157 -52.15 20.44 11.66
C THR G 157 -51.55 21.62 10.94
N PRO G 158 -52.35 22.41 10.21
CA PRO G 158 -51.78 23.58 9.51
C PRO G 158 -51.06 24.53 10.48
N GLY G 159 -49.80 24.82 10.19
CA GLY G 159 -48.99 25.69 11.02
C GLY G 159 -48.00 24.95 11.91
N GLN G 160 -48.27 23.66 12.20
CA GLN G 160 -47.36 22.88 13.03
C GLN G 160 -46.36 22.05 12.19
N LEU G 161 -45.32 21.49 12.85
CA LEU G 161 -44.31 20.71 12.14
C LEU G 161 -44.36 19.21 12.40
N LEU G 162 -44.20 18.42 11.34
CA LEU G 162 -44.14 16.96 11.44
C LEU G 162 -42.68 16.51 11.64
N LYS G 163 -42.47 15.26 12.07
CA LYS G 163 -41.11 14.78 12.33
C LYS G 163 -40.81 13.36 11.83
N TRP G 165 -39.38 11.16 9.37
CA TRP G 165 -38.54 11.24 8.16
C TRP G 165 -38.74 10.02 7.30
N CYS G 166 -39.52 10.24 6.24
CA CYS G 166 -39.90 9.24 5.26
C CYS G 166 -40.08 9.92 3.89
N GLY G 167 -39.88 9.13 2.83
CA GLY G 167 -39.99 9.61 1.48
C GLY G 167 -38.83 9.10 0.65
N SER G 168 -39.06 8.81 -0.65
CA SER G 168 -38.01 8.30 -1.52
C SER G 168 -36.97 9.40 -1.83
N PRO G 169 -35.68 9.05 -1.75
CA PRO G 169 -34.63 10.07 -1.95
C PRO G 169 -34.71 10.93 -3.22
N PRO G 170 -34.85 10.43 -4.48
CA PRO G 170 -34.89 11.35 -5.63
C PRO G 170 -36.00 12.40 -5.60
N TYR G 171 -37.02 12.22 -4.75
CA TYR G 171 -38.14 13.14 -4.65
C TYR G 171 -38.23 13.84 -3.28
N ALA G 172 -37.37 13.48 -2.34
CA ALA G 172 -37.39 14.05 -1.00
C ALA G 172 -36.92 15.48 -0.99
N ALA G 173 -37.51 16.26 -0.10
CA ALA G 173 -37.18 17.65 0.11
C ALA G 173 -35.92 17.73 0.98
N PRO G 174 -35.08 18.78 0.83
CA PRO G 174 -33.85 18.86 1.63
C PRO G 174 -34.06 18.86 3.15
N GLU G 175 -35.26 19.25 3.62
CA GLU G 175 -35.62 19.22 5.06
C GLU G 175 -35.65 17.81 5.62
N LEU G 176 -35.86 16.80 4.78
CA LEU G 176 -35.89 15.39 5.16
C LEU G 176 -34.51 14.75 5.05
N PHE G 177 -33.66 15.24 4.13
CA PHE G 177 -32.28 14.78 4.01
C PHE G 177 -31.53 15.23 5.26
N GLU G 178 -31.69 16.52 5.62
CA GLU G 178 -31.05 17.08 6.80
C GLU G 178 -31.62 16.57 8.12
N GLY G 179 -32.80 15.97 8.12
CA GLY G 179 -33.43 15.49 9.34
C GLY G 179 -33.95 16.62 10.19
N LYS G 180 -34.74 17.51 9.56
CA LYS G 180 -35.34 18.69 10.21
C LYS G 180 -36.83 18.51 10.40
N GLU G 181 -37.42 19.14 11.44
CA GLU G 181 -38.86 19.10 11.62
C GLU G 181 -39.45 20.00 10.54
N TYR G 182 -40.13 19.38 9.59
CA TYR G 182 -40.65 19.99 8.38
C TYR G 182 -42.16 20.33 8.42
N ASP G 183 -42.61 21.14 7.46
CA ASP G 183 -44.02 21.44 7.28
C ASP G 183 -44.53 20.37 6.33
N GLY G 184 -45.69 19.79 6.64
CA GLY G 184 -46.30 18.75 5.82
C GLY G 184 -46.46 19.11 4.35
N PRO G 185 -47.34 20.09 4.05
CA PRO G 185 -47.59 20.46 2.64
C PRO G 185 -46.39 20.98 1.83
N LYS G 186 -45.42 21.68 2.45
CA LYS G 186 -44.25 22.16 1.70
C LYS G 186 -43.39 21.00 1.18
N VAL G 187 -43.38 19.89 1.92
CA VAL G 187 -42.63 18.71 1.52
C VAL G 187 -43.28 18.01 0.30
N ASP G 188 -44.61 18.14 0.14
CA ASP G 188 -45.31 17.62 -1.03
C ASP G 188 -45.16 18.59 -2.21
N ILE G 189 -45.06 19.89 -1.93
CA ILE G 189 -44.83 20.90 -2.96
C ILE G 189 -43.44 20.70 -3.57
N TRP G 190 -42.43 20.31 -2.77
CA TRP G 190 -41.10 20.02 -3.31
C TRP G 190 -41.19 18.78 -4.19
N SER G 191 -41.87 17.74 -3.72
CA SER G 191 -42.04 16.52 -4.49
C SER G 191 -42.83 16.78 -5.78
N LEU G 192 -43.77 17.75 -5.76
CA LEU G 192 -44.52 18.14 -6.95
C LEU G 192 -43.64 18.81 -7.98
N GLY G 193 -42.67 19.60 -7.51
CA GLY G 193 -41.70 20.30 -8.35
C GLY G 193 -40.81 19.32 -9.08
N VAL G 194 -40.38 18.25 -8.37
CA VAL G 194 -39.57 17.18 -8.93
C VAL G 194 -40.38 16.40 -9.98
N VAL G 195 -41.66 16.10 -9.67
CA VAL G 195 -42.59 15.41 -10.57
C VAL G 195 -42.80 16.25 -11.82
N LEU G 196 -43.02 17.57 -11.68
CA LEU G 196 -43.22 18.42 -12.85
C LEU G 196 -42.03 18.40 -13.79
N TYR G 197 -40.81 18.43 -13.25
CA TYR G 197 -39.57 18.38 -14.02
C TYR G 197 -39.40 17.04 -14.73
N VAL G 198 -39.72 15.94 -14.04
CA VAL G 198 -39.64 14.58 -14.58
C VAL G 198 -40.62 14.41 -15.76
N LEU G 199 -41.81 15.05 -15.68
CA LEU G 199 -42.82 14.97 -16.74
C LEU G 199 -42.43 15.73 -18.01
N VAL G 200 -41.76 16.87 -17.85
CA VAL G 200 -41.41 17.71 -18.98
C VAL G 200 -40.02 17.42 -19.53
N CYS G 201 -39.12 16.80 -18.75
CA CYS G 201 -37.76 16.51 -19.21
C CYS G 201 -37.49 15.02 -19.42
N GLY G 202 -38.22 14.17 -18.74
CA GLY G 202 -38.01 12.72 -18.81
C GLY G 202 -36.72 12.30 -18.13
N ALA G 203 -36.36 13.02 -17.07
CA ALA G 203 -35.16 12.86 -16.28
C ALA G 203 -35.35 13.60 -14.93
N LEU G 204 -34.54 13.27 -13.94
CA LEU G 204 -34.65 13.86 -12.62
C LEU G 204 -33.98 15.22 -12.54
N PRO G 205 -34.54 16.16 -11.75
CA PRO G 205 -33.82 17.43 -11.53
C PRO G 205 -32.46 17.18 -10.82
N PHE G 206 -32.44 16.22 -9.87
CA PHE G 206 -31.26 15.87 -9.08
C PHE G 206 -31.05 14.38 -9.19
N ASP G 207 -29.85 13.94 -9.58
CA ASP G 207 -29.54 12.52 -9.76
C ASP G 207 -28.04 12.29 -9.49
N GLY G 208 -27.66 11.02 -9.36
CA GLY G 208 -26.27 10.65 -9.15
C GLY G 208 -26.03 9.16 -9.19
N SER G 209 -24.78 8.72 -8.94
CA SER G 209 -24.47 7.30 -8.94
C SER G 209 -24.92 6.63 -7.63
N THR G 210 -24.78 7.35 -6.50
CA THR G 210 -25.18 6.84 -5.19
C THR G 210 -26.11 7.82 -4.47
N LEU G 211 -26.77 7.35 -3.40
CA LEU G 211 -27.67 8.11 -2.52
C LEU G 211 -26.93 9.33 -1.98
N GLN G 212 -25.64 9.21 -1.66
CA GLN G 212 -24.82 10.29 -1.15
C GLN G 212 -24.56 11.34 -2.20
N ASN G 213 -24.36 10.91 -3.46
CA ASN G 213 -24.17 11.85 -4.56
C ASN G 213 -25.49 12.58 -4.79
N LEU G 214 -26.61 11.85 -4.85
CA LEU G 214 -27.95 12.37 -5.01
C LEU G 214 -28.29 13.36 -3.85
N ARG G 215 -27.86 13.03 -2.63
CA ARG G 215 -28.08 13.85 -1.43
C ARG G 215 -27.43 15.22 -1.57
N ALA G 216 -26.16 15.27 -2.00
CA ALA G 216 -25.41 16.51 -2.22
C ALA G 216 -26.12 17.38 -3.29
N ARG G 217 -26.66 16.73 -4.33
CA ARG G 217 -27.40 17.31 -5.44
C ARG G 217 -28.70 18.00 -4.99
N VAL G 218 -29.52 17.31 -4.15
CA VAL G 218 -30.78 17.85 -3.62
C VAL G 218 -30.52 19.01 -2.65
N LEU G 219 -29.49 18.86 -1.82
CA LEU G 219 -29.10 19.90 -0.88
C LEU G 219 -28.54 21.18 -1.55
N SER G 220 -28.05 21.06 -2.77
CA SER G 220 -27.51 22.20 -3.51
C SER G 220 -28.63 23.09 -4.09
N GLY G 221 -29.77 22.48 -4.42
CA GLY G 221 -30.90 23.17 -5.02
C GLY G 221 -30.69 23.57 -6.47
N LYS G 222 -29.55 23.16 -7.07
CA LYS G 222 -29.24 23.51 -8.43
C LYS G 222 -29.61 22.42 -9.42
N PHE G 223 -30.39 22.80 -10.41
CA PHE G 223 -30.86 21.91 -11.47
C PHE G 223 -30.83 22.68 -12.79
N ARG G 224 -30.72 21.94 -13.89
CA ARG G 224 -30.65 22.56 -15.20
C ARG G 224 -32.01 22.86 -15.79
N ILE G 225 -32.20 24.06 -16.36
CA ILE G 225 -33.44 24.40 -17.04
C ILE G 225 -33.15 24.20 -18.53
N PRO G 226 -33.82 23.24 -19.17
CA PRO G 226 -33.52 22.97 -20.58
C PRO G 226 -34.14 23.95 -21.58
N PHE G 227 -33.71 23.88 -22.82
CA PHE G 227 -34.17 24.74 -23.89
C PHE G 227 -35.64 24.55 -24.22
N PHE G 228 -36.11 23.28 -24.20
CA PHE G 228 -37.51 22.97 -24.50
C PHE G 228 -38.48 23.38 -23.40
N MET G 229 -37.97 23.80 -22.23
CA MET G 229 -38.82 24.20 -21.12
C MET G 229 -39.18 25.66 -21.27
N SER G 230 -40.48 25.96 -21.31
CA SER G 230 -41.00 27.32 -21.43
C SER G 230 -40.65 28.18 -20.21
N THR G 231 -40.72 29.51 -20.38
CA THR G 231 -40.41 30.45 -19.30
C THR G 231 -41.41 30.30 -18.16
N GLU G 232 -42.70 30.10 -18.48
CA GLU G 232 -43.76 29.94 -17.49
C GLU G 232 -43.54 28.66 -16.70
N CYS G 233 -43.09 27.58 -17.37
CA CYS G 233 -42.82 26.30 -16.72
C CYS G 233 -41.59 26.39 -15.84
N GLU G 234 -40.54 27.08 -16.32
CA GLU G 234 -39.30 27.33 -15.59
C GLU G 234 -39.62 28.10 -14.31
N HIS G 235 -40.47 29.13 -14.40
CA HIS G 235 -40.85 29.94 -13.25
C HIS G 235 -41.60 29.07 -12.25
N LEU G 236 -42.55 28.24 -12.72
CA LEU G 236 -43.30 27.36 -11.83
C LEU G 236 -42.39 26.40 -11.07
N ILE G 237 -41.60 25.56 -11.78
CA ILE G 237 -40.68 24.62 -11.17
C ILE G 237 -39.72 25.31 -10.21
N ARG G 238 -39.13 26.42 -10.65
CA ARG G 238 -38.16 27.17 -9.84
C ARG G 238 -38.74 27.66 -8.53
N HIS G 239 -40.03 28.00 -8.51
CA HIS G 239 -40.67 28.50 -7.29
C HIS G 239 -41.30 27.40 -6.40
N MET G 240 -41.10 26.14 -6.75
CA MET G 240 -41.54 24.98 -5.97
C MET G 240 -40.31 24.22 -5.45
N LEU G 241 -39.22 24.18 -6.22
CA LEU G 241 -37.96 23.55 -5.85
C LEU G 241 -37.04 24.60 -5.21
N VAL G 242 -37.52 25.23 -4.13
CA VAL G 242 -36.80 26.26 -3.38
C VAL G 242 -36.24 25.61 -2.11
N LEU G 243 -34.96 25.86 -1.76
CA LEU G 243 -34.38 25.29 -0.55
C LEU G 243 -35.08 25.71 0.75
N ASP G 244 -35.41 27.01 0.92
CA ASP G 244 -36.12 27.49 2.10
C ASP G 244 -37.59 27.18 1.89
N PRO G 245 -38.18 26.32 2.73
CA PRO G 245 -39.59 25.94 2.51
C PRO G 245 -40.56 27.11 2.61
N ASN G 246 -40.27 28.06 3.49
CA ASN G 246 -41.10 29.23 3.68
C ASN G 246 -41.18 30.14 2.44
N LYS G 247 -40.36 29.89 1.41
CA LYS G 247 -40.35 30.68 0.18
C LYS G 247 -40.88 29.90 -1.05
N ARG G 248 -41.62 28.80 -0.82
CA ARG G 248 -42.21 28.04 -1.93
C ARG G 248 -43.68 28.45 -2.11
N LEU G 249 -44.21 28.22 -3.33
CA LEU G 249 -45.61 28.55 -3.62
C LEU G 249 -46.55 27.64 -2.82
N SER G 250 -47.69 28.18 -2.43
CA SER G 250 -48.69 27.37 -1.75
C SER G 250 -49.44 26.53 -2.80
N MET G 251 -50.23 25.52 -2.38
CA MET G 251 -51.03 24.72 -3.32
C MET G 251 -51.99 25.61 -4.13
N GLU G 252 -52.45 26.73 -3.55
CA GLU G 252 -53.35 27.64 -4.27
C GLU G 252 -52.59 28.53 -5.25
N GLN G 253 -51.35 28.91 -4.93
CA GLN G 253 -50.52 29.72 -5.82
C GLN G 253 -50.14 28.93 -7.08
N ILE G 254 -49.93 27.62 -6.93
CA ILE G 254 -49.61 26.70 -8.01
C ILE G 254 -50.77 26.63 -9.00
N CYS G 255 -52.03 26.66 -8.50
CA CYS G 255 -53.22 26.60 -9.34
C CYS G 255 -53.37 27.90 -10.14
N LYS G 256 -53.14 29.04 -9.48
CA LYS G 256 -53.25 30.34 -10.13
C LYS G 256 -52.00 30.74 -10.93
N HIS G 257 -50.98 29.86 -11.03
CA HIS G 257 -49.75 30.16 -11.76
C HIS G 257 -50.01 30.43 -13.25
N LYS G 258 -49.22 31.33 -13.88
CA LYS G 258 -49.38 31.67 -15.30
C LYS G 258 -49.28 30.45 -16.21
N TRP G 259 -48.42 29.47 -15.86
CA TRP G 259 -48.26 28.24 -16.63
C TRP G 259 -49.48 27.33 -16.58
N MET G 260 -50.26 27.42 -15.48
CA MET G 260 -51.46 26.63 -15.29
C MET G 260 -52.61 27.15 -16.15
N LYS G 261 -52.67 28.47 -16.40
CA LYS G 261 -53.70 29.08 -17.24
C LYS G 261 -53.27 29.19 -18.71
N LEU G 262 -52.15 28.54 -19.09
CA LEU G 262 -51.58 28.63 -20.42
C LEU G 262 -52.22 27.73 -21.45
N GLY G 263 -52.88 26.66 -21.03
CA GLY G 263 -53.50 25.74 -21.98
C GLY G 263 -54.82 26.26 -22.51
N ASP G 264 -55.69 25.34 -22.93
CA ASP G 264 -57.05 25.72 -23.35
C ASP G 264 -57.90 25.77 -22.07
N ALA G 265 -59.05 26.45 -22.11
CA ALA G 265 -59.93 26.58 -20.93
C ALA G 265 -60.28 25.22 -20.29
N ASP G 266 -59.90 25.02 -19.02
CA ASP G 266 -60.16 23.76 -18.32
C ASP G 266 -61.14 23.98 -17.16
N PRO G 267 -62.46 23.87 -17.42
CA PRO G 267 -63.43 24.08 -16.33
C PRO G 267 -63.51 22.92 -15.33
N ASN G 268 -63.10 21.71 -15.74
CA ASN G 268 -63.11 20.53 -14.89
C ASN G 268 -62.11 20.68 -13.75
N PHE G 269 -60.93 21.25 -14.03
CA PHE G 269 -59.89 21.48 -13.04
C PHE G 269 -60.37 22.49 -11.99
N ASP G 270 -60.90 23.64 -12.44
CA ASP G 270 -61.37 24.68 -11.53
C ASP G 270 -62.51 24.22 -10.66
N ARG G 271 -63.39 23.36 -11.19
CA ARG G 271 -64.51 22.82 -10.42
C ARG G 271 -63.99 21.83 -9.37
N LEU G 272 -63.02 20.99 -9.74
CA LEU G 272 -62.45 20.01 -8.82
C LEU G 272 -61.70 20.64 -7.65
N ILE G 273 -60.95 21.73 -7.89
CA ILE G 273 -60.25 22.39 -6.79
C ILE G 273 -61.22 23.27 -5.96
N ALA G 274 -62.35 23.71 -6.56
CA ALA G 274 -63.36 24.48 -5.83
C ALA G 274 -64.11 23.60 -4.84
N GLU G 275 -64.28 22.29 -5.16
CA GLU G 275 -64.93 21.32 -4.28
C GLU G 275 -64.10 20.98 -3.02
N SER G 276 -62.81 21.31 -3.02
CA SER G 276 -61.93 21.09 -1.88
C SER G 276 -61.92 22.30 -0.92
N GLN G 277 -62.50 23.43 -1.32
CA GLN G 277 -62.62 24.63 -0.48
C GLN G 277 -64.00 24.75 0.21
N GLN G 278 -64.96 23.85 -0.09
CA GLN G 278 -66.28 23.92 0.54
C GLN G 278 -66.60 22.71 1.43
N PRO G 287 -76.17 12.10 -4.95
CA PRO G 287 -77.03 11.15 -4.23
C PRO G 287 -76.97 9.70 -4.76
N LEU G 288 -77.63 8.75 -4.06
CA LEU G 288 -77.67 7.34 -4.44
C LEU G 288 -78.13 7.14 -5.88
N ASN G 289 -77.25 6.57 -6.72
CA ASN G 289 -77.57 6.32 -8.13
C ASN G 289 -78.60 5.20 -8.21
N GLU G 290 -79.87 5.55 -8.51
CA GLU G 290 -80.96 4.60 -8.57
C GLU G 290 -80.85 3.61 -9.75
N ASP G 291 -80.06 3.94 -10.78
CA ASP G 291 -79.82 3.03 -11.91
C ASP G 291 -79.04 1.78 -11.47
N VAL G 292 -78.14 1.94 -10.48
CA VAL G 292 -77.33 0.88 -9.88
C VAL G 292 -78.13 0.12 -8.84
N LEU G 293 -78.95 0.83 -8.05
CA LEU G 293 -79.79 0.24 -7.00
C LEU G 293 -80.84 -0.73 -7.55
N LEU G 294 -81.30 -0.49 -8.79
CA LEU G 294 -82.27 -1.40 -9.41
C LEU G 294 -81.57 -2.65 -9.91
N ALA G 295 -80.33 -2.54 -10.41
CA ALA G 295 -79.55 -3.68 -10.85
C ALA G 295 -79.16 -4.57 -9.65
N MET G 296 -78.87 -3.95 -8.50
CA MET G 296 -78.58 -4.69 -7.27
C MET G 296 -79.81 -5.40 -6.75
N GLU G 297 -80.99 -4.74 -6.88
CA GLU G 297 -82.32 -5.26 -6.54
C GLU G 297 -82.69 -6.44 -7.43
N ASP G 298 -82.27 -6.40 -8.70
CA ASP G 298 -82.47 -7.45 -9.72
C ASP G 298 -81.72 -8.71 -9.31
N MET G 299 -80.52 -8.56 -8.72
CA MET G 299 -79.74 -9.68 -8.24
C MET G 299 -80.30 -10.21 -6.92
N GLY G 300 -80.61 -9.31 -6.01
CA GLY G 300 -81.19 -9.67 -4.72
C GLY G 300 -80.62 -8.94 -3.53
N LEU G 301 -79.70 -8.00 -3.77
CA LEU G 301 -79.07 -7.23 -2.70
C LEU G 301 -80.03 -6.16 -2.18
N ASP G 302 -80.55 -6.38 -0.94
CA ASP G 302 -81.49 -5.54 -0.21
C ASP G 302 -81.14 -4.04 -0.27
N LYS G 303 -82.14 -3.18 -0.60
CA LYS G 303 -81.91 -1.74 -0.70
C LYS G 303 -81.54 -1.10 0.64
N GLU G 304 -82.23 -1.50 1.73
CA GLU G 304 -82.01 -1.03 3.10
C GLU G 304 -80.61 -1.41 3.59
N GLN G 305 -80.11 -2.59 3.20
CA GLN G 305 -78.79 -3.06 3.57
C GLN G 305 -77.70 -2.36 2.75
N THR G 306 -77.97 -2.11 1.46
CA THR G 306 -77.04 -1.42 0.56
C THR G 306 -76.80 0.01 1.03
N LEU G 307 -77.87 0.71 1.46
CA LEU G 307 -77.70 2.08 1.92
C LEU G 307 -77.12 2.12 3.34
N GLN G 308 -77.34 1.09 4.18
CA GLN G 308 -76.75 1.08 5.53
C GLN G 308 -75.24 0.80 5.47
N SER G 309 -74.79 -0.10 4.58
CA SER G 309 -73.36 -0.38 4.36
C SER G 309 -72.64 0.83 3.72
N LEU G 310 -73.39 1.66 2.98
CA LEU G 310 -72.90 2.87 2.33
C LEU G 310 -72.66 3.99 3.36
N ARG G 311 -73.64 4.23 4.25
CA ARG G 311 -73.55 5.29 5.26
C ARG G 311 -72.61 4.95 6.43
N SER G 312 -72.49 3.67 6.80
CA SER G 312 -71.62 3.27 7.92
C SER G 312 -70.15 3.02 7.53
N ASP G 313 -69.77 3.32 6.24
CA ASP G 313 -68.43 3.10 5.68
C ASP G 313 -67.99 1.66 5.94
N ALA G 314 -68.85 0.71 5.56
CA ALA G 314 -68.59 -0.70 5.84
C ALA G 314 -67.53 -1.34 4.96
N TYR G 315 -67.50 -0.99 3.66
CA TYR G 315 -66.55 -1.54 2.68
C TYR G 315 -66.68 -3.06 2.65
N ASP G 316 -67.93 -3.51 2.55
CA ASP G 316 -68.30 -4.92 2.54
C ASP G 316 -68.81 -5.34 1.15
N HIS G 317 -69.46 -6.50 1.05
CA HIS G 317 -70.02 -7.03 -0.20
C HIS G 317 -71.05 -6.05 -0.82
N TYR G 318 -71.90 -5.46 0.00
CA TYR G 318 -72.93 -4.54 -0.46
C TYR G 318 -72.34 -3.20 -0.91
N SER G 319 -71.44 -2.64 -0.08
CA SER G 319 -70.79 -1.37 -0.35
C SER G 319 -69.92 -1.47 -1.60
N ALA G 320 -69.19 -2.58 -1.77
CA ALA G 320 -68.31 -2.79 -2.91
C ALA G 320 -69.07 -2.98 -4.22
N ILE G 321 -70.08 -3.87 -4.27
CA ILE G 321 -70.84 -4.12 -5.49
C ILE G 321 -71.46 -2.81 -6.03
N TYR G 322 -71.86 -1.90 -5.13
CA TYR G 322 -72.41 -0.60 -5.49
C TYR G 322 -71.34 0.28 -6.14
N SER G 323 -70.20 0.46 -5.46
CA SER G 323 -69.12 1.31 -5.91
C SER G 323 -68.48 0.83 -7.21
N LEU G 324 -68.29 -0.49 -7.36
CA LEU G 324 -67.72 -1.07 -8.57
C LEU G 324 -68.69 -0.91 -9.75
N LEU G 325 -69.99 -1.07 -9.49
CA LEU G 325 -71.05 -0.91 -10.49
C LEU G 325 -71.19 0.55 -10.93
N CYS G 326 -70.83 1.51 -10.06
CA CYS G 326 -70.87 2.94 -10.39
C CYS G 326 -69.66 3.29 -11.32
N ASP G 327 -69.81 2.91 -12.61
CA ASP G 327 -68.88 3.13 -13.73
C ASP G 327 -69.69 3.45 -15.01
N GLU H 1 -22.94 -15.12 -26.67
CA GLU H 1 -23.90 -14.98 -27.77
C GLU H 1 -24.86 -13.78 -27.65
N VAL H 2 -24.76 -13.01 -26.55
CA VAL H 2 -25.61 -11.84 -26.38
C VAL H 2 -25.03 -10.75 -27.28
N GLN H 3 -25.83 -10.21 -28.20
CA GLN H 3 -25.35 -9.16 -29.09
C GLN H 3 -26.32 -7.99 -29.22
N LEU H 4 -25.80 -6.81 -29.55
CA LEU H 4 -26.60 -5.59 -29.65
C LEU H 4 -26.80 -5.21 -31.11
N VAL H 5 -28.00 -5.45 -31.64
CA VAL H 5 -28.31 -5.15 -33.03
C VAL H 5 -28.81 -3.73 -33.24
N GLN H 6 -28.16 -2.97 -34.12
CA GLN H 6 -28.54 -1.58 -34.38
C GLN H 6 -29.25 -1.35 -35.69
N SER H 7 -30.02 -0.26 -35.77
CA SER H 7 -30.73 0.11 -36.99
C SER H 7 -29.73 0.61 -38.07
N GLY H 8 -30.18 0.61 -39.32
CA GLY H 8 -29.34 0.99 -40.45
C GLY H 8 -28.95 2.45 -40.56
N ALA H 9 -27.92 2.69 -41.41
CA ALA H 9 -27.35 4.00 -41.72
C ALA H 9 -28.40 4.95 -42.30
N GLY H 10 -28.44 6.17 -41.78
CA GLY H 10 -29.39 7.16 -42.24
C GLY H 10 -28.77 8.45 -42.75
N VAL H 11 -29.42 9.07 -43.74
CA VAL H 11 -29.00 10.37 -44.27
C VAL H 11 -30.10 11.34 -43.88
N LYS H 12 -29.79 12.35 -43.09
CA LYS H 12 -30.77 13.30 -42.59
C LYS H 12 -30.50 14.71 -43.07
N LYS H 13 -31.56 15.52 -43.20
CA LYS H 13 -31.43 16.92 -43.59
C LYS H 13 -31.37 17.80 -42.31
N PRO H 14 -30.84 19.05 -42.39
CA PRO H 14 -30.78 19.90 -41.19
C PRO H 14 -32.15 20.20 -40.59
N GLY H 15 -32.22 20.22 -39.26
CA GLY H 15 -33.46 20.50 -38.55
C GLY H 15 -34.35 19.29 -38.35
N SER H 16 -34.03 18.16 -39.02
CA SER H 16 -34.81 16.93 -38.90
C SER H 16 -34.36 16.12 -37.69
N SER H 17 -35.03 14.99 -37.39
CA SER H 17 -34.63 14.14 -36.28
C SER H 17 -34.29 12.72 -36.76
N VAL H 18 -33.46 12.01 -36.00
CA VAL H 18 -33.07 10.64 -36.36
C VAL H 18 -33.38 9.70 -35.20
N LYS H 19 -33.91 8.50 -35.48
CA LYS H 19 -34.21 7.53 -34.42
C LYS H 19 -33.43 6.26 -34.64
N VAL H 20 -32.55 5.92 -33.70
CA VAL H 20 -31.74 4.71 -33.80
C VAL H 20 -32.19 3.69 -32.75
N SER H 21 -32.44 2.44 -33.17
CA SER H 21 -32.84 1.36 -32.27
C SER H 21 -31.65 0.42 -31.95
N CYS H 22 -31.76 -0.27 -30.82
CA CYS H 22 -30.74 -1.16 -30.28
C CYS H 22 -31.46 -2.34 -29.65
N LYS H 23 -31.54 -3.46 -30.37
CA LYS H 23 -32.25 -4.65 -29.89
C LYS H 23 -31.28 -5.67 -29.31
N SER H 24 -31.53 -6.10 -28.06
CA SER H 24 -30.70 -7.08 -27.40
C SER H 24 -31.13 -8.52 -27.73
N SER H 25 -30.20 -9.33 -28.29
CA SER H 25 -30.49 -10.73 -28.67
C SER H 25 -29.63 -11.76 -27.93
N GLY H 26 -30.25 -12.58 -27.11
CA GLY H 26 -29.53 -13.64 -26.41
C GLY H 26 -29.66 -13.68 -24.90
N GLY H 27 -30.62 -12.96 -24.33
CA GLY H 27 -30.81 -12.96 -22.89
C GLY H 27 -31.95 -12.09 -22.37
N GLY H 30 -31.64 -10.60 -18.41
CA GLY H 30 -32.89 -9.89 -18.62
C GLY H 30 -32.71 -8.40 -18.92
N SER H 31 -32.85 -7.55 -17.86
CA SER H 31 -32.69 -6.08 -17.97
C SER H 31 -31.26 -5.68 -18.39
N SER H 32 -31.02 -4.39 -18.84
CA SER H 32 -29.70 -4.08 -19.37
C SER H 32 -28.96 -2.82 -18.91
N ALA H 33 -29.57 -1.62 -18.97
CA ALA H 33 -28.91 -0.32 -18.70
C ALA H 33 -27.99 0.08 -19.86
N VAL H 34 -28.59 0.25 -21.04
CA VAL H 34 -27.89 0.62 -22.27
C VAL H 34 -27.70 2.14 -22.36
N SER H 35 -26.54 2.58 -22.85
CA SER H 35 -26.21 3.98 -23.05
C SER H 35 -25.91 4.25 -24.52
N TRP H 36 -26.03 5.50 -24.94
CA TRP H 36 -25.76 5.94 -26.30
C TRP H 36 -24.53 6.83 -26.27
N ILE H 37 -23.50 6.42 -27.03
CA ILE H 37 -22.21 7.09 -27.15
C ILE H 37 -21.93 7.34 -28.64
N ARG H 38 -21.62 8.58 -29.07
CA ARG H 38 -21.33 8.83 -30.51
C ARG H 38 -19.83 9.09 -30.79
N GLN H 39 -19.42 8.92 -32.06
CA GLN H 39 -18.04 9.18 -32.43
C GLN H 39 -17.89 9.87 -33.78
N ALA H 40 -17.57 11.17 -33.74
CA ALA H 40 -17.38 11.97 -34.94
C ALA H 40 -16.26 11.38 -35.83
N PRO H 41 -16.36 11.54 -37.16
CA PRO H 41 -15.30 10.98 -38.03
C PRO H 41 -13.95 11.61 -37.73
N GLY H 42 -12.99 10.80 -37.28
CA GLY H 42 -11.66 11.29 -36.93
C GLY H 42 -11.54 11.83 -35.52
N GLN H 43 -12.66 11.88 -34.77
CA GLN H 43 -12.65 12.38 -33.41
C GLN H 43 -12.86 11.25 -32.39
N GLY H 44 -12.69 11.58 -31.12
CA GLY H 44 -12.86 10.60 -30.05
C GLY H 44 -14.29 10.25 -29.77
N VAL H 45 -14.50 9.40 -28.76
CA VAL H 45 -15.84 8.95 -28.41
C VAL H 45 -16.42 9.82 -27.26
N GLU H 46 -17.73 10.12 -27.31
CA GLU H 46 -18.40 10.95 -26.28
C GLU H 46 -19.76 10.38 -25.85
N TRP H 47 -19.96 10.22 -24.53
CA TRP H 47 -21.21 9.72 -23.94
C TRP H 47 -22.35 10.77 -24.02
N MET H 48 -23.47 10.38 -24.60
CA MET H 48 -24.59 11.28 -24.81
C MET H 48 -25.66 11.17 -23.71
N GLY H 49 -25.96 9.95 -23.33
CA GLY H 49 -26.97 9.66 -22.33
C GLY H 49 -27.28 8.18 -22.23
N GLY H 50 -28.03 7.79 -21.22
CA GLY H 50 -28.41 6.40 -21.00
C GLY H 50 -28.78 6.13 -19.56
N ILE H 51 -29.07 4.89 -19.24
CA ILE H 51 -29.43 4.51 -17.88
C ILE H 51 -28.18 4.54 -16.98
N THR H 52 -28.20 5.38 -15.92
CA THR H 52 -27.07 5.58 -15.00
C THR H 52 -27.37 5.37 -13.50
N SER H 53 -28.65 5.15 -13.14
CA SER H 53 -29.06 4.92 -11.76
C SER H 53 -30.47 4.37 -11.70
N ILE H 54 -30.85 3.83 -10.54
CA ILE H 54 -32.19 3.26 -10.36
C ILE H 54 -33.29 4.36 -10.21
N PHE H 55 -32.89 5.58 -9.77
CA PHE H 55 -33.74 6.72 -9.44
C PHE H 55 -34.66 7.27 -10.57
N GLY H 56 -34.08 7.65 -11.71
CA GLY H 56 -34.84 8.26 -12.80
C GLY H 56 -34.97 7.42 -14.05
N PRO H 57 -35.88 7.82 -14.96
CA PRO H 57 -36.09 7.03 -16.18
C PRO H 57 -34.90 7.00 -17.12
N ALA H 58 -34.17 8.12 -17.22
CA ALA H 58 -33.02 8.26 -18.11
C ALA H 58 -32.11 9.40 -17.65
N ASN H 59 -30.83 9.35 -18.07
CA ASN H 59 -29.91 10.40 -17.74
C ASN H 59 -29.20 10.88 -18.98
N TYR H 60 -29.10 12.20 -19.15
CA TYR H 60 -28.46 12.79 -20.32
C TYR H 60 -27.26 13.64 -19.93
N ALA H 61 -26.26 13.73 -20.82
CA ALA H 61 -25.14 14.64 -20.59
C ALA H 61 -25.69 16.05 -20.89
N GLN H 62 -25.23 17.08 -20.17
CA GLN H 62 -25.71 18.45 -20.36
C GLN H 62 -25.77 18.92 -21.83
N LYS H 63 -24.79 18.50 -22.66
CA LYS H 63 -24.70 18.86 -24.07
C LYS H 63 -25.79 18.27 -24.94
N PHE H 64 -26.39 17.15 -24.51
CA PHE H 64 -27.38 16.45 -25.32
C PHE H 64 -28.80 16.51 -24.79
N GLN H 65 -29.00 16.95 -23.54
CA GLN H 65 -30.32 17.00 -22.92
C GLN H 65 -31.39 17.70 -23.77
N ASP H 66 -31.02 18.77 -24.47
CA ASP H 66 -32.00 19.53 -25.25
C ASP H 66 -32.49 18.87 -26.53
N ARG H 67 -31.70 17.95 -27.10
CA ARG H 67 -32.09 17.34 -28.37
C ARG H 67 -32.23 15.82 -28.34
N LEU H 68 -31.75 15.16 -27.27
CA LEU H 68 -31.82 13.70 -27.11
C LEU H 68 -33.04 13.22 -26.31
N LYS H 69 -33.62 12.10 -26.74
CA LYS H 69 -34.74 11.44 -26.08
C LYS H 69 -34.41 9.97 -26.13
N ILE H 70 -34.09 9.38 -24.98
CA ILE H 70 -33.78 7.96 -24.89
C ILE H 70 -34.98 7.19 -24.33
N THR H 71 -35.50 6.25 -25.11
CA THR H 71 -36.69 5.47 -24.72
C THR H 71 -36.39 3.97 -24.74
N ALA H 72 -37.31 3.13 -24.27
CA ALA H 72 -37.10 1.69 -24.22
C ALA H 72 -38.40 0.93 -24.21
N ASP H 73 -38.51 -0.07 -25.09
CA ASP H 73 -39.65 -0.98 -25.15
C ASP H 73 -39.20 -2.26 -24.45
N LYS H 74 -39.53 -2.38 -23.15
CA LYS H 74 -39.12 -3.53 -22.35
C LYS H 74 -39.74 -4.85 -22.84
N ALA H 75 -40.90 -4.77 -23.53
CA ALA H 75 -41.60 -5.93 -24.10
C ALA H 75 -40.83 -6.59 -25.24
N THR H 76 -39.97 -5.82 -25.94
CA THR H 76 -39.20 -6.34 -27.07
C THR H 76 -37.68 -6.26 -26.88
N ASN H 77 -37.20 -5.88 -25.68
CA ASN H 77 -35.77 -5.72 -25.36
C ASN H 77 -35.10 -4.68 -26.26
N THR H 78 -35.87 -3.67 -26.73
CA THR H 78 -35.30 -2.64 -27.61
C THR H 78 -35.16 -1.30 -26.91
N VAL H 79 -34.02 -0.65 -27.11
CA VAL H 79 -33.75 0.67 -26.55
C VAL H 79 -33.62 1.62 -27.72
N TYR H 80 -34.27 2.79 -27.65
CA TYR H 80 -34.26 3.77 -28.72
C TYR H 80 -33.53 5.05 -28.34
N MET H 81 -33.03 5.74 -29.34
CA MET H 81 -32.34 7.01 -29.22
C MET H 81 -32.95 7.94 -30.24
N GLU H 82 -33.35 9.17 -29.85
CA GLU H 82 -33.84 10.14 -30.81
C GLU H 82 -33.11 11.46 -30.68
N LEU H 83 -32.45 11.93 -31.74
CA LEU H 83 -31.74 13.21 -31.71
C LEU H 83 -32.42 14.16 -32.69
N SER H 84 -33.00 15.26 -32.19
CA SER H 84 -33.70 16.22 -33.06
C SER H 84 -32.84 17.47 -33.34
N GLY H 85 -33.35 18.39 -34.16
CA GLY H 85 -32.64 19.62 -34.51
C GLY H 85 -31.22 19.40 -35.00
N LEU H 86 -31.06 18.43 -35.89
CA LEU H 86 -29.79 18.03 -36.43
C LEU H 86 -29.07 19.07 -37.30
N THR H 87 -27.74 19.00 -37.26
CA THR H 87 -26.78 19.83 -38.00
C THR H 87 -25.65 18.92 -38.48
N PHE H 88 -24.80 19.42 -39.39
CA PHE H 88 -23.66 18.66 -39.91
C PHE H 88 -22.72 18.20 -38.77
N GLU H 89 -22.71 18.90 -37.62
CA GLU H 89 -21.87 18.52 -36.50
C GLU H 89 -22.41 17.30 -35.72
N ASP H 90 -23.59 16.82 -36.09
CA ASP H 90 -24.17 15.63 -35.52
C ASP H 90 -23.88 14.38 -36.40
N THR H 91 -23.11 14.54 -37.52
CA THR H 91 -22.72 13.45 -38.43
C THR H 91 -21.71 12.65 -37.63
N ALA H 92 -22.09 11.45 -37.18
CA ALA H 92 -21.23 10.64 -36.34
C ALA H 92 -21.58 9.12 -36.43
N VAL H 93 -20.77 8.24 -35.80
CA VAL H 93 -21.09 6.81 -35.71
C VAL H 93 -21.67 6.67 -34.33
N TYR H 94 -22.97 6.42 -34.24
CA TYR H 94 -23.68 6.29 -32.97
C TYR H 94 -23.68 4.87 -32.49
N TYR H 95 -23.15 4.64 -31.27
CA TYR H 95 -23.09 3.31 -30.65
C TYR H 95 -23.99 3.15 -29.46
N CYS H 96 -24.54 1.95 -29.27
CA CYS H 96 -25.28 1.65 -28.04
C CYS H 96 -24.41 0.63 -27.26
N ALA H 97 -24.16 0.90 -25.97
CA ALA H 97 -23.29 0.06 -25.16
C ALA H 97 -23.92 -0.24 -23.81
N ARG H 98 -23.77 -1.47 -23.35
CA ARG H 98 -24.37 -1.91 -22.10
C ARG H 98 -23.43 -1.83 -20.90
N VAL H 99 -23.90 -1.28 -19.75
CA VAL H 99 -23.11 -1.20 -18.52
C VAL H 99 -23.00 -2.60 -17.96
N GLY H 100 -21.78 -3.02 -17.65
CA GLY H 100 -21.49 -4.37 -17.19
C GLY H 100 -21.90 -4.81 -15.80
N ASP H 101 -22.02 -3.88 -14.82
CA ASP H 101 -22.36 -4.28 -13.45
C ASP H 101 -23.78 -3.91 -13.02
N TYR H 102 -24.73 -3.91 -13.98
CA TYR H 102 -26.14 -3.61 -13.71
C TYR H 102 -26.76 -4.54 -12.66
N ASN H 103 -26.38 -5.82 -12.74
CA ASN H 103 -26.80 -6.89 -11.85
C ASN H 103 -26.58 -6.59 -10.35
N PHE H 104 -25.73 -5.58 -10.04
CA PHE H 104 -25.39 -5.19 -8.68
C PHE H 104 -25.98 -3.84 -8.25
N TRP H 105 -26.75 -3.17 -9.11
CA TRP H 105 -27.26 -1.84 -8.82
C TRP H 105 -28.36 -1.69 -7.77
N ASN H 106 -27.95 -1.33 -6.55
CA ASN H 106 -28.90 -0.89 -5.55
C ASN H 106 -28.64 0.67 -5.48
N GLY H 107 -28.96 1.34 -4.37
CA GLY H 107 -28.74 2.79 -4.28
C GLY H 107 -27.39 3.18 -3.70
N HIS H 108 -26.74 2.28 -2.99
CA HIS H 108 -25.47 2.58 -2.32
C HIS H 108 -24.25 2.07 -3.06
N TYR H 109 -24.43 1.11 -3.97
CA TYR H 109 -23.34 0.58 -4.76
C TYR H 109 -22.99 1.61 -5.78
N ARG H 110 -21.69 1.95 -5.88
CA ARG H 110 -21.21 2.90 -6.86
C ARG H 110 -20.78 2.10 -8.07
N SER H 111 -21.51 2.25 -9.18
CA SER H 111 -21.19 1.53 -10.41
C SER H 111 -19.89 2.04 -11.02
N GLY H 112 -19.23 1.16 -11.78
CA GLY H 112 -18.01 1.50 -12.50
C GLY H 112 -18.29 2.05 -13.90
N TYR H 113 -19.50 1.78 -14.43
CA TYR H 113 -19.99 2.23 -15.71
C TYR H 113 -19.13 1.75 -16.87
N TYR H 114 -18.62 0.52 -16.78
CA TYR H 114 -17.80 -0.06 -17.86
C TYR H 114 -18.72 -0.67 -18.91
N PHE H 115 -18.42 -0.45 -20.20
CA PHE H 115 -19.28 -0.93 -21.27
C PHE H 115 -18.89 -2.30 -21.75
N ASP H 116 -19.57 -3.27 -21.16
CA ASP H 116 -19.53 -4.71 -21.33
C ASP H 116 -19.68 -5.11 -22.81
N LEU H 117 -20.83 -4.76 -23.41
CA LEU H 117 -21.18 -5.06 -24.79
C LEU H 117 -21.26 -3.77 -25.58
N TRP H 118 -20.98 -3.85 -26.86
CA TRP H 118 -21.11 -2.70 -27.76
C TRP H 118 -21.86 -3.12 -29.03
N GLY H 119 -22.55 -2.16 -29.62
CA GLY H 119 -23.24 -2.39 -30.87
C GLY H 119 -22.30 -2.13 -32.05
N ARG H 120 -22.64 -2.63 -33.24
CA ARG H 120 -21.81 -2.46 -34.44
C ARG H 120 -21.63 -0.98 -34.84
N GLY H 121 -22.60 -0.14 -34.47
CA GLY H 121 -22.58 1.28 -34.76
C GLY H 121 -23.49 1.63 -35.92
N THR H 122 -24.15 2.79 -35.83
CA THR H 122 -25.01 3.28 -36.89
C THR H 122 -24.36 4.51 -37.53
N LEU H 123 -24.36 4.57 -38.86
CA LEU H 123 -23.80 5.73 -39.55
C LEU H 123 -24.90 6.77 -39.79
N VAL H 124 -24.81 7.91 -39.08
CA VAL H 124 -25.78 8.98 -39.21
C VAL H 124 -25.07 10.13 -39.89
N THR H 125 -25.58 10.56 -41.04
CA THR H 125 -24.95 11.66 -41.76
C THR H 125 -25.93 12.77 -42.01
N VAL H 126 -25.61 13.98 -41.53
CA VAL H 126 -26.47 15.14 -41.72
C VAL H 126 -25.93 16.03 -42.84
N SER H 127 -26.72 16.22 -43.89
CA SER H 127 -26.33 17.00 -45.05
C SER H 127 -26.06 18.45 -44.69
N SER H 128 -24.96 18.97 -45.22
CA SER H 128 -24.48 20.32 -44.91
C SER H 128 -25.40 21.38 -45.52
N VAL H 147 -12.18 15.35 -22.17
CA VAL H 147 -12.39 15.74 -20.77
C VAL H 147 -11.33 15.09 -19.82
N LEU H 148 -10.85 13.89 -20.19
CA LEU H 148 -9.79 13.20 -19.45
C LEU H 148 -8.55 13.34 -20.32
N THR H 149 -7.47 13.91 -19.80
CA THR H 149 -6.26 14.16 -20.59
C THR H 149 -5.37 12.94 -20.80
N GLN H 150 -5.25 12.52 -22.07
CA GLN H 150 -4.40 11.44 -22.55
C GLN H 150 -3.44 11.98 -23.60
N PRO H 151 -2.24 11.40 -23.73
CA PRO H 151 -1.34 11.81 -24.82
C PRO H 151 -1.96 11.39 -26.16
N PRO H 152 -1.83 12.22 -27.19
CA PRO H 152 -2.45 11.87 -28.48
C PRO H 152 -1.81 10.69 -29.20
N SER H 153 -0.54 10.40 -28.90
CA SER H 153 0.16 9.29 -29.53
C SER H 153 1.15 8.63 -28.61
N ALA H 154 1.41 7.35 -28.85
CA ALA H 154 2.40 6.58 -28.10
C ALA H 154 2.97 5.50 -29.03
N SER H 155 4.28 5.29 -28.99
CA SER H 155 4.89 4.28 -29.85
C SER H 155 5.96 3.43 -29.15
N GLY H 156 6.27 2.27 -29.74
CA GLY H 156 7.26 1.34 -29.23
C GLY H 156 7.58 0.25 -30.23
N THR H 157 8.74 -0.38 -30.10
CA THR H 157 9.13 -1.46 -31.00
C THR H 157 8.60 -2.82 -30.49
N PRO H 158 8.35 -3.82 -31.36
CA PRO H 158 7.81 -5.11 -30.87
C PRO H 158 8.65 -5.74 -29.76
N GLY H 159 8.03 -5.92 -28.61
CA GLY H 159 8.67 -6.49 -27.43
C GLY H 159 8.71 -5.54 -26.24
N GLN H 160 8.69 -4.23 -26.51
CA GLN H 160 8.75 -3.21 -25.49
C GLN H 160 7.46 -3.02 -24.68
N ARG H 161 7.50 -2.14 -23.68
CA ARG H 161 6.33 -1.84 -22.87
C ARG H 161 6.01 -0.36 -23.01
N VAL H 162 4.79 -0.03 -23.47
CA VAL H 162 4.36 1.36 -23.55
C VAL H 162 3.39 1.69 -22.43
N THR H 163 3.43 2.92 -21.91
CA THR H 163 2.51 3.31 -20.84
C THR H 163 1.73 4.56 -21.26
N ILE H 164 0.38 4.47 -21.22
CA ILE H 164 -0.51 5.56 -21.57
C ILE H 164 -1.01 6.25 -20.31
N SER H 165 -0.80 7.55 -20.22
CA SER H 165 -1.24 8.36 -19.08
C SER H 165 -2.69 8.85 -19.29
N CYS H 166 -3.42 9.05 -18.20
CA CYS H 166 -4.81 9.51 -18.26
C CYS H 166 -5.07 10.33 -17.02
N SER H 167 -5.20 11.64 -17.17
CA SER H 167 -5.44 12.51 -16.00
C SER H 167 -6.83 13.09 -15.95
N GLY H 168 -7.41 13.07 -14.77
CA GLY H 168 -8.73 13.61 -14.52
C GLY H 168 -8.72 14.54 -13.32
N SER H 169 -9.87 14.66 -12.66
CA SER H 169 -10.06 15.51 -11.50
C SER H 169 -10.68 14.70 -10.34
N SER H 170 -10.79 15.31 -9.17
CA SER H 170 -11.39 14.64 -8.02
C SER H 170 -12.86 14.27 -8.25
N SER H 171 -13.54 14.93 -9.20
CA SER H 171 -14.95 14.61 -9.48
C SER H 171 -15.13 13.36 -10.32
N ASN H 172 -14.11 12.98 -11.12
CA ASN H 172 -14.21 11.77 -11.94
C ASN H 172 -13.25 10.69 -11.47
N ILE H 173 -11.97 10.65 -11.94
CA ILE H 173 -11.01 9.62 -11.51
C ILE H 173 -10.81 9.63 -10.01
N GLY H 174 -10.66 10.81 -9.43
CA GLY H 174 -10.47 10.94 -7.98
C GLY H 174 -11.51 10.23 -7.13
N SER H 175 -12.75 10.14 -7.64
CA SER H 175 -13.84 9.52 -6.90
C SER H 175 -14.52 8.36 -7.63
N ASN H 176 -13.92 7.83 -8.69
CA ASN H 176 -14.54 6.75 -9.45
C ASN H 176 -13.52 5.78 -10.06
N THR H 177 -13.99 4.59 -10.49
CA THR H 177 -13.09 3.63 -11.12
C THR H 177 -12.79 4.05 -12.56
N VAL H 178 -11.68 3.56 -13.08
CA VAL H 178 -11.23 3.86 -14.43
C VAL H 178 -11.36 2.62 -15.30
N ASN H 179 -11.83 2.82 -16.53
CA ASN H 179 -11.96 1.78 -17.53
C ASN H 179 -11.11 2.13 -18.76
N TRP H 180 -10.68 1.12 -19.50
CA TRP H 180 -9.87 1.32 -20.69
C TRP H 180 -10.48 0.56 -21.85
N TYR H 181 -10.47 1.15 -23.04
CA TYR H 181 -11.05 0.53 -24.22
C TYR H 181 -10.04 0.48 -25.33
N GLN H 182 -10.07 -0.60 -26.10
CA GLN H 182 -9.20 -0.74 -27.25
C GLN H 182 -10.11 -0.63 -28.47
N GLN H 183 -9.84 0.32 -29.37
CA GLN H 183 -10.63 0.46 -30.59
C GLN H 183 -9.74 0.18 -31.81
N LEU H 184 -9.85 -1.04 -32.33
CA LEU H 184 -9.09 -1.45 -33.51
C LEU H 184 -9.61 -0.68 -34.71
N PRO H 185 -8.70 -0.26 -35.62
CA PRO H 185 -9.14 0.55 -36.76
C PRO H 185 -10.38 0.06 -37.51
N GLY H 186 -11.48 0.80 -37.40
CA GLY H 186 -12.70 0.43 -38.12
C GLY H 186 -13.71 -0.39 -37.35
N THR H 187 -13.41 -0.66 -36.06
CA THR H 187 -14.29 -1.43 -35.17
C THR H 187 -14.87 -0.53 -34.06
N ALA H 188 -15.88 -1.02 -33.31
CA ALA H 188 -16.40 -0.32 -32.14
C ALA H 188 -15.38 -0.51 -30.99
N PRO H 189 -15.38 0.37 -29.97
CA PRO H 189 -14.46 0.16 -28.84
C PRO H 189 -14.77 -1.13 -28.08
N LYS H 190 -13.74 -1.79 -27.54
CA LYS H 190 -13.92 -3.03 -26.80
C LYS H 190 -13.36 -2.83 -25.39
N LEU H 191 -14.09 -3.29 -24.35
CA LEU H 191 -13.62 -3.16 -22.98
C LEU H 191 -12.31 -3.95 -22.79
N LEU H 192 -11.25 -3.24 -22.38
CA LEU H 192 -9.91 -3.79 -22.20
C LEU H 192 -9.57 -3.94 -20.73
N ILE H 193 -9.92 -2.93 -19.90
CA ILE H 193 -9.67 -2.89 -18.46
C ILE H 193 -10.89 -2.27 -17.77
N TYR H 194 -11.37 -2.88 -16.69
CA TYR H 194 -12.48 -2.34 -15.93
C TYR H 194 -12.13 -2.37 -14.43
N SER H 195 -12.80 -1.54 -13.63
CA SER H 195 -12.55 -1.45 -12.18
C SER H 195 -11.06 -1.17 -11.89
N ASN H 196 -10.45 -0.25 -12.66
CA ASN H 196 -9.05 0.15 -12.53
C ASN H 196 -8.02 -0.85 -13.09
N THR H 197 -8.03 -2.12 -12.59
CA THR H 197 -7.02 -3.14 -12.88
C THR H 197 -7.54 -4.43 -13.52
N GLN H 198 -8.84 -4.68 -13.50
CA GLN H 198 -9.40 -5.94 -13.97
C GLN H 198 -9.41 -6.12 -15.47
N ARG H 199 -8.90 -7.26 -15.94
CA ARG H 199 -8.85 -7.62 -17.34
C ARG H 199 -10.02 -8.53 -17.67
N PRO H 200 -10.96 -8.13 -18.53
CA PRO H 200 -12.07 -9.04 -18.88
C PRO H 200 -11.57 -10.32 -19.58
N SER H 201 -12.39 -11.38 -19.58
CA SER H 201 -12.01 -12.66 -20.19
C SER H 201 -11.61 -12.51 -21.66
N GLY H 202 -10.40 -12.92 -21.98
CA GLY H 202 -9.89 -12.79 -23.34
C GLY H 202 -8.74 -11.80 -23.46
N VAL H 203 -8.75 -10.74 -22.62
CA VAL H 203 -7.67 -9.76 -22.59
C VAL H 203 -6.42 -10.39 -21.97
N PRO H 204 -5.29 -10.40 -22.71
CA PRO H 204 -4.09 -11.03 -22.18
C PRO H 204 -3.45 -10.26 -21.03
N ASP H 205 -2.72 -10.97 -20.17
CA ASP H 205 -2.05 -10.40 -19.02
C ASP H 205 -0.96 -9.37 -19.39
N ARG H 206 -0.69 -9.15 -20.68
CA ARG H 206 0.28 -8.15 -21.16
C ARG H 206 -0.20 -6.72 -20.86
N PHE H 207 -1.53 -6.50 -20.82
CA PHE H 207 -2.17 -5.23 -20.53
C PHE H 207 -2.46 -5.12 -19.05
N SER H 208 -1.92 -4.10 -18.38
CA SER H 208 -2.19 -3.88 -16.96
C SER H 208 -2.66 -2.45 -16.70
N GLY H 209 -3.65 -2.29 -15.84
CA GLY H 209 -4.16 -0.97 -15.50
C GLY H 209 -3.81 -0.58 -14.08
N SER H 210 -3.76 0.73 -13.81
CA SER H 210 -3.45 1.27 -12.48
C SER H 210 -4.10 2.63 -12.26
N LYS H 211 -4.23 3.06 -11.01
CA LYS H 211 -4.83 4.34 -10.66
C LYS H 211 -4.20 4.91 -9.38
N SER H 212 -3.87 6.20 -9.40
CA SER H 212 -3.30 6.90 -8.26
C SER H 212 -3.98 8.26 -8.14
N ALA H 213 -4.83 8.41 -7.12
CA ALA H 213 -5.62 9.60 -6.80
C ALA H 213 -6.42 10.13 -8.07
N THR H 214 -5.95 11.12 -8.89
CA THR H 214 -6.68 11.61 -10.06
C THR H 214 -6.04 11.22 -11.38
N SER H 215 -5.15 10.21 -11.37
CA SER H 215 -4.44 9.75 -12.56
C SER H 215 -4.63 8.25 -12.74
N ALA H 216 -4.60 7.79 -13.98
CA ALA H 216 -4.75 6.38 -14.32
C ALA H 216 -3.76 6.00 -15.42
N SER H 217 -3.27 4.75 -15.42
CA SER H 217 -2.29 4.33 -16.41
C SER H 217 -2.58 2.99 -17.04
N LEU H 218 -2.18 2.82 -18.30
CA LEU H 218 -2.36 1.56 -19.00
C LEU H 218 -0.99 1.14 -19.52
N ALA H 219 -0.50 -0.03 -19.14
CA ALA H 219 0.78 -0.52 -19.61
C ALA H 219 0.58 -1.70 -20.54
N ILE H 220 1.15 -1.63 -21.76
CA ILE H 220 1.06 -2.71 -22.73
C ILE H 220 2.45 -3.37 -22.85
N SER H 221 2.71 -4.41 -22.06
CA SER H 221 4.01 -5.09 -22.07
C SER H 221 4.11 -6.07 -23.23
N GLY H 222 5.33 -6.30 -23.71
CA GLY H 222 5.56 -7.23 -24.82
C GLY H 222 4.80 -6.83 -26.07
N LEU H 223 4.85 -5.54 -26.42
CA LEU H 223 4.17 -4.91 -27.55
C LEU H 223 4.17 -5.75 -28.81
N GLN H 224 2.98 -6.01 -29.35
CA GLN H 224 2.82 -6.80 -30.56
C GLN H 224 2.21 -5.96 -31.70
N SER H 225 2.31 -6.45 -32.94
CA SER H 225 1.79 -5.79 -34.13
C SER H 225 0.26 -5.58 -34.00
N GLU H 226 -0.44 -6.53 -33.35
CA GLU H 226 -1.90 -6.48 -33.14
C GLU H 226 -2.34 -5.42 -32.14
N ASP H 227 -1.40 -4.78 -31.41
CA ASP H 227 -1.74 -3.73 -30.45
C ASP H 227 -1.79 -2.33 -31.06
N GLU H 228 -1.71 -2.22 -32.40
CA GLU H 228 -1.80 -0.94 -33.10
C GLU H 228 -3.28 -0.59 -33.20
N ALA H 229 -3.76 0.18 -32.24
CA ALA H 229 -5.15 0.58 -32.12
C ALA H 229 -5.22 1.91 -31.32
N ASP H 230 -6.41 2.54 -31.23
CA ASP H 230 -6.61 3.76 -30.43
C ASP H 230 -7.08 3.28 -29.05
N TYR H 231 -6.52 3.83 -27.96
CA TYR H 231 -6.90 3.40 -26.62
C TYR H 231 -7.51 4.57 -25.90
N TYR H 232 -8.69 4.36 -25.27
CA TYR H 232 -9.41 5.40 -24.54
C TYR H 232 -9.55 5.05 -23.07
N CYS H 233 -9.45 6.05 -22.18
CA CYS H 233 -9.73 5.83 -20.76
C CYS H 233 -11.08 6.50 -20.45
N ALA H 234 -11.88 5.90 -19.56
CA ALA H 234 -13.19 6.42 -19.22
C ALA H 234 -13.46 6.26 -17.75
N ALA H 235 -14.03 7.29 -17.12
CA ALA H 235 -14.41 7.28 -15.72
C ALA H 235 -15.65 8.12 -15.54
N TRP H 236 -16.55 7.67 -14.66
CA TRP H 236 -17.75 8.41 -14.36
C TRP H 236 -17.40 9.70 -13.59
N ASP H 237 -18.01 10.82 -13.98
CA ASP H 237 -17.81 12.11 -13.35
C ASP H 237 -19.06 12.43 -12.51
N ASP H 238 -18.86 12.95 -11.29
CA ASP H 238 -19.96 13.27 -10.40
C ASP H 238 -20.49 14.69 -10.56
N SER H 239 -20.03 15.45 -11.56
CA SER H 239 -20.47 16.83 -11.79
C SER H 239 -21.95 16.83 -12.12
N LEU H 240 -22.75 17.58 -11.36
CA LEU H 240 -24.19 17.69 -11.56
C LEU H 240 -24.87 16.30 -11.59
N ASN H 241 -25.77 15.98 -12.55
CA ASN H 241 -26.42 14.66 -12.56
C ASN H 241 -25.49 13.50 -12.91
N GLY H 242 -24.22 13.79 -13.20
CA GLY H 242 -23.25 12.77 -13.50
C GLY H 242 -23.20 12.36 -14.96
N HIS H 243 -22.01 12.03 -15.43
CA HIS H 243 -21.77 11.61 -16.80
C HIS H 243 -20.49 10.84 -16.92
N VAL H 244 -20.41 9.91 -17.86
CA VAL H 244 -19.18 9.19 -18.09
C VAL H 244 -18.37 10.00 -19.09
N VAL H 245 -17.14 10.35 -18.71
CA VAL H 245 -16.26 11.14 -19.57
C VAL H 245 -15.16 10.27 -20.15
N PHE H 246 -14.79 10.51 -21.40
CA PHE H 246 -13.74 9.73 -22.05
C PHE H 246 -12.53 10.60 -22.30
N GLY H 247 -11.38 9.93 -22.44
CA GLY H 247 -10.16 10.60 -22.82
C GLY H 247 -10.15 10.87 -24.31
N GLY H 248 -9.26 11.73 -24.76
CA GLY H 248 -9.14 12.02 -26.18
C GLY H 248 -8.65 10.86 -27.04
N GLY H 249 -8.13 9.83 -26.40
CA GLY H 249 -7.61 8.67 -27.08
C GLY H 249 -6.12 8.79 -27.34
N THR H 250 -5.43 7.64 -27.39
CA THR H 250 -4.02 7.58 -27.69
C THR H 250 -3.78 6.58 -28.81
N LYS H 251 -3.35 7.06 -30.01
CA LYS H 251 -3.07 6.14 -31.10
C LYS H 251 -1.77 5.48 -30.80
N VAL H 252 -1.77 4.15 -30.72
CA VAL H 252 -0.58 3.39 -30.40
C VAL H 252 -0.05 2.77 -31.65
N THR H 253 1.18 3.11 -32.03
CA THR H 253 1.78 2.56 -33.22
C THR H 253 3.00 1.71 -32.87
N VAL H 254 3.20 0.60 -33.59
CA VAL H 254 4.33 -0.29 -33.33
C VAL H 254 5.39 -0.13 -34.42
N LEU H 255 6.67 -0.05 -34.05
CA LEU H 255 7.74 0.12 -35.02
C LEU H 255 8.47 -1.20 -35.27
#